data_2MIF
# 
_entry.id   2MIF 
# 
_audit_conform.dict_name       mmcif_pdbx.dic 
_audit_conform.dict_version    5.392 
_audit_conform.dict_location   http://mmcif.pdb.org/dictionaries/ascii/mmcif_pdbx.dic 
# 
loop_
_database_2.database_id 
_database_2.database_code 
_database_2.pdbx_database_accession 
_database_2.pdbx_DOI 
PDB   2MIF         pdb_00002mif 10.2210/pdb2mif/pdb 
RCSB  RCSB103651   ?            ?                   
BMRB  19677        ?            10.13018/BMR19677   
WWPDB D_1000103651 ?            ?                   
# 
loop_
_pdbx_audit_revision_history.ordinal 
_pdbx_audit_revision_history.data_content_type 
_pdbx_audit_revision_history.major_revision 
_pdbx_audit_revision_history.minor_revision 
_pdbx_audit_revision_history.revision_date 
1 'Structure model' 1 0 2014-12-24 
2 'Structure model' 1 1 2023-06-14 
3 'Structure model' 1 2 2024-05-15 
# 
_pdbx_audit_revision_details.ordinal             1 
_pdbx_audit_revision_details.revision_ordinal    1 
_pdbx_audit_revision_details.data_content_type   'Structure model' 
_pdbx_audit_revision_details.provider            repository 
_pdbx_audit_revision_details.type                'Initial release' 
_pdbx_audit_revision_details.description         ? 
_pdbx_audit_revision_details.details             ? 
# 
loop_
_pdbx_audit_revision_group.ordinal 
_pdbx_audit_revision_group.revision_ordinal 
_pdbx_audit_revision_group.data_content_type 
_pdbx_audit_revision_group.group 
1 2 'Structure model' 'Data collection'     
2 2 'Structure model' 'Database references' 
3 2 'Structure model' Other                 
4 3 'Structure model' 'Data collection'     
5 3 'Structure model' 'Database references' 
# 
loop_
_pdbx_audit_revision_category.ordinal 
_pdbx_audit_revision_category.revision_ordinal 
_pdbx_audit_revision_category.data_content_type 
_pdbx_audit_revision_category.category 
1 2 'Structure model' database_2            
2 2 'Structure model' pdbx_database_status  
3 2 'Structure model' pdbx_nmr_spectrometer 
4 3 'Structure model' chem_comp_atom        
5 3 'Structure model' chem_comp_bond        
6 3 'Structure model' database_2            
# 
loop_
_pdbx_audit_revision_item.ordinal 
_pdbx_audit_revision_item.revision_ordinal 
_pdbx_audit_revision_item.data_content_type 
_pdbx_audit_revision_item.item 
1 2 'Structure model' '_database_2.pdbx_DOI'                       
2 2 'Structure model' '_database_2.pdbx_database_accession'        
3 2 'Structure model' '_pdbx_database_status.status_code_nmr_data' 
4 2 'Structure model' '_pdbx_nmr_spectrometer.model'               
5 3 'Structure model' '_database_2.pdbx_DOI'                       
# 
_pdbx_database_status.deposit_site                    BMRB 
_pdbx_database_status.entry_id                        2MIF 
_pdbx_database_status.process_site                    RCSB 
_pdbx_database_status.recvd_initial_deposition_date   2013-12-13 
_pdbx_database_status.SG_entry                        ? 
_pdbx_database_status.status_code                     REL 
_pdbx_database_status.status_code_mr                  REL 
_pdbx_database_status.status_code_sf                  ? 
_pdbx_database_status.status_code_cs                  REL 
_pdbx_database_status.methods_development_category    ? 
_pdbx_database_status.pdb_format_compatible           Y 
_pdbx_database_status.status_code_nmr_data            REL 
# 
loop_
_pdbx_database_related.content_type 
_pdbx_database_related.db_id 
_pdbx_database_related.db_name 
_pdbx_database_related.details 
unspecified 19677 BMRB . 
unspecified 2MID  PDB  . 
unspecified 2MIE  PDB  . 
unspecified 2MIG  PDB  . 
unspecified 2MIH  PDB  . 
# 
loop_
_audit_author.name 
_audit_author.pdbx_ordinal 
'Bobay, B.G.'     1 
'DiGennaro, P.M.' 2 
'Bird, D.M.'      3 
# 
_citation.id                        primary 
_citation.title                     'Inferring function of CLE peptides from high resolution tertiary structures' 
_citation.journal_abbrev            'To be Published' 
_citation.journal_volume            ? 
_citation.page_first                ? 
_citation.page_last                 ? 
_citation.year                      ? 
_citation.journal_id_ASTM           ? 
_citation.country                   ? 
_citation.journal_id_ISSN           ? 
_citation.journal_id_CSD            0353 
_citation.book_publisher            ? 
_citation.pdbx_database_id_PubMed   ? 
_citation.pdbx_database_id_DOI      ? 
# 
loop_
_citation_author.citation_id 
_citation_author.name 
_citation_author.ordinal 
_citation_author.identifier_ORCID 
primary 'DiGennaro, P.M.' 1 ? 
primary 'Bobay, B.G.'     2 ? 
primary 'Bird, D.M.'      3 ? 
# 
_entity.id                         1 
_entity.type                       polymer 
_entity.src_method                 syn 
_entity.pdbx_description           'CLAVATA-like encoded peptide of Meloidogyne hapla - MhCLE4' 
_entity.formula_weight             1222.242 
_entity.pdbx_number_of_molecules   1 
_entity.pdbx_ec                    ? 
_entity.pdbx_mutation              ? 
_entity.pdbx_fragment              ? 
_entity.details                    ? 
# 
_entity_poly.entity_id                      1 
_entity_poly.type                           'polypeptide(L)' 
_entity_poly.nstd_linkage                   no 
_entity_poly.nstd_monomer                   no 
_entity_poly.pdbx_seq_one_letter_code       HEVPSGPNPSSN 
_entity_poly.pdbx_seq_one_letter_code_can   HEVPSGPNPSSN 
_entity_poly.pdbx_strand_id                 A 
_entity_poly.pdbx_target_identifier         ? 
# 
loop_
_entity_poly_seq.entity_id 
_entity_poly_seq.num 
_entity_poly_seq.mon_id 
_entity_poly_seq.hetero 
1 1  HIS n 
1 2  GLU n 
1 3  VAL n 
1 4  PRO n 
1 5  SER n 
1 6  GLY n 
1 7  PRO n 
1 8  ASN n 
1 9  PRO n 
1 10 SER n 
1 11 SER n 
1 12 ASN n 
# 
_pdbx_entity_src_syn.entity_id              1 
_pdbx_entity_src_syn.pdbx_src_id            1 
_pdbx_entity_src_syn.pdbx_alt_source_flag   sample 
_pdbx_entity_src_syn.pdbx_beg_seq_num       ? 
_pdbx_entity_src_syn.pdbx_end_seq_num       ? 
_pdbx_entity_src_syn.organism_scientific    'Meloidogyne hapla' 
_pdbx_entity_src_syn.organism_common_name   ? 
_pdbx_entity_src_syn.ncbi_taxonomy_id       6305 
_pdbx_entity_src_syn.details                ? 
# 
loop_
_chem_comp.id 
_chem_comp.type 
_chem_comp.mon_nstd_flag 
_chem_comp.name 
_chem_comp.pdbx_synonyms 
_chem_comp.formula 
_chem_comp.formula_weight 
ASN 'L-peptide linking' y ASPARAGINE      ? 'C4 H8 N2 O3'    132.118 
GLU 'L-peptide linking' y 'GLUTAMIC ACID' ? 'C5 H9 N O4'     147.129 
GLY 'peptide linking'   y GLYCINE         ? 'C2 H5 N O2'     75.067  
HIS 'L-peptide linking' y HISTIDINE       ? 'C6 H10 N3 O2 1' 156.162 
PRO 'L-peptide linking' y PROLINE         ? 'C5 H9 N O2'     115.130 
SER 'L-peptide linking' y SERINE          ? 'C3 H7 N O3'     105.093 
VAL 'L-peptide linking' y VALINE          ? 'C5 H11 N O2'    117.146 
# 
loop_
_pdbx_poly_seq_scheme.asym_id 
_pdbx_poly_seq_scheme.entity_id 
_pdbx_poly_seq_scheme.seq_id 
_pdbx_poly_seq_scheme.mon_id 
_pdbx_poly_seq_scheme.ndb_seq_num 
_pdbx_poly_seq_scheme.pdb_seq_num 
_pdbx_poly_seq_scheme.auth_seq_num 
_pdbx_poly_seq_scheme.pdb_mon_id 
_pdbx_poly_seq_scheme.auth_mon_id 
_pdbx_poly_seq_scheme.pdb_strand_id 
_pdbx_poly_seq_scheme.pdb_ins_code 
_pdbx_poly_seq_scheme.hetero 
A 1 1  HIS 1  1  1  HIS HIS A . n 
A 1 2  GLU 2  2  2  GLU GLU A . n 
A 1 3  VAL 3  3  3  VAL VAL A . n 
A 1 4  PRO 4  4  4  PRO PRO A . n 
A 1 5  SER 5  5  5  SER SER A . n 
A 1 6  GLY 6  6  6  GLY GLY A . n 
A 1 7  PRO 7  7  7  PRO PRO A . n 
A 1 8  ASN 8  8  8  ASN ASN A . n 
A 1 9  PRO 9  9  9  PRO PRO A . n 
A 1 10 SER 10 10 10 SER SER A . n 
A 1 11 SER 11 11 11 SER SER A . n 
A 1 12 ASN 12 12 12 ASN ASN A . n 
# 
_exptl.absorpt_coefficient_mu     ? 
_exptl.absorpt_correction_T_max   ? 
_exptl.absorpt_correction_T_min   ? 
_exptl.absorpt_correction_type    ? 
_exptl.absorpt_process_details    ? 
_exptl.crystals_number            ? 
_exptl.details                    ? 
_exptl.entry_id                   2MIF 
_exptl.method                     'SOLUTION NMR' 
_exptl.method_details             ? 
# 
_struct.entry_id                  2MIF 
_struct.title                     'Solution structure of the CLAVATA-like encoded peptide of Meloidogyne hapla - MhCLE4' 
_struct.pdbx_model_details        ? 
_struct.pdbx_CASP_flag            ? 
_struct.pdbx_model_type_details   ? 
# 
_struct_keywords.entry_id        2MIF 
_struct_keywords.pdbx_keywords   'UNKNOWN FUNCTION' 
_struct_keywords.text            'CLE, CLAVATA, UNKNOWN FUNCTION' 
# 
_struct_asym.id                            A 
_struct_asym.pdbx_blank_PDB_chainid_flag   N 
_struct_asym.pdbx_modified                 N 
_struct_asym.entity_id                     1 
_struct_asym.details                       ? 
# 
_struct_ref.id                         1 
_struct_ref.db_name                    PDB 
_struct_ref.db_code                    2MIF 
_struct_ref.pdbx_db_accession          2MIF 
_struct_ref.entity_id                  1 
_struct_ref.pdbx_align_begin           ? 
_struct_ref.pdbx_seq_one_letter_code   ? 
_struct_ref.pdbx_db_isoform            ? 
# 
_struct_ref_seq.align_id                      1 
_struct_ref_seq.ref_id                        1 
_struct_ref_seq.pdbx_PDB_id_code              2MIF 
_struct_ref_seq.pdbx_strand_id                A 
_struct_ref_seq.seq_align_beg                 1 
_struct_ref_seq.pdbx_seq_align_beg_ins_code   ? 
_struct_ref_seq.seq_align_end                 12 
_struct_ref_seq.pdbx_seq_align_end_ins_code   ? 
_struct_ref_seq.pdbx_db_accession             2MIF 
_struct_ref_seq.db_align_beg                  1 
_struct_ref_seq.pdbx_db_align_beg_ins_code    ? 
_struct_ref_seq.db_align_end                  12 
_struct_ref_seq.pdbx_db_align_end_ins_code    ? 
_struct_ref_seq.pdbx_auth_seq_align_beg       1 
_struct_ref_seq.pdbx_auth_seq_align_end       12 
# 
_pdbx_struct_assembly.id                   1 
_pdbx_struct_assembly.details              author_defined_assembly 
_pdbx_struct_assembly.method_details       ? 
_pdbx_struct_assembly.oligomeric_details   monomeric 
_pdbx_struct_assembly.oligomeric_count     1 
# 
_pdbx_struct_assembly_gen.assembly_id       1 
_pdbx_struct_assembly_gen.oper_expression   1 
_pdbx_struct_assembly_gen.asym_id_list      A 
# 
_pdbx_struct_oper_list.id                   1 
_pdbx_struct_oper_list.type                 'identity operation' 
_pdbx_struct_oper_list.name                 1_555 
_pdbx_struct_oper_list.symmetry_operation   x,y,z 
_pdbx_struct_oper_list.matrix[1][1]         1.0000000000 
_pdbx_struct_oper_list.matrix[1][2]         0.0000000000 
_pdbx_struct_oper_list.matrix[1][3]         0.0000000000 
_pdbx_struct_oper_list.vector[1]            0.0000000000 
_pdbx_struct_oper_list.matrix[2][1]         0.0000000000 
_pdbx_struct_oper_list.matrix[2][2]         1.0000000000 
_pdbx_struct_oper_list.matrix[2][3]         0.0000000000 
_pdbx_struct_oper_list.vector[2]            0.0000000000 
_pdbx_struct_oper_list.matrix[3][1]         0.0000000000 
_pdbx_struct_oper_list.matrix[3][2]         0.0000000000 
_pdbx_struct_oper_list.matrix[3][3]         1.0000000000 
_pdbx_struct_oper_list.vector[3]            0.0000000000 
# 
_struct_biol.id        1 
_struct_biol.details   ? 
# 
loop_
_pdbx_validate_torsion.id 
_pdbx_validate_torsion.PDB_model_num 
_pdbx_validate_torsion.auth_comp_id 
_pdbx_validate_torsion.auth_asym_id 
_pdbx_validate_torsion.auth_seq_id 
_pdbx_validate_torsion.PDB_ins_code 
_pdbx_validate_torsion.label_alt_id 
_pdbx_validate_torsion.phi 
_pdbx_validate_torsion.psi 
1  1  PRO A 4  ? ? -101.97 -134.81 
2  1  PRO A 7  ? ? -60.25  -80.24  
3  2  VAL A 3  ? ? 34.18   61.64   
4  2  PRO A 4  ? ? -105.99 -158.31 
5  3  PRO A 4  ? ? -103.37 -144.10 
6  3  PRO A 7  ? ? -59.43  -76.31  
7  3  PRO A 9  ? ? -63.71  60.90   
8  4  VAL A 3  ? ? 53.36   77.10   
9  4  PRO A 4  ? ? -88.14  -144.19 
10 4  PRO A 7  ? ? -55.08  -72.12  
11 4  PRO A 9  ? ? -62.46  54.33   
12 5  VAL A 3  ? ? 31.78   61.17   
13 5  PRO A 4  ? ? -99.42  -155.59 
14 5  PRO A 7  ? ? -55.72  -71.57  
15 5  PRO A 9  ? ? -71.16  48.42   
16 6  PRO A 4  ? ? -102.06 -146.02 
17 6  PRO A 7  ? ? -54.99  -73.68  
18 6  PRO A 9  ? ? -68.97  61.42   
19 7  VAL A 3  ? ? 39.51   60.67   
20 7  PRO A 4  ? ? -101.81 -146.41 
21 7  PRO A 7  ? ? -52.17  -71.35  
22 7  SER A 11 ? ? -95.73  30.89   
23 8  PRO A 4  ? ? -95.87  -143.87 
24 8  PRO A 7  ? ? -54.93  -76.46  
25 8  PRO A 9  ? ? -64.28  78.70   
26 9  PRO A 7  ? ? -53.51  -75.24  
27 9  PRO A 9  ? ? -59.81  175.52  
28 10 GLU A 2  ? ? -148.49 27.28   
29 10 VAL A 3  ? ? 36.02   64.32   
30 10 PRO A 4  ? ? -92.01  -145.89 
31 10 PRO A 7  ? ? -58.19  -78.17  
32 10 PRO A 9  ? ? -69.13  54.46   
# 
_pdbx_nmr_ensemble.average_constraint_violations_per_residue     ? 
_pdbx_nmr_ensemble.average_constraints_per_residue               ? 
_pdbx_nmr_ensemble.average_distance_constraint_violation         ? 
_pdbx_nmr_ensemble.average_torsion_angle_constraint_violation    ? 
_pdbx_nmr_ensemble.conformer_selection_criteria                  'structures with the lowest energy' 
_pdbx_nmr_ensemble.conformers_calculated_total_number            20 
_pdbx_nmr_ensemble.conformers_submitted_total_number             10 
_pdbx_nmr_ensemble.distance_constraint_violation_method          ? 
_pdbx_nmr_ensemble.entry_id                                      2MIF 
_pdbx_nmr_ensemble.maximum_distance_constraint_violation         ? 
_pdbx_nmr_ensemble.maximum_lower_distance_constraint_violation   ? 
_pdbx_nmr_ensemble.maximum_torsion_angle_constraint_violation    ? 
_pdbx_nmr_ensemble.maximum_upper_distance_constraint_violation   ? 
_pdbx_nmr_ensemble.torsion_angle_constraint_violation_method     ? 
# 
_pdbx_nmr_representative.conformer_id         1 
_pdbx_nmr_representative.entry_id             2MIF 
_pdbx_nmr_representative.selection_criteria   'lowest energy' 
# 
_pdbx_nmr_sample_details.contents         
;4 mg/mL peptide, 137 mM sodium chloride, 2.7 mM potassium chloride, 10 mM sodium phosphate, 1.8 mM potassium phosphate, 90% H2O/10% D2O
;
_pdbx_nmr_sample_details.solution_id      1 
_pdbx_nmr_sample_details.solvent_system   '90% H2O/10% D2O' 
# 
loop_
_pdbx_nmr_exptl_sample.component 
_pdbx_nmr_exptl_sample.concentration 
_pdbx_nmr_exptl_sample.concentration_range 
_pdbx_nmr_exptl_sample.concentration_units 
_pdbx_nmr_exptl_sample.isotopic_labeling 
_pdbx_nmr_exptl_sample.solution_id 
entity-1                4   ? mg/mL ? 1 
'sodium chloride-2'     137 ? mM    ? 1 
'potassium chloride-3'  2.7 ? mM    ? 1 
'sodium phosphate-4'    10  ? mM    ? 1 
'potassium phosphate-5' 1.8 ? mM    ? 1 
# 
_pdbx_nmr_exptl_sample_conditions.conditions_id       1 
_pdbx_nmr_exptl_sample_conditions.ionic_strength      140 
_pdbx_nmr_exptl_sample_conditions.pH                  7.0 
_pdbx_nmr_exptl_sample_conditions.pressure            ambient 
_pdbx_nmr_exptl_sample_conditions.pressure_units      ? 
_pdbx_nmr_exptl_sample_conditions.temperature         298 
_pdbx_nmr_exptl_sample_conditions.temperature_units   K 
# 
loop_
_pdbx_nmr_exptl.conditions_id 
_pdbx_nmr_exptl.experiment_id 
_pdbx_nmr_exptl.solution_id 
_pdbx_nmr_exptl.type 
1 1 1 '2D 1H-15N HSQC' 
1 2 1 '2D 1H-13C HSQC' 
1 3 1 '2D 1H-1H TOCSY' 
1 4 1 '2D 1H-1H NOESY' 
# 
_pdbx_nmr_refine.entry_id           2MIF 
_pdbx_nmr_refine.method             'simulated annealing' 
_pdbx_nmr_refine.details            ? 
_pdbx_nmr_refine.software_ordinal   1 
# 
loop_
_pdbx_nmr_software.authors 
_pdbx_nmr_software.classification 
_pdbx_nmr_software.name 
_pdbx_nmr_software.version 
_pdbx_nmr_software.ordinal 
;Linge, O'Donoghue and Nilges
;
refinement                  ARIA    ? 1 
;Linge, O'Donoghue and Nilges
;
'structure solution'        ARIA    ? 2 
'Delaglio, Grzesiek, Vuister, Zhu, Pfeifer and Bax' processing                  NMRPipe ? 3 
'Johnson, One Moon Scientific'                      'chemical shift assignment' NMRView ? 4 
'Johnson, One Moon Scientific'                      'data analysis'             NMRView ? 5 
'Johnson, One Moon Scientific'                      'peak picking'              NMRView ? 6 
# 
loop_
_chem_comp_atom.comp_id 
_chem_comp_atom.atom_id 
_chem_comp_atom.type_symbol 
_chem_comp_atom.pdbx_aromatic_flag 
_chem_comp_atom.pdbx_stereo_config 
_chem_comp_atom.pdbx_ordinal 
ASN N    N N N 1   
ASN CA   C N S 2   
ASN C    C N N 3   
ASN O    O N N 4   
ASN CB   C N N 5   
ASN CG   C N N 6   
ASN OD1  O N N 7   
ASN ND2  N N N 8   
ASN OXT  O N N 9   
ASN H    H N N 10  
ASN H2   H N N 11  
ASN HA   H N N 12  
ASN HB2  H N N 13  
ASN HB3  H N N 14  
ASN HD21 H N N 15  
ASN HD22 H N N 16  
ASN HXT  H N N 17  
GLU N    N N N 18  
GLU CA   C N S 19  
GLU C    C N N 20  
GLU O    O N N 21  
GLU CB   C N N 22  
GLU CG   C N N 23  
GLU CD   C N N 24  
GLU OE1  O N N 25  
GLU OE2  O N N 26  
GLU OXT  O N N 27  
GLU H    H N N 28  
GLU H2   H N N 29  
GLU HA   H N N 30  
GLU HB2  H N N 31  
GLU HB3  H N N 32  
GLU HG2  H N N 33  
GLU HG3  H N N 34  
GLU HE2  H N N 35  
GLU HXT  H N N 36  
GLY N    N N N 37  
GLY CA   C N N 38  
GLY C    C N N 39  
GLY O    O N N 40  
GLY OXT  O N N 41  
GLY H    H N N 42  
GLY H2   H N N 43  
GLY HA2  H N N 44  
GLY HA3  H N N 45  
GLY HXT  H N N 46  
HIS N    N N N 47  
HIS CA   C N S 48  
HIS C    C N N 49  
HIS O    O N N 50  
HIS CB   C N N 51  
HIS CG   C Y N 52  
HIS ND1  N Y N 53  
HIS CD2  C Y N 54  
HIS CE1  C Y N 55  
HIS NE2  N Y N 56  
HIS OXT  O N N 57  
HIS H    H N N 58  
HIS H2   H N N 59  
HIS HA   H N N 60  
HIS HB2  H N N 61  
HIS HB3  H N N 62  
HIS HD1  H N N 63  
HIS HD2  H N N 64  
HIS HE1  H N N 65  
HIS HE2  H N N 66  
HIS HXT  H N N 67  
PRO N    N N N 68  
PRO CA   C N S 69  
PRO C    C N N 70  
PRO O    O N N 71  
PRO CB   C N N 72  
PRO CG   C N N 73  
PRO CD   C N N 74  
PRO OXT  O N N 75  
PRO H    H N N 76  
PRO HA   H N N 77  
PRO HB2  H N N 78  
PRO HB3  H N N 79  
PRO HG2  H N N 80  
PRO HG3  H N N 81  
PRO HD2  H N N 82  
PRO HD3  H N N 83  
PRO HXT  H N N 84  
SER N    N N N 85  
SER CA   C N S 86  
SER C    C N N 87  
SER O    O N N 88  
SER CB   C N N 89  
SER OG   O N N 90  
SER OXT  O N N 91  
SER H    H N N 92  
SER H2   H N N 93  
SER HA   H N N 94  
SER HB2  H N N 95  
SER HB3  H N N 96  
SER HG   H N N 97  
SER HXT  H N N 98  
VAL N    N N N 99  
VAL CA   C N S 100 
VAL C    C N N 101 
VAL O    O N N 102 
VAL CB   C N N 103 
VAL CG1  C N N 104 
VAL CG2  C N N 105 
VAL OXT  O N N 106 
VAL H    H N N 107 
VAL H2   H N N 108 
VAL HA   H N N 109 
VAL HB   H N N 110 
VAL HG11 H N N 111 
VAL HG12 H N N 112 
VAL HG13 H N N 113 
VAL HG21 H N N 114 
VAL HG22 H N N 115 
VAL HG23 H N N 116 
VAL HXT  H N N 117 
# 
loop_
_chem_comp_bond.comp_id 
_chem_comp_bond.atom_id_1 
_chem_comp_bond.atom_id_2 
_chem_comp_bond.value_order 
_chem_comp_bond.pdbx_aromatic_flag 
_chem_comp_bond.pdbx_stereo_config 
_chem_comp_bond.pdbx_ordinal 
ASN N   CA   sing N N 1   
ASN N   H    sing N N 2   
ASN N   H2   sing N N 3   
ASN CA  C    sing N N 4   
ASN CA  CB   sing N N 5   
ASN CA  HA   sing N N 6   
ASN C   O    doub N N 7   
ASN C   OXT  sing N N 8   
ASN CB  CG   sing N N 9   
ASN CB  HB2  sing N N 10  
ASN CB  HB3  sing N N 11  
ASN CG  OD1  doub N N 12  
ASN CG  ND2  sing N N 13  
ASN ND2 HD21 sing N N 14  
ASN ND2 HD22 sing N N 15  
ASN OXT HXT  sing N N 16  
GLU N   CA   sing N N 17  
GLU N   H    sing N N 18  
GLU N   H2   sing N N 19  
GLU CA  C    sing N N 20  
GLU CA  CB   sing N N 21  
GLU CA  HA   sing N N 22  
GLU C   O    doub N N 23  
GLU C   OXT  sing N N 24  
GLU CB  CG   sing N N 25  
GLU CB  HB2  sing N N 26  
GLU CB  HB3  sing N N 27  
GLU CG  CD   sing N N 28  
GLU CG  HG2  sing N N 29  
GLU CG  HG3  sing N N 30  
GLU CD  OE1  doub N N 31  
GLU CD  OE2  sing N N 32  
GLU OE2 HE2  sing N N 33  
GLU OXT HXT  sing N N 34  
GLY N   CA   sing N N 35  
GLY N   H    sing N N 36  
GLY N   H2   sing N N 37  
GLY CA  C    sing N N 38  
GLY CA  HA2  sing N N 39  
GLY CA  HA3  sing N N 40  
GLY C   O    doub N N 41  
GLY C   OXT  sing N N 42  
GLY OXT HXT  sing N N 43  
HIS N   CA   sing N N 44  
HIS N   H    sing N N 45  
HIS N   H2   sing N N 46  
HIS CA  C    sing N N 47  
HIS CA  CB   sing N N 48  
HIS CA  HA   sing N N 49  
HIS C   O    doub N N 50  
HIS C   OXT  sing N N 51  
HIS CB  CG   sing N N 52  
HIS CB  HB2  sing N N 53  
HIS CB  HB3  sing N N 54  
HIS CG  ND1  sing Y N 55  
HIS CG  CD2  doub Y N 56  
HIS ND1 CE1  doub Y N 57  
HIS ND1 HD1  sing N N 58  
HIS CD2 NE2  sing Y N 59  
HIS CD2 HD2  sing N N 60  
HIS CE1 NE2  sing Y N 61  
HIS CE1 HE1  sing N N 62  
HIS NE2 HE2  sing N N 63  
HIS OXT HXT  sing N N 64  
PRO N   CA   sing N N 65  
PRO N   CD   sing N N 66  
PRO N   H    sing N N 67  
PRO CA  C    sing N N 68  
PRO CA  CB   sing N N 69  
PRO CA  HA   sing N N 70  
PRO C   O    doub N N 71  
PRO C   OXT  sing N N 72  
PRO CB  CG   sing N N 73  
PRO CB  HB2  sing N N 74  
PRO CB  HB3  sing N N 75  
PRO CG  CD   sing N N 76  
PRO CG  HG2  sing N N 77  
PRO CG  HG3  sing N N 78  
PRO CD  HD2  sing N N 79  
PRO CD  HD3  sing N N 80  
PRO OXT HXT  sing N N 81  
SER N   CA   sing N N 82  
SER N   H    sing N N 83  
SER N   H2   sing N N 84  
SER CA  C    sing N N 85  
SER CA  CB   sing N N 86  
SER CA  HA   sing N N 87  
SER C   O    doub N N 88  
SER C   OXT  sing N N 89  
SER CB  OG   sing N N 90  
SER CB  HB2  sing N N 91  
SER CB  HB3  sing N N 92  
SER OG  HG   sing N N 93  
SER OXT HXT  sing N N 94  
VAL N   CA   sing N N 95  
VAL N   H    sing N N 96  
VAL N   H2   sing N N 97  
VAL CA  C    sing N N 98  
VAL CA  CB   sing N N 99  
VAL CA  HA   sing N N 100 
VAL C   O    doub N N 101 
VAL C   OXT  sing N N 102 
VAL CB  CG1  sing N N 103 
VAL CB  CG2  sing N N 104 
VAL CB  HB   sing N N 105 
VAL CG1 HG11 sing N N 106 
VAL CG1 HG12 sing N N 107 
VAL CG1 HG13 sing N N 108 
VAL CG2 HG21 sing N N 109 
VAL CG2 HG22 sing N N 110 
VAL CG2 HG23 sing N N 111 
VAL OXT HXT  sing N N 112 
# 
_pdbx_nmr_spectrometer.field_strength    700 
_pdbx_nmr_spectrometer.manufacturer      Bruker 
_pdbx_nmr_spectrometer.model             AVANCE 
_pdbx_nmr_spectrometer.spectrometer_id   1 
_pdbx_nmr_spectrometer.type              'Bruker Avance' 
# 
_atom_sites.entry_id                    2MIF 
_atom_sites.fract_transf_matrix[1][1]   1.000000 
_atom_sites.fract_transf_matrix[1][2]   0.000000 
_atom_sites.fract_transf_matrix[1][3]   0.000000 
_atom_sites.fract_transf_matrix[2][1]   0.000000 
_atom_sites.fract_transf_matrix[2][2]   1.000000 
_atom_sites.fract_transf_matrix[2][3]   0.000000 
_atom_sites.fract_transf_matrix[3][1]   0.000000 
_atom_sites.fract_transf_matrix[3][2]   0.000000 
_atom_sites.fract_transf_matrix[3][3]   1.000000 
_atom_sites.fract_transf_vector[1]      0.00000 
_atom_sites.fract_transf_vector[2]      0.00000 
_atom_sites.fract_transf_vector[3]      0.00000 
# 
loop_
_atom_type.symbol 
C 
H 
N 
O 
# 
loop_
_atom_site.group_PDB 
_atom_site.id 
_atom_site.type_symbol 
_atom_site.label_atom_id 
_atom_site.label_alt_id 
_atom_site.label_comp_id 
_atom_site.label_asym_id 
_atom_site.label_entity_id 
_atom_site.label_seq_id 
_atom_site.pdbx_PDB_ins_code 
_atom_site.Cartn_x 
_atom_site.Cartn_y 
_atom_site.Cartn_z 
_atom_site.occupancy 
_atom_site.B_iso_or_equiv 
_atom_site.pdbx_formal_charge 
_atom_site.auth_seq_id 
_atom_site.auth_comp_id 
_atom_site.auth_asym_id 
_atom_site.auth_atom_id 
_atom_site.pdbx_PDB_model_num 
ATOM 1    N N    . HIS A 1 1  ? 3.229  -6.089 -2.763 1.00 2.27 ? 1  HIS A N    1  
ATOM 2    C CA   . HIS A 1 1  ? 4.602  -6.270 -2.230 1.00 2.26 ? 1  HIS A CA   1  
ATOM 3    C C    . HIS A 1 1  ? 4.646  -5.805 -0.781 1.00 1.76 ? 1  HIS A C    1  
ATOM 4    O O    . HIS A 1 1  ? 4.903  -6.595 0.125  1.00 2.08 ? 1  HIS A O    1  
ATOM 5    C CB   . HIS A 1 1  ? 5.616  -5.480 -3.069 1.00 2.81 ? 1  HIS A CB   1  
ATOM 6    C CG   . HIS A 1 1  ? 7.051  -5.785 -2.748 1.00 3.60 ? 1  HIS A CG   1  
ATOM 7    N ND1  . HIS A 1 1  ? 7.860  -4.941 -2.018 1.00 4.28 ? 1  HIS A ND1  1  
ATOM 8    C CD2  . HIS A 1 1  ? 7.828  -6.844 -3.083 1.00 4.28 ? 1  HIS A CD2  1  
ATOM 9    C CE1  . HIS A 1 1  ? 9.065  -5.463 -1.920 1.00 5.11 ? 1  HIS A CE1  1  
ATOM 10   N NE2  . HIS A 1 1  ? 9.074  -6.617 -2.555 1.00 5.12 ? 1  HIS A NE2  1  
ATOM 11   H H1   . HIS A 1 1  ? 3.173  -6.437 -3.741 1.00 2.72 ? 1  HIS A H1   1  
ATOM 12   H H2   . HIS A 1 1  ? 2.966  -5.085 -2.749 1.00 2.51 ? 1  HIS A H2   1  
ATOM 13   H H3   . HIS A 1 1  ? 2.546  -6.616 -2.182 1.00 2.10 ? 1  HIS A H3   1  
ATOM 14   H HA   . HIS A 1 1  ? 4.847  -7.320 -2.267 1.00 2.60 ? 1  HIS A HA   1  
ATOM 15   H HB2  . HIS A 1 1  ? 5.457  -5.701 -4.113 1.00 3.14 ? 1  HIS A HB2  1  
ATOM 16   H HB3  . HIS A 1 1  ? 5.459  -4.424 -2.906 1.00 2.88 ? 1  HIS A HB3  1  
ATOM 17   H HD1  . HIS A 1 1  ? 7.585  -4.072 -1.621 1.00 4.42 ? 1  HIS A HD1  1  
ATOM 18   H HD2  . HIS A 1 1  ? 7.524  -7.705 -3.661 1.00 4.46 ? 1  HIS A HD2  1  
ATOM 19   H HE1  . HIS A 1 1  ? 9.903  -5.020 -1.408 1.00 5.89 ? 1  HIS A HE1  1  
ATOM 20   H HE2  . HIS A 1 1  ? 9.795  -7.284 -2.494 1.00 5.79 ? 1  HIS A HE2  1  
ATOM 21   N N    . GLU A 1 2  ? 4.385  -4.523 -0.576 1.00 1.24 ? 2  GLU A N    1  
ATOM 22   C CA   . GLU A 1 2  ? 4.261  -3.965 0.749  1.00 0.93 ? 2  GLU A CA   1  
ATOM 23   C C    . GLU A 1 2  ? 2.850  -4.206 1.264  1.00 1.04 ? 2  GLU A C    1  
ATOM 24   O O    . GLU A 1 2  ? 2.096  -4.969 0.658  1.00 2.06 ? 2  GLU A O    1  
ATOM 25   C CB   . GLU A 1 2  ? 4.572  -2.476 0.671  1.00 0.96 ? 2  GLU A CB   1  
ATOM 26   C CG   . GLU A 1 2  ? 5.985  -2.133 1.102  1.00 1.86 ? 2  GLU A CG   1  
ATOM 27   C CD   . GLU A 1 2  ? 7.021  -2.952 0.371  1.00 2.49 ? 2  GLU A CD   1  
ATOM 28   O OE1  . GLU A 1 2  ? 7.213  -2.725 -0.841 1.00 2.96 ? 2  GLU A OE1  1  
ATOM 29   O OE2  . GLU A 1 2  ? 7.642  -3.832 1.001  1.00 2.85 ? 2  GLU A OE2  1  
ATOM 30   H H    . GLU A 1 2  ? 4.265  -3.924 -1.340 1.00 1.39 ? 2  GLU A H    1  
ATOM 31   H HA   . GLU A 1 2  ? 4.971  -4.450 1.398  1.00 1.15 ? 2  GLU A HA   1  
ATOM 32   H HB2  . GLU A 1 2  ? 4.445  -2.152 -0.351 1.00 1.29 ? 2  GLU A HB2  1  
ATOM 33   H HB3  . GLU A 1 2  ? 3.881  -1.943 1.289  1.00 0.85 ? 2  GLU A HB3  1  
ATOM 34   H HG2  . GLU A 1 2  ? 6.167  -1.087 0.901  1.00 2.20 ? 2  GLU A HG2  1  
ATOM 35   H HG3  . GLU A 1 2  ? 6.080  -2.318 2.161  1.00 2.30 ? 2  GLU A HG3  1  
ATOM 36   N N    . VAL A 1 3  ? 2.485  -3.576 2.368  1.00 0.41 ? 3  VAL A N    1  
ATOM 37   C CA   . VAL A 1 3  ? 1.147  -3.755 2.910  1.00 0.51 ? 3  VAL A CA   1  
ATOM 38   C C    . VAL A 1 3  ? 0.381  -2.422 2.948  1.00 0.36 ? 3  VAL A C    1  
ATOM 39   O O    . VAL A 1 3  ? 0.302  -1.739 3.974  1.00 0.47 ? 3  VAL A O    1  
ATOM 40   C CB   . VAL A 1 3  ? 1.183  -4.447 4.299  1.00 0.84 ? 3  VAL A CB   1  
ATOM 41   C CG1  . VAL A 1 3  ? 1.999  -3.657 5.316  1.00 1.85 ? 3  VAL A CG1  1  
ATOM 42   C CG2  . VAL A 1 3  ? -0.227 -4.705 4.806  1.00 1.56 ? 3  VAL A CG2  1  
ATOM 43   H H    . VAL A 1 3  ? 3.118  -2.978 2.821  1.00 0.95 ? 3  VAL A H    1  
ATOM 44   H HA   . VAL A 1 3  ? 0.622  -4.414 2.233  1.00 0.70 ? 3  VAL A HA   1  
ATOM 45   H HB   . VAL A 1 3  ? 1.663  -5.407 4.174  1.00 1.10 ? 3  VAL A HB   1  
ATOM 46   H HG11 . VAL A 1 3  ? 1.553  -2.684 5.456  1.00 2.26 ? 3  VAL A HG11 1  
ATOM 47   H HG12 . VAL A 1 3  ? 3.009  -3.540 4.953  1.00 2.51 ? 3  VAL A HG12 1  
ATOM 48   H HG13 . VAL A 1 3  ? 2.012  -4.186 6.258  1.00 2.27 ? 3  VAL A HG13 1  
ATOM 49   H HG21 . VAL A 1 3  ? -0.181 -5.182 5.773  1.00 1.99 ? 3  VAL A HG21 1  
ATOM 50   H HG22 . VAL A 1 3  ? -0.745 -5.350 4.111  1.00 2.02 ? 3  VAL A HG22 1  
ATOM 51   H HG23 . VAL A 1 3  ? -0.757 -3.768 4.890  1.00 2.17 ? 3  VAL A HG23 1  
ATOM 52   N N    . PRO A 1 4  ? -0.163 -2.021 1.788  1.00 0.22 ? 4  PRO A N    1  
ATOM 53   C CA   . PRO A 1 4  ? -0.956 -0.817 1.631  1.00 0.10 ? 4  PRO A CA   1  
ATOM 54   C C    . PRO A 1 4  ? -2.452 -1.125 1.574  1.00 0.12 ? 4  PRO A C    1  
ATOM 55   O O    . PRO A 1 4  ? -2.959 -1.917 2.366  1.00 0.23 ? 4  PRO A O    1  
ATOM 56   C CB   . PRO A 1 4  ? -0.451 -0.328 0.279  1.00 0.29 ? 4  PRO A CB   1  
ATOM 57   C CG   . PRO A 1 4  ? -0.176 -1.579 -0.504 1.00 0.42 ? 4  PRO A CG   1  
ATOM 58   C CD   . PRO A 1 4  ? -0.026 -2.703 0.495  1.00 0.43 ? 4  PRO A CD   1  
ATOM 59   H HA   . PRO A 1 4  ? -0.749 -0.083 2.396  1.00 0.19 ? 4  PRO A HA   1  
ATOM 60   H HB2  . PRO A 1 4  ? -1.203 0.279  -0.197 1.00 0.36 ? 4  PRO A HB2  1  
ATOM 61   H HB3  . PRO A 1 4  ? 0.448  0.250  0.413  1.00 0.36 ? 4  PRO A HB3  1  
ATOM 62   H HG2  . PRO A 1 4  ? -1.004 -1.782 -1.167 1.00 0.48 ? 4  PRO A HG2  1  
ATOM 63   H HG3  . PRO A 1 4  ? 0.735  -1.461 -1.073 1.00 0.55 ? 4  PRO A HG3  1  
ATOM 64   H HD2  . PRO A 1 4  ? -0.806 -3.435 0.360  1.00 0.56 ? 4  PRO A HD2  1  
ATOM 65   H HD3  . PRO A 1 4  ? 0.947  -3.163 0.403  1.00 0.56 ? 4  PRO A HD3  1  
ATOM 66   N N    . SER A 1 5  ? -3.157 -0.508 0.630  1.00 0.13 ? 5  SER A N    1  
ATOM 67   C CA   . SER A 1 5  ? -4.550 -0.838 0.392  1.00 0.18 ? 5  SER A CA   1  
ATOM 68   C C    . SER A 1 5  ? -4.645 -1.721 -0.845 1.00 0.18 ? 5  SER A C    1  
ATOM 69   O O    . SER A 1 5  ? -5.662 -1.741 -1.543 1.00 0.47 ? 5  SER A O    1  
ATOM 70   C CB   . SER A 1 5  ? -5.372 0.438  0.199  1.00 0.37 ? 5  SER A CB   1  
ATOM 71   O OG   . SER A 1 5  ? -5.074 1.391  1.206  1.00 1.59 ? 5  SER A OG   1  
ATOM 72   H H    . SER A 1 5  ? -2.732 0.179  0.070  1.00 0.18 ? 5  SER A H    1  
ATOM 73   H HA   . SER A 1 5  ? -4.920 -1.381 1.247  1.00 0.28 ? 5  SER A HA   1  
ATOM 74   H HB2  . SER A 1 5  ? -5.148 0.867  -0.765 1.00 0.91 ? 5  SER A HB2  1  
ATOM 75   H HB3  . SER A 1 5  ? -6.421 0.195  0.250  1.00 1.05 ? 5  SER A HB3  1  
ATOM 76   H HG   . SER A 1 5  ? -4.746 0.931  1.989  1.00 2.01 ? 5  SER A HG   1  
ATOM 77   N N    . GLY A 1 6  ? -3.569 -2.445 -1.113 1.00 0.16 ? 6  GLY A N    1  
ATOM 78   C CA   . GLY A 1 6  ? -3.493 -3.270 -2.299 1.00 0.19 ? 6  GLY A CA   1  
ATOM 79   C C    . GLY A 1 6  ? -2.257 -2.976 -3.130 1.00 0.17 ? 6  GLY A C    1  
ATOM 80   O O    . GLY A 1 6  ? -1.264 -3.698 -3.040 1.00 0.25 ? 6  GLY A O    1  
ATOM 81   H H    . GLY A 1 6  ? -2.819 -2.436 -0.484 1.00 0.35 ? 6  GLY A H    1  
ATOM 82   H HA2  . GLY A 1 6  ? -3.477 -4.307 -2.001 1.00 0.32 ? 6  GLY A HA2  1  
ATOM 83   H HA3  . GLY A 1 6  ? -4.369 -3.094 -2.904 1.00 0.24 ? 6  GLY A HA3  1  
ATOM 84   N N    . PRO A 1 7  ? -2.290 -1.905 -3.941 1.00 0.14 ? 7  PRO A N    1  
ATOM 85   C CA   . PRO A 1 7  ? -1.193 -1.545 -4.855 1.00 0.21 ? 7  PRO A CA   1  
ATOM 86   C C    . PRO A 1 7  ? 0.142  -1.264 -4.155 1.00 0.24 ? 7  PRO A C    1  
ATOM 87   O O    . PRO A 1 7  ? 1.021  -2.125 -4.108 1.00 0.42 ? 7  PRO A O    1  
ATOM 88   C CB   . PRO A 1 7  ? -1.704 -0.274 -5.547 1.00 0.26 ? 7  PRO A CB   1  
ATOM 89   C CG   . PRO A 1 7  ? -2.777 0.246  -4.650 1.00 0.22 ? 7  PRO A CG   1  
ATOM 90   C CD   . PRO A 1 7  ? -3.418 -0.965 -4.050 1.00 0.15 ? 7  PRO A CD   1  
ATOM 91   H HA   . PRO A 1 7  ? -1.042 -2.314 -5.596 1.00 0.27 ? 7  PRO A HA   1  
ATOM 92   H HB2  . PRO A 1 7  ? -0.895 0.434  -5.648 1.00 0.31 ? 7  PRO A HB2  1  
ATOM 93   H HB3  . PRO A 1 7  ? -2.095 -0.526 -6.522 1.00 0.34 ? 7  PRO A HB3  1  
ATOM 94   H HG2  . PRO A 1 7  ? -2.343 0.858  -3.870 1.00 0.20 ? 7  PRO A HG2  1  
ATOM 95   H HG3  . PRO A 1 7  ? -3.498 0.811  -5.221 1.00 0.29 ? 7  PRO A HG3  1  
ATOM 96   H HD2  . PRO A 1 7  ? -3.828 -0.735 -3.077 1.00 0.12 ? 7  PRO A HD2  1  
ATOM 97   H HD3  . PRO A 1 7  ? -4.183 -1.354 -4.705 1.00 0.20 ? 7  PRO A HD3  1  
ATOM 98   N N    . ASN A 1 8  ? 0.288  -0.061 -3.606 1.00 0.16 ? 8  ASN A N    1  
ATOM 99   C CA   . ASN A 1 8  ? 1.560  0.382  -3.033 1.00 0.24 ? 8  ASN A CA   1  
ATOM 100  C C    . ASN A 1 8  ? 1.315  1.337  -1.871 1.00 0.13 ? 8  ASN A C    1  
ATOM 101  O O    . ASN A 1 8  ? 0.291  2.021  -1.833 1.00 0.24 ? 8  ASN A O    1  
ATOM 102  C CB   . ASN A 1 8  ? 2.426  1.057  -4.107 1.00 0.52 ? 8  ASN A CB   1  
ATOM 103  C CG   . ASN A 1 8  ? 1.680  2.123  -4.887 1.00 1.15 ? 8  ASN A CG   1  
ATOM 104  O OD1  . ASN A 1 8  ? 1.627  3.285  -4.486 1.00 2.04 ? 8  ASN A OD1  1  
ATOM 105  N ND2  . ASN A 1 8  ? 1.120  1.737  -6.022 1.00 1.87 ? 8  ASN A ND2  1  
ATOM 106  H H    . ASN A 1 8  ? -0.482 0.543  -3.572 1.00 0.17 ? 8  ASN A H    1  
ATOM 107  H HA   . ASN A 1 8  ? 2.076  -0.491 -2.661 1.00 0.37 ? 8  ASN A HA   1  
ATOM 108  H HB2  . ASN A 1 8  ? 3.278  1.523  -3.632 1.00 1.25 ? 8  ASN A HB2  1  
ATOM 109  H HB3  . ASN A 1 8  ? 2.774  0.307  -4.800 1.00 1.30 ? 8  ASN A HB3  1  
ATOM 110  H HD21 . ASN A 1 8  ? 1.224  0.800  -6.296 1.00 2.14 ? 8  ASN A HD21 1  
ATOM 111  H HD22 . ASN A 1 8  ? 0.613  2.400  -6.541 1.00 2.56 ? 8  ASN A HD22 1  
ATOM 112  N N    . PRO A 1 9  ? 2.245  1.381  -0.897 1.00 0.18 ? 9  PRO A N    1  
ATOM 113  C CA   . PRO A 1 9  ? 2.072  2.150  0.345  1.00 0.28 ? 9  PRO A CA   1  
ATOM 114  C C    . PRO A 1 9  ? 2.199  3.660  0.161  1.00 0.34 ? 9  PRO A C    1  
ATOM 115  O O    . PRO A 1 9  ? 2.949  4.326  0.872  1.00 0.82 ? 9  PRO A O    1  
ATOM 116  C CB   . PRO A 1 9  ? 3.185  1.622  1.252  1.00 0.37 ? 9  PRO A CB   1  
ATOM 117  C CG   . PRO A 1 9  ? 4.239  1.121  0.327  1.00 0.39 ? 9  PRO A CG   1  
ATOM 118  C CD   . PRO A 1 9  ? 3.538  0.669  -0.925 1.00 0.32 ? 9  PRO A CD   1  
ATOM 119  H HA   . PRO A 1 9  ? 1.118  1.939  0.801  1.00 0.36 ? 9  PRO A HA   1  
ATOM 120  H HB2  . PRO A 1 9  ? 3.553  2.425  1.873  1.00 0.44 ? 9  PRO A HB2  1  
ATOM 121  H HB3  . PRO A 1 9  ? 2.798  0.828  1.875  1.00 0.45 ? 9  PRO A HB3  1  
ATOM 122  H HG2  . PRO A 1 9  ? 4.936  1.914  0.100  1.00 0.42 ? 9  PRO A HG2  1  
ATOM 123  H HG3  . PRO A 1 9  ? 4.755  0.288  0.785  1.00 0.51 ? 9  PRO A HG3  1  
ATOM 124  H HD2  . PRO A 1 9  ? 4.109  0.950  -1.797 1.00 0.40 ? 9  PRO A HD2  1  
ATOM 125  H HD3  . PRO A 1 9  ? 3.386  -0.400 -0.905 1.00 0.43 ? 9  PRO A HD3  1  
ATOM 126  N N    . SER A 1 10 ? 1.455  4.193  -0.791 1.00 0.94 ? 10 SER A N    1  
ATOM 127  C CA   . SER A 1 10 ? 1.350  5.630  -0.963 1.00 1.08 ? 10 SER A CA   1  
ATOM 128  C C    . SER A 1 10 ? 0.089  6.123  -0.262 1.00 0.74 ? 10 SER A C    1  
ATOM 129  O O    . SER A 1 10 ? -0.108 7.321  -0.062 1.00 0.85 ? 10 SER A O    1  
ATOM 130  C CB   . SER A 1 10 ? 1.317  5.983  -2.449 1.00 1.63 ? 10 SER A CB   1  
ATOM 131  O OG   . SER A 1 10 ? 2.433  5.426  -3.124 1.00 2.03 ? 10 SER A OG   1  
ATOM 132  H H    . SER A 1 10 ? 0.965  3.599  -1.405 1.00 1.50 ? 10 SER A H    1  
ATOM 133  H HA   . SER A 1 10 ? 2.213  6.089  -0.502 1.00 1.30 ? 10 SER A HA   1  
ATOM 134  H HB2  . SER A 1 10 ? 0.413  5.594  -2.892 1.00 2.14 ? 10 SER A HB2  1  
ATOM 135  H HB3  . SER A 1 10 ? 1.340  7.057  -2.564 1.00 2.04 ? 10 SER A HB3  1  
ATOM 136  H HG   . SER A 1 10 ? 2.151  4.639  -3.613 1.00 2.21 ? 10 SER A HG   1  
ATOM 137  N N    . SER A 1 11 ? -0.753 5.171  0.123  1.00 0.69 ? 11 SER A N    1  
ATOM 138  C CA   . SER A 1 11 ? -1.985 5.467  0.836  1.00 1.03 ? 11 SER A CA   1  
ATOM 139  C C    . SER A 1 11 ? -1.812 5.186  2.321  1.00 1.58 ? 11 SER A C    1  
ATOM 140  O O    . SER A 1 11 ? -2.752 5.312  3.108  1.00 2.41 ? 11 SER A O    1  
ATOM 141  C CB   . SER A 1 11 ? -3.113 4.605  0.280  1.00 2.20 ? 11 SER A CB   1  
ATOM 142  O OG   . SER A 1 11 ? -2.751 3.231  0.308  1.00 2.99 ? 11 SER A OG   1  
ATOM 143  H H    . SER A 1 11 ? -0.543 4.235  -0.088 1.00 0.72 ? 11 SER A H    1  
ATOM 144  H HA   . SER A 1 11 ? -2.223 6.510  0.692  1.00 1.44 ? 11 SER A HA   1  
ATOM 145  H HB2  . SER A 1 11 ? -4.000 4.746  0.877  1.00 2.74 ? 11 SER A HB2  1  
ATOM 146  H HB3  . SER A 1 11 ? -3.314 4.891  -0.741 1.00 2.57 ? 11 SER A HB3  1  
ATOM 147  H HG   . SER A 1 11 ? -2.855 2.892  1.208  1.00 3.04 ? 11 SER A HG   1  
ATOM 148  N N    . ASN A 1 12 ? -0.608 4.788  2.692  1.00 2.18 ? 12 ASN A N    1  
ATOM 149  C CA   . ASN A 1 12 ? -0.310 4.406  4.060  1.00 3.40 ? 12 ASN A CA   1  
ATOM 150  C C    . ASN A 1 12 ? 1.045  4.954  4.461  1.00 4.15 ? 12 ASN A C    1  
ATOM 151  O O    . ASN A 1 12 ? 1.092  6.051  5.048  1.00 4.53 ? 12 ASN A O    1  
ATOM 152  C CB   . ASN A 1 12 ? -0.325 2.881  4.209  1.00 4.29 ? 12 ASN A CB   1  
ATOM 153  C CG   . ASN A 1 12 ? -1.704 2.285  3.997  1.00 4.67 ? 12 ASN A CG   1  
ATOM 154  O OD1  . ASN A 1 12 ? -2.094 1.969  2.870  1.00 4.87 ? 12 ASN A OD1  1  
ATOM 155  N ND2  . ASN A 1 12 ? -2.451 2.135  5.077  1.00 5.23 ? 12 ASN A ND2  1  
ATOM 156  O OXT  . ASN A 1 12 ? 2.061  4.303  4.156  1.00 4.76 ? 12 ASN A OXT  1  
ATOM 157  H H    . ASN A 1 12 ? 0.111  4.766  2.029  1.00 2.25 ? 12 ASN A H    1  
ATOM 158  H HA   . ASN A 1 12 ? -1.066 4.833  4.700  1.00 3.54 ? 12 ASN A HA   1  
ATOM 159  H HB2  . ASN A 1 12 ? 0.347  2.448  3.482  1.00 4.67 ? 12 ASN A HB2  1  
ATOM 160  H HB3  . ASN A 1 12 ? 0.011  2.620  5.202  1.00 4.72 ? 12 ASN A HB3  1  
ATOM 161  H HD21 . ASN A 1 12 ? -2.077 2.415  5.943  1.00 5.35 ? 12 ASN A HD21 1  
ATOM 162  H HD22 . ASN A 1 12 ? -3.343 1.741  4.975  1.00 5.71 ? 12 ASN A HD22 1  
ATOM 163  N N    . HIS A 1 1  ? 4.666  -5.959 4.524  1.00 2.27 ? 1  HIS A N    2  
ATOM 164  C CA   . HIS A 1 1  ? 5.704  -4.969 4.904  1.00 2.26 ? 1  HIS A CA   2  
ATOM 165  C C    . HIS A 1 1  ? 5.299  -3.594 4.408  1.00 1.76 ? 1  HIS A C    2  
ATOM 166  O O    . HIS A 1 1  ? 5.525  -2.580 5.068  1.00 2.08 ? 1  HIS A O    2  
ATOM 167  C CB   . HIS A 1 1  ? 7.064  -5.356 4.312  1.00 2.81 ? 1  HIS A CB   2  
ATOM 168  C CG   . HIS A 1 1  ? 7.665  -6.586 4.920  1.00 3.60 ? 1  HIS A CG   2  
ATOM 169  N ND1  . HIS A 1 1  ? 7.599  -7.833 4.333  1.00 4.28 ? 1  HIS A ND1  2  
ATOM 170  C CD2  . HIS A 1 1  ? 8.351  -6.754 6.074  1.00 4.28 ? 1  HIS A CD2  2  
ATOM 171  C CE1  . HIS A 1 1  ? 8.216  -8.711 5.100  1.00 5.11 ? 1  HIS A CE1  2  
ATOM 172  N NE2  . HIS A 1 1  ? 8.681  -8.082 6.161  1.00 5.12 ? 1  HIS A NE2  2  
ATOM 173  H H1   . HIS A 1 1  ? 3.743  -5.671 4.912  1.00 2.72 ? 1  HIS A H1   2  
ATOM 174  H H2   . HIS A 1 1  ? 4.904  -6.897 4.899  1.00 2.51 ? 1  HIS A H2   2  
ATOM 175  H H3   . HIS A 1 1  ? 4.582  -6.018 3.483  1.00 2.10 ? 1  HIS A H3   2  
ATOM 176  H HA   . HIS A 1 1  ? 5.775  -4.946 5.981  1.00 2.60 ? 1  HIS A HA   2  
ATOM 177  H HB2  . HIS A 1 1  ? 6.950  -5.532 3.253  1.00 3.14 ? 1  HIS A HB2  2  
ATOM 178  H HB3  . HIS A 1 1  ? 7.754  -4.540 4.463  1.00 2.88 ? 1  HIS A HB3  2  
ATOM 179  H HD1  . HIS A 1 1  ? 7.166  -8.044 3.473  1.00 4.42 ? 1  HIS A HD1  2  
ATOM 180  H HD2  . HIS A 1 1  ? 8.595  -5.986 6.795  1.00 4.46 ? 1  HIS A HD2  2  
ATOM 181  H HE1  . HIS A 1 1  ? 8.323  -9.766 4.894  1.00 5.89 ? 1  HIS A HE1  2  
ATOM 182  H HE2  . HIS A 1 1  ? 9.250  -8.485 6.855  1.00 5.79 ? 1  HIS A HE2  2  
ATOM 183  N N    . GLU A 1 2  ? 4.690  -3.582 3.237  1.00 1.24 ? 2  GLU A N    2  
ATOM 184  C CA   . GLU A 1 2  ? 4.183  -2.371 2.630  1.00 0.93 ? 2  GLU A CA   2  
ATOM 185  C C    . GLU A 1 2  ? 2.879  -1.940 3.296  1.00 1.04 ? 2  GLU A C    2  
ATOM 186  O O    . GLU A 1 2  ? 2.538  -0.759 3.274  1.00 2.06 ? 2  GLU A O    2  
ATOM 187  C CB   . GLU A 1 2  ? 3.975  -2.584 1.120  1.00 0.96 ? 2  GLU A CB   2  
ATOM 188  C CG   . GLU A 1 2  ? 3.294  -3.900 0.748  1.00 1.86 ? 2  GLU A CG   2  
ATOM 189  C CD   . GLU A 1 2  ? 4.243  -5.086 0.725  1.00 2.49 ? 2  GLU A CD   2  
ATOM 190  O OE1  . GLU A 1 2  ? 4.478  -5.694 1.792  1.00 2.85 ? 2  GLU A OE1  2  
ATOM 191  O OE2  . GLU A 1 2  ? 4.759  -5.415 -0.361 1.00 2.96 ? 2  GLU A OE2  2  
ATOM 192  H H    . GLU A 1 2  ? 4.584  -4.432 2.748  1.00 1.39 ? 2  GLU A H    2  
ATOM 193  H HA   . GLU A 1 2  ? 4.920  -1.595 2.775  1.00 1.15 ? 2  GLU A HA   2  
ATOM 194  H HB2  . GLU A 1 2  ? 3.364  -1.779 0.742  1.00 1.29 ? 2  GLU A HB2  2  
ATOM 195  H HB3  . GLU A 1 2  ? 4.935  -2.550 0.628  1.00 0.85 ? 2  GLU A HB3  2  
ATOM 196  H HG2  . GLU A 1 2  ? 2.518  -4.102 1.469  1.00 2.20 ? 2  GLU A HG2  2  
ATOM 197  H HG3  . GLU A 1 2  ? 2.852  -3.795 -0.232 1.00 2.30 ? 2  GLU A HG3  2  
ATOM 198  N N    . VAL A 1 3  ? 2.172  -2.918 3.889  1.00 0.41 ? 3  VAL A N    2  
ATOM 199  C CA   . VAL A 1 3  ? 0.892  -2.701 4.589  1.00 0.51 ? 3  VAL A CA   2  
ATOM 200  C C    . VAL A 1 3  ? 0.052  -1.593 3.926  1.00 0.36 ? 3  VAL A C    2  
ATOM 201  O O    . VAL A 1 3  ? -0.253 -0.553 4.520  1.00 0.47 ? 3  VAL A O    2  
ATOM 202  C CB   . VAL A 1 3  ? 1.111  -2.440 6.108  1.00 0.84 ? 3  VAL A CB   2  
ATOM 203  C CG1  . VAL A 1 3  ? 1.949  -1.193 6.365  1.00 1.85 ? 3  VAL A CG1  2  
ATOM 204  C CG2  . VAL A 1 3  ? -0.216 -2.370 6.850  1.00 1.56 ? 3  VAL A CG2  2  
ATOM 205  H H    . VAL A 1 3  ? 2.526  -3.830 3.849  1.00 0.95 ? 3  VAL A H    2  
ATOM 206  H HA   . VAL A 1 3  ? 0.334  -3.624 4.501  1.00 0.70 ? 3  VAL A HA   2  
ATOM 207  H HB   . VAL A 1 3  ? 1.659  -3.281 6.505  1.00 1.10 ? 3  VAL A HB   2  
ATOM 208  H HG11 . VAL A 1 3  ? 2.908  -1.300 5.880  1.00 2.26 ? 3  VAL A HG11 2  
ATOM 209  H HG12 . VAL A 1 3  ? 2.094  -1.069 7.428  1.00 2.51 ? 3  VAL A HG12 2  
ATOM 210  H HG13 . VAL A 1 3  ? 1.439  -0.329 5.968  1.00 2.27 ? 3  VAL A HG13 2  
ATOM 211  H HG21 . VAL A 1 3  ? -0.754 -3.296 6.712  1.00 1.99 ? 3  VAL A HG21 2  
ATOM 212  H HG22 . VAL A 1 3  ? -0.804 -1.551 6.460  1.00 2.02 ? 3  VAL A HG22 2  
ATOM 213  H HG23 . VAL A 1 3  ? -0.032 -2.214 7.900  1.00 2.17 ? 3  VAL A HG23 2  
ATOM 214  N N    . PRO A 1 4  ? -0.323 -1.812 2.660  1.00 0.22 ? 4  PRO A N    2  
ATOM 215  C CA   . PRO A 1 4  ? -0.947 -0.814 1.823  1.00 0.10 ? 4  PRO A CA   2  
ATOM 216  C C    . PRO A 1 4  ? -2.440 -1.059 1.618  1.00 0.12 ? 4  PRO A C    2  
ATOM 217  O O    . PRO A 1 4  ? -3.080 -1.750 2.413  1.00 0.23 ? 4  PRO A O    2  
ATOM 218  C CB   . PRO A 1 4  ? -0.182 -1.076 0.533  1.00 0.29 ? 4  PRO A CB   2  
ATOM 219  C CG   . PRO A 1 4  ? -0.104 -2.571 0.466  1.00 0.42 ? 4  PRO A CG   2  
ATOM 220  C CD   . PRO A 1 4  ? -0.156 -3.061 1.899  1.00 0.43 ? 4  PRO A CD   2  
ATOM 221  H HA   . PRO A 1 4  ? -0.766 0.193  2.166  1.00 0.19 ? 4  PRO A HA   2  
ATOM 222  H HB2  . PRO A 1 4  ? -0.717 -0.659 -0.307 1.00 0.36 ? 4  PRO A HB2  2  
ATOM 223  H HB3  . PRO A 1 4  ? 0.805  -0.643 0.603  1.00 0.36 ? 4  PRO A HB3  2  
ATOM 224  H HG2  . PRO A 1 4  ? -0.944 -2.955 -0.094 1.00 0.48 ? 4  PRO A HG2  2  
ATOM 225  H HG3  . PRO A 1 4  ? 0.824  -2.868 0.001  1.00 0.55 ? 4  PRO A HG3  2  
ATOM 226  H HD2  . PRO A 1 4  ? -0.998 -3.720 2.046  1.00 0.56 ? 4  PRO A HD2  2  
ATOM 227  H HD3  . PRO A 1 4  ? 0.766  -3.553 2.167  1.00 0.56 ? 4  PRO A HD3  2  
ATOM 228  N N    . SER A 1 5  ? -2.992 -0.494 0.552  1.00 0.13 ? 5  SER A N    2  
ATOM 229  C CA   . SER A 1 5  ? -4.343 -0.830 0.137  1.00 0.18 ? 5  SER A CA   2  
ATOM 230  C C    . SER A 1 5  ? -4.282 -2.042 -0.787 1.00 0.18 ? 5  SER A C    2  
ATOM 231  O O    . SER A 1 5  ? -5.279 -2.725 -1.029 1.00 0.47 ? 5  SER A O    2  
ATOM 232  C CB   . SER A 1 5  ? -4.986 0.362  -0.581 1.00 0.37 ? 5  SER A CB   2  
ATOM 233  O OG   . SER A 1 5  ? -6.326 0.086  -0.956 1.00 1.59 ? 5  SER A OG   2  
ATOM 234  H H    . SER A 1 5  ? -2.486 0.174  0.040  1.00 0.18 ? 5  SER A H    2  
ATOM 235  H HA   . SER A 1 5  ? -4.918 -1.079 1.016  1.00 0.28 ? 5  SER A HA   2  
ATOM 236  H HB2  . SER A 1 5  ? -4.982 1.218  0.075  1.00 0.91 ? 5  SER A HB2  2  
ATOM 237  H HB3  . SER A 1 5  ? -4.417 0.590  -1.471 1.00 1.05 ? 5  SER A HB3  2  
ATOM 238  H HG   . SER A 1 5  ? -6.915 0.349  -0.240 1.00 2.01 ? 5  SER A HG   2  
ATOM 239  N N    . GLY A 1 6  ? -3.076 -2.313 -1.276 1.00 0.16 ? 6  GLY A N    2  
ATOM 240  C CA   . GLY A 1 6  ? -2.868 -3.361 -2.253 1.00 0.19 ? 6  GLY A CA   2  
ATOM 241  C C    . GLY A 1 6  ? -1.932 -2.908 -3.359 1.00 0.17 ? 6  GLY A C    2  
ATOM 242  O O    . GLY A 1 6  ? -0.856 -3.481 -3.541 1.00 0.25 ? 6  GLY A O    2  
ATOM 243  H H    . GLY A 1 6  ? -2.312 -1.789 -0.965 1.00 0.35 ? 6  GLY A H    2  
ATOM 244  H HA2  . GLY A 1 6  ? -2.444 -4.224 -1.761 1.00 0.32 ? 6  GLY A HA2  2  
ATOM 245  H HA3  . GLY A 1 6  ? -3.818 -3.630 -2.687 1.00 0.24 ? 6  GLY A HA3  2  
ATOM 246  N N    . PRO A 1 7  ? -2.318 -1.863 -4.113 1.00 0.14 ? 7  PRO A N    2  
ATOM 247  C CA   . PRO A 1 7  ? -1.493 -1.293 -5.188 1.00 0.21 ? 7  PRO A CA   2  
ATOM 248  C C    . PRO A 1 7  ? -0.128 -0.794 -4.705 1.00 0.24 ? 7  PRO A C    2  
ATOM 249  O O    . PRO A 1 7  ? 0.913  -1.236 -5.187 1.00 0.42 ? 7  PRO A O    2  
ATOM 250  C CB   . PRO A 1 7  ? -2.328 -0.109 -5.696 1.00 0.26 ? 7  PRO A CB   2  
ATOM 251  C CG   . PRO A 1 7  ? -3.307 0.169  -4.607 1.00 0.22 ? 7  PRO A CG   2  
ATOM 252  C CD   . PRO A 1 7  ? -3.612 -1.164 -4.007 1.00 0.15 ? 7  PRO A CD   2  
ATOM 253  H HA   . PRO A 1 7  ? -1.349 -2.002 -5.989 1.00 0.27 ? 7  PRO A HA   2  
ATOM 254  H HB2  . PRO A 1 7  ? -1.682 0.739  -5.874 1.00 0.31 ? 7  PRO A HB2  2  
ATOM 255  H HB3  . PRO A 1 7  ? -2.827 -0.384 -6.613 1.00 0.34 ? 7  PRO A HB3  2  
ATOM 256  H HG2  . PRO A 1 7  ? -2.864 0.822  -3.864 1.00 0.20 ? 7  PRO A HG2  2  
ATOM 257  H HG3  . PRO A 1 7  ? -4.203 0.614  -5.016 1.00 0.29 ? 7  PRO A HG3  2  
ATOM 258  H HD2  . PRO A 1 7  ? -3.914 -1.057 -2.974 1.00 0.12 ? 7  PRO A HD2  2  
ATOM 259  H HD3  . PRO A 1 7  ? -4.373 -1.674 -4.577 1.00 0.20 ? 7  PRO A HD3  2  
ATOM 260  N N    . ASN A 1 8  ? -0.138 0.117  -3.740 1.00 0.16 ? 8  ASN A N    2  
ATOM 261  C CA   . ASN A 1 8  ? 1.079  0.803  -3.327 1.00 0.24 ? 8  ASN A CA   2  
ATOM 262  C C    . ASN A 1 8  ? 1.030  1.136  -1.837 1.00 0.13 ? 8  ASN A C    2  
ATOM 263  O O    . ASN A 1 8  ? -0.011 1.554  -1.328 1.00 0.24 ? 8  ASN A O    2  
ATOM 264  C CB   . ASN A 1 8  ? 1.224  2.096  -4.143 1.00 0.52 ? 8  ASN A CB   2  
ATOM 265  C CG   . ASN A 1 8  ? 2.532  2.825  -3.896 1.00 1.15 ? 8  ASN A CG   2  
ATOM 266  O OD1  . ASN A 1 8  ? 3.576  2.211  -3.684 1.00 2.04 ? 8  ASN A OD1  2  
ATOM 267  N ND2  . ASN A 1 8  ? 2.480  4.147  -3.915 1.00 1.87 ? 8  ASN A ND2  2  
ATOM 268  H H    . ASN A 1 8  ? -0.983 0.333  -3.296 1.00 0.17 ? 8  ASN A H    2  
ATOM 269  H HA   . ASN A 1 8  ? 1.919  0.158  -3.527 1.00 0.37 ? 8  ASN A HA   2  
ATOM 270  H HB2  . ASN A 1 8  ? 1.166  1.855  -5.194 1.00 1.25 ? 8  ASN A HB2  2  
ATOM 271  H HB3  . ASN A 1 8  ? 0.410  2.761  -3.890 1.00 1.30 ? 8  ASN A HB3  2  
ATOM 272  H HD21 . ASN A 1 8  ? 1.612  4.572  -4.084 1.00 2.14 ? 8  ASN A HD21 2  
ATOM 273  H HD22 . ASN A 1 8  ? 3.310  4.649  -3.769 1.00 2.56 ? 8  ASN A HD22 2  
ATOM 274  N N    . PRO A 1 9  ? 2.137  0.901  -1.104 1.00 0.18 ? 9  PRO A N    2  
ATOM 275  C CA   . PRO A 1 9  ? 2.280  1.351  0.284  1.00 0.28 ? 9  PRO A CA   2  
ATOM 276  C C    . PRO A 1 9  ? 2.179  2.860  0.416  1.00 0.34 ? 9  PRO A C    2  
ATOM 277  O O    . PRO A 1 9  ? 2.287  3.587  -0.576 1.00 0.82 ? 9  PRO A O    2  
ATOM 278  C CB   . PRO A 1 9  ? 3.668  0.867  0.703  1.00 0.37 ? 9  PRO A CB   2  
ATOM 279  C CG   . PRO A 1 9  ? 4.372  0.509  -0.562 1.00 0.39 ? 9  PRO A CG   2  
ATOM 280  C CD   . PRO A 1 9  ? 3.310  0.138  -1.555 1.00 0.32 ? 9  PRO A CD   2  
ATOM 281  H HA   . PRO A 1 9  ? 1.537  0.902  0.923  1.00 0.36 ? 9  PRO A HA   2  
ATOM 282  H HB2  . PRO A 1 9  ? 4.181  1.660  1.228  1.00 0.44 ? 9  PRO A HB2  2  
ATOM 283  H HB3  . PRO A 1 9  ? 3.563  0.011  1.351  1.00 0.45 ? 9  PRO A HB3  2  
ATOM 284  H HG2  . PRO A 1 9  ? 4.937  1.357  -0.919 1.00 0.42 ? 9  PRO A HG2  2  
ATOM 285  H HG3  . PRO A 1 9  ? 5.028  -0.333 -0.387 1.00 0.51 ? 9  PRO A HG3  2  
ATOM 286  H HD2  . PRO A 1 9  ? 3.606  0.437  -2.550 1.00 0.40 ? 9  PRO A HD2  2  
ATOM 287  H HD3  . PRO A 1 9  ? 3.117  -0.925 -1.522 1.00 0.43 ? 9  PRO A HD3  2  
ATOM 288  N N    . SER A 1 10 ? 1.968  3.313  1.651  1.00 0.94 ? 10 SER A N    2  
ATOM 289  C CA   . SER A 1 10 ? 1.697  4.716  1.961  1.00 1.08 ? 10 SER A CA   2  
ATOM 290  C C    . SER A 1 10 ? 0.571  5.258  1.081  1.00 0.74 ? 10 SER A C    2  
ATOM 291  O O    . SER A 1 10 ? 0.487  6.456  0.818  1.00 0.85 ? 10 SER A O    2  
ATOM 292  C CB   . SER A 1 10 ? 2.971  5.577  1.848  1.00 1.63 ? 10 SER A CB   2  
ATOM 293  O OG   . SER A 1 10 ? 3.592  5.456  0.577  1.00 2.03 ? 10 SER A OG   2  
ATOM 294  H H    . SER A 1 10 ? 2.000  2.673  2.394  1.00 1.50 ? 10 SER A H    2  
ATOM 295  H HA   . SER A 1 10 ? 1.356  4.749  2.986  1.00 1.30 ? 10 SER A HA   2  
ATOM 296  H HB2  . SER A 1 10 ? 2.714  6.613  2.006  1.00 2.14 ? 10 SER A HB2  2  
ATOM 297  H HB3  . SER A 1 10 ? 3.674  5.267  2.607  1.00 2.04 ? 10 SER A HB3  2  
ATOM 298  H HG   . SER A 1 10 ? 3.075  4.850  0.026  1.00 2.21 ? 10 SER A HG   2  
ATOM 299  N N    . SER A 1 11 ? -0.293 4.356  0.624  1.00 0.69 ? 11 SER A N    2  
ATOM 300  C CA   . SER A 1 11 ? -1.417 4.724  -0.220 1.00 1.03 ? 11 SER A CA   2  
ATOM 301  C C    . SER A 1 11 ? -2.659 3.958  0.217  1.00 1.58 ? 11 SER A C    2  
ATOM 302  O O    . SER A 1 11 ? -3.155 3.087  -0.498 1.00 2.41 ? 11 SER A O    2  
ATOM 303  C CB   . SER A 1 11 ? -1.099 4.426  -1.687 1.00 2.20 ? 11 SER A CB   2  
ATOM 304  O OG   . SER A 1 11 ? 0.141  5.001  -2.068 1.00 2.99 ? 11 SER A OG   2  
ATOM 305  H H    . SER A 1 11 ? -0.169 3.411  0.864  1.00 0.72 ? 11 SER A H    2  
ATOM 306  H HA   . SER A 1 11 ? -1.594 5.782  -0.101 1.00 1.44 ? 11 SER A HA   2  
ATOM 307  H HB2  . SER A 1 11 ? -1.046 3.357  -1.830 1.00 2.74 ? 11 SER A HB2  2  
ATOM 308  H HB3  . SER A 1 11 ? -1.881 4.833  -2.312 1.00 2.57 ? 11 SER A HB3  2  
ATOM 309  H HG   . SER A 1 11 ? 0.818  4.747  -1.427 1.00 3.04 ? 11 SER A HG   2  
ATOM 310  N N    . ASN A 1 12 ? -3.132 4.268  1.411  1.00 2.18 ? 12 ASN A N    2  
ATOM 311  C CA   . ASN A 1 12 ? -4.304 3.616  1.969  1.00 3.40 ? 12 ASN A CA   2  
ATOM 312  C C    . ASN A 1 12 ? -4.990 4.540  2.963  1.00 4.15 ? 12 ASN A C    2  
ATOM 313  O O    . ASN A 1 12 ? -4.386 4.859  4.004  1.00 4.53 ? 12 ASN A O    2  
ATOM 314  C CB   . ASN A 1 12 ? -3.939 2.269  2.620  1.00 4.29 ? 12 ASN A CB   2  
ATOM 315  C CG   . ASN A 1 12 ? -2.778 2.358  3.599  1.00 4.67 ? 12 ASN A CG   2  
ATOM 316  O OD1  . ASN A 1 12 ? -1.613 2.272  3.206  1.00 4.87 ? 12 ASN A OD1  2  
ATOM 317  N ND2  . ASN A 1 12 ? -3.086 2.500  4.879  1.00 5.23 ? 12 ASN A ND2  2  
ATOM 318  O OXT  . ASN A 1 12 ? -6.130 4.969  2.686  1.00 4.76 ? 12 ASN A OXT  2  
ATOM 319  H H    . ASN A 1 12 ? -2.680 4.962  1.939  1.00 2.25 ? 12 ASN A H    2  
ATOM 320  H HA   . ASN A 1 12 ? -4.987 3.432  1.152  1.00 3.54 ? 12 ASN A HA   2  
ATOM 321  H HB2  . ASN A 1 12 ? -4.798 1.894  3.152  1.00 4.67 ? 12 ASN A HB2  2  
ATOM 322  H HB3  . ASN A 1 12 ? -3.673 1.567  1.842  1.00 4.72 ? 12 ASN A HB3  2  
ATOM 323  H HD21 . ASN A 1 12 ? -4.037 2.543  5.126  1.00 5.35 ? 12 ASN A HD21 2  
ATOM 324  H HD22 . ASN A 1 12 ? -2.356 2.556  5.530  1.00 5.71 ? 12 ASN A HD22 2  
ATOM 325  N N    . HIS A 1 1  ? 4.756  -6.336 -1.245 1.00 2.27 ? 1  HIS A N    3  
ATOM 326  C CA   . HIS A 1 1  ? 5.972  -6.081 -0.435 1.00 2.26 ? 1  HIS A CA   3  
ATOM 327  C C    . HIS A 1 1  ? 5.588  -5.340 0.834  1.00 1.76 ? 1  HIS A C    3  
ATOM 328  O O    . HIS A 1 1  ? 5.766  -5.842 1.943  1.00 2.08 ? 1  HIS A O    3  
ATOM 329  C CB   . HIS A 1 1  ? 7.002  -5.267 -1.229 1.00 2.81 ? 1  HIS A CB   3  
ATOM 330  C CG   . HIS A 1 1  ? 7.579  -5.996 -2.405 1.00 3.60 ? 1  HIS A CG   3  
ATOM 331  N ND1  . HIS A 1 1  ? 8.565  -6.952 -2.288 1.00 4.28 ? 1  HIS A ND1  3  
ATOM 332  C CD2  . HIS A 1 1  ? 7.309  -5.901 -3.730 1.00 4.28 ? 1  HIS A CD2  3  
ATOM 333  C CE1  . HIS A 1 1  ? 8.876  -7.412 -3.485 1.00 5.11 ? 1  HIS A CE1  3  
ATOM 334  N NE2  . HIS A 1 1  ? 8.129  -6.793 -4.374 1.00 5.12 ? 1  HIS A NE2  3  
ATOM 335  H H1   . HIS A 1 1  ? 4.998  -6.845 -2.118 1.00 2.72 ? 1  HIS A H1   3  
ATOM 336  H H2   . HIS A 1 1  ? 4.294  -5.438 -1.495 1.00 2.51 ? 1  HIS A H2   3  
ATOM 337  H H3   . HIS A 1 1  ? 4.082  -6.912 -0.698 1.00 2.10 ? 1  HIS A H3   3  
ATOM 338  H HA   . HIS A 1 1  ? 6.403  -7.034 -0.164 1.00 2.60 ? 1  HIS A HA   3  
ATOM 339  H HB2  . HIS A 1 1  ? 6.533  -4.370 -1.597 1.00 3.14 ? 1  HIS A HB2  3  
ATOM 340  H HB3  . HIS A 1 1  ? 7.817  -4.996 -0.574 1.00 2.88 ? 1  HIS A HB3  3  
ATOM 341  H HD1  . HIS A 1 1  ? 8.971  -7.258 -1.443 1.00 4.42 ? 1  HIS A HD1  3  
ATOM 342  H HD2  . HIS A 1 1  ? 6.583  -5.247 -4.191 1.00 4.46 ? 1  HIS A HD2  3  
ATOM 343  H HE1  . HIS A 1 1  ? 9.615  -8.170 -3.698 1.00 5.89 ? 1  HIS A HE1  3  
ATOM 344  H HE2  . HIS A 1 1  ? 8.119  -6.984 -5.340 1.00 5.79 ? 1  HIS A HE2  3  
ATOM 345  N N    . GLU A 1 2  ? 5.060  -4.143 0.661  1.00 1.24 ? 2  GLU A N    3  
ATOM 346  C CA   . GLU A 1 2  ? 4.494  -3.388 1.761  1.00 0.93 ? 2  GLU A CA   3  
ATOM 347  C C    . GLU A 1 2  ? 3.043  -3.798 1.971  1.00 1.04 ? 2  GLU A C    3  
ATOM 348  O O    . GLU A 1 2  ? 2.460  -4.469 1.117  1.00 2.06 ? 2  GLU A O    3  
ATOM 349  C CB   . GLU A 1 2  ? 4.605  -1.889 1.471  1.00 0.96 ? 2  GLU A CB   3  
ATOM 350  C CG   . GLU A 1 2  ? 5.901  -1.279 1.978  1.00 1.86 ? 2  GLU A CG   3  
ATOM 351  C CD   . GLU A 1 2  ? 6.075  -1.444 3.473  1.00 2.49 ? 2  GLU A CD   3  
ATOM 352  O OE1  . GLU A 1 2  ? 5.547  -0.610 4.239  1.00 2.96 ? 2  GLU A OE1  3  
ATOM 353  O OE2  . GLU A 1 2  ? 6.738  -2.413 3.891  1.00 2.85 ? 2  GLU A OE2  3  
ATOM 354  H H    . GLU A 1 2  ? 5.050  -3.748 -0.238 1.00 1.39 ? 2  GLU A H    3  
ATOM 355  H HA   . GLU A 1 2  ? 5.058  -3.619 2.652  1.00 1.15 ? 2  GLU A HA   3  
ATOM 356  H HB2  . GLU A 1 2  ? 4.563  -1.740 0.402  1.00 1.29 ? 2  GLU A HB2  3  
ATOM 357  H HB3  . GLU A 1 2  ? 3.775  -1.369 1.924  1.00 0.85 ? 2  GLU A HB3  3  
ATOM 358  H HG2  . GLU A 1 2  ? 6.729  -1.756 1.480  1.00 2.20 ? 2  GLU A HG2  3  
ATOM 359  H HG3  . GLU A 1 2  ? 5.904  -0.225 1.749  1.00 2.30 ? 2  GLU A HG3  3  
ATOM 360  N N    . VAL A 1 3  ? 2.469  -3.416 3.104  1.00 0.41 ? 3  VAL A N    3  
ATOM 361  C CA   . VAL A 1 3  ? 1.076  -3.731 3.405  1.00 0.51 ? 3  VAL A CA   3  
ATOM 362  C C    . VAL A 1 3  ? 0.224  -2.470 3.271  1.00 0.36 ? 3  VAL A C    3  
ATOM 363  O O    . VAL A 1 3  ? -0.035 -1.775 4.255  1.00 0.47 ? 3  VAL A O    3  
ATOM 364  C CB   . VAL A 1 3  ? 0.918  -4.317 4.826  1.00 0.84 ? 3  VAL A CB   3  
ATOM 365  C CG1  . VAL A 1 3  ? -0.510 -4.787 5.065  1.00 1.85 ? 3  VAL A CG1  3  
ATOM 366  C CG2  . VAL A 1 3  ? 1.899  -5.458 5.051  1.00 1.56 ? 3  VAL A CG2  3  
ATOM 367  H H    . VAL A 1 3  ? 2.990  -2.902 3.759  1.00 0.95 ? 3  VAL A H    3  
ATOM 368  H HA   . VAL A 1 3  ? 0.735  -4.465 2.689  1.00 0.70 ? 3  VAL A HA   3  
ATOM 369  H HB   . VAL A 1 3  ? 1.140  -3.537 5.540  1.00 1.10 ? 3  VAL A HB   3  
ATOM 370  H HG11 . VAL A 1 3  ? -1.189 -3.955 4.937  1.00 2.26 ? 3  VAL A HG11 3  
ATOM 371  H HG12 . VAL A 1 3  ? -0.599 -5.172 6.068  1.00 2.51 ? 3  VAL A HG12 3  
ATOM 372  H HG13 . VAL A 1 3  ? -0.757 -5.564 4.358  1.00 2.27 ? 3  VAL A HG13 3  
ATOM 373  H HG21 . VAL A 1 3  ? 1.716  -6.239 4.329  1.00 1.99 ? 3  VAL A HG21 3  
ATOM 374  H HG22 . VAL A 1 3  ? 1.771  -5.850 6.048  1.00 2.02 ? 3  VAL A HG22 3  
ATOM 375  H HG23 . VAL A 1 3  ? 2.910  -5.091 4.937  1.00 2.17 ? 3  VAL A HG23 3  
ATOM 376  N N    . PRO A 1 4  ? -0.201 -2.153 2.040  1.00 0.22 ? 4  PRO A N    3  
ATOM 377  C CA   . PRO A 1 4  ? -0.896 -0.925 1.715  1.00 0.10 ? 4  PRO A CA   3  
ATOM 378  C C    . PRO A 1 4  ? -2.395 -1.128 1.529  1.00 0.12 ? 4  PRO A C    3  
ATOM 379  O O    . PRO A 1 4  ? -3.007 -1.952 2.206  1.00 0.23 ? 4  PRO A O    3  
ATOM 380  C CB   . PRO A 1 4  ? -0.236 -0.589 0.386  1.00 0.29 ? 4  PRO A CB   3  
ATOM 381  C CG   . PRO A 1 4  ? 0.033  -1.916 -0.261 1.00 0.42 ? 4  PRO A CG   3  
ATOM 382  C CD   . PRO A 1 4  ? -0.034 -2.960 0.830  1.00 0.43 ? 4  PRO A CD   3  
ATOM 383  H HA   . PRO A 1 4  ? -0.706 -0.142 2.430  1.00 0.19 ? 4  PRO A HA   3  
ATOM 384  H HB2  . PRO A 1 4  ? -0.903 0.014  -0.211 1.00 0.36 ? 4  PRO A HB2  3  
ATOM 385  H HB3  . PRO A 1 4  ? 0.684  -0.049 0.563  1.00 0.36 ? 4  PRO A HB3  3  
ATOM 386  H HG2  . PRO A 1 4  ? -0.717 -2.115 -1.012 1.00 0.48 ? 4  PRO A HG2  3  
ATOM 387  H HG3  . PRO A 1 4  ? 1.015  -1.908 -0.709 1.00 0.55 ? 4  PRO A HG3  3  
ATOM 388  H HD2  . PRO A 1 4  ? -0.881 -3.612 0.678  1.00 0.56 ? 4  PRO A HD2  3  
ATOM 389  H HD3  . PRO A 1 4  ? 0.883  -3.529 0.866  1.00 0.56 ? 4  PRO A HD3  3  
ATOM 390  N N    . SER A 1 5  ? -2.978 -0.389 0.593  1.00 0.13 ? 5  SER A N    3  
ATOM 391  C CA   . SER A 1 5  ? -4.370 -0.575 0.232  1.00 0.18 ? 5  SER A CA   3  
ATOM 392  C C    . SER A 1 5  ? -4.492 -1.714 -0.775 1.00 0.18 ? 5  SER A C    3  
ATOM 393  O O    . SER A 1 5  ? -5.589 -2.114 -1.166 1.00 0.47 ? 5  SER A O    3  
ATOM 394  C CB   . SER A 1 5  ? -4.911 0.728  -0.352 1.00 0.37 ? 5  SER A CB   3  
ATOM 395  O OG   . SER A 1 5  ? -3.963 1.309  -1.239 1.00 1.59 ? 5  SER A OG   3  
ATOM 396  H H    . SER A 1 5  ? -2.462 0.305  0.128  1.00 0.18 ? 5  SER A H    3  
ATOM 397  H HA   . SER A 1 5  ? -4.923 -0.826 1.125  1.00 0.28 ? 5  SER A HA   3  
ATOM 398  H HB2  . SER A 1 5  ? -5.821 0.526  -0.896 1.00 0.91 ? 5  SER A HB2  3  
ATOM 399  H HB3  . SER A 1 5  ? -5.113 1.425  0.447  1.00 1.05 ? 5  SER A HB3  3  
ATOM 400  H HG   . SER A 1 5  ? -4.430 1.748  -1.971 1.00 2.01 ? 5  SER A HG   3  
ATOM 401  N N    . GLY A 1 6  ? -3.341 -2.231 -1.176 1.00 0.16 ? 6  GLY A N    3  
ATOM 402  C CA   . GLY A 1 6  ? -3.280 -3.262 -2.190 1.00 0.19 ? 6  GLY A CA   3  
ATOM 403  C C    . GLY A 1 6  ? -2.160 -2.996 -3.176 1.00 0.17 ? 6  GLY A C    3  
ATOM 404  O O    . GLY A 1 6  ? -1.173 -3.731 -3.213 1.00 0.25 ? 6  GLY A O    3  
ATOM 405  H H    . GLY A 1 6  ? -2.513 -1.904 -0.776 1.00 0.35 ? 6  GLY A H    3  
ATOM 406  H HA2  . GLY A 1 6  ? -3.114 -4.217 -1.712 1.00 0.32 ? 6  GLY A HA2  3  
ATOM 407  H HA3  . GLY A 1 6  ? -4.219 -3.290 -2.723 1.00 0.24 ? 6  GLY A HA3  3  
ATOM 408  N N    . PRO A 1 7  ? -2.289 -1.933 -3.986 1.00 0.14 ? 7  PRO A N    3  
ATOM 409  C CA   . PRO A 1 7  ? -1.260 -1.523 -4.952 1.00 0.21 ? 7  PRO A CA   3  
ATOM 410  C C    . PRO A 1 7  ? 0.087  -1.197 -4.303 1.00 0.24 ? 7  PRO A C    3  
ATOM 411  O O    . PRO A 1 7  ? 1.026  -1.994 -4.354 1.00 0.42 ? 7  PRO A O    3  
ATOM 412  C CB   . PRO A 1 7  ? -1.852 -0.256 -5.589 1.00 0.26 ? 7  PRO A CB   3  
ATOM 413  C CG   . PRO A 1 7  ? -2.902 0.200  -4.631 1.00 0.22 ? 7  PRO A CG   3  
ATOM 414  C CD   . PRO A 1 7  ? -3.467 -1.054 -4.051 1.00 0.15 ? 7  PRO A CD   3  
ATOM 415  H HA   . PRO A 1 7  ? -1.115 -2.274 -5.714 1.00 0.27 ? 7  PRO A HA   3  
ATOM 416  H HB2  . PRO A 1 7  ? -1.076 0.486  -5.708 1.00 0.31 ? 7  PRO A HB2  3  
ATOM 417  H HB3  . PRO A 1 7  ? -2.275 -0.497 -6.552 1.00 0.34 ? 7  PRO A HB3  3  
ATOM 418  H HG2  . PRO A 1 7  ? -2.456 0.806  -3.849 1.00 0.20 ? 7  PRO A HG2  3  
ATOM 419  H HG3  . PRO A 1 7  ? -3.666 0.754  -5.153 1.00 0.29 ? 7  PRO A HG3  3  
ATOM 420  H HD2  . PRO A 1 7  ? -3.872 -0.867 -3.065 1.00 0.12 ? 7  PRO A HD2  3  
ATOM 421  H HD3  . PRO A 1 7  ? -4.223 -1.467 -4.702 1.00 0.20 ? 7  PRO A HD3  3  
ATOM 422  N N    . ASN A 1 8  ? 0.166  -0.026 -3.680 1.00 0.16 ? 8  ASN A N    3  
ATOM 423  C CA   . ASN A 1 8  ? 1.416  0.482  -3.129 1.00 0.24 ? 8  ASN A CA   3  
ATOM 424  C C    . ASN A 1 8  ? 1.141  1.225  -1.836 1.00 0.13 ? 8  ASN A C    3  
ATOM 425  O O    . ASN A 1 8  ? 0.038  1.739  -1.647 1.00 0.24 ? 8  ASN A O    3  
ATOM 426  C CB   . ASN A 1 8  ? 2.093  1.436  -4.121 1.00 0.52 ? 8  ASN A CB   3  
ATOM 427  C CG   . ASN A 1 8  ? 2.609  0.734  -5.359 1.00 1.15 ? 8  ASN A CG   3  
ATOM 428  O OD1  . ASN A 1 8  ? 1.889  0.579  -6.344 1.00 2.04 ? 8  ASN A OD1  3  
ATOM 429  N ND2  . ASN A 1 8  ? 3.862  0.318  -5.324 1.00 1.87 ? 8  ASN A ND2  3  
ATOM 430  H H    . ASN A 1 8  ? -0.648 0.512  -3.572 1.00 0.17 ? 8  ASN A H    3  
ATOM 431  H HA   . ASN A 1 8  ? 2.067  -0.356 -2.931 1.00 0.37 ? 8  ASN A HA   3  
ATOM 432  H HB2  . ASN A 1 8  ? 1.381  2.186  -4.430 1.00 1.25 ? 8  ASN A HB2  3  
ATOM 433  H HB3  . ASN A 1 8  ? 2.924  1.920  -3.631 1.00 1.30 ? 8  ASN A HB3  3  
ATOM 434  H HD21 . ASN A 1 8  ? 4.384  0.483  -4.511 1.00 2.14 ? 8  ASN A HD21 3  
ATOM 435  H HD22 . ASN A 1 8  ? 4.220  -0.143 -6.112 1.00 2.56 ? 8  ASN A HD22 3  
ATOM 436  N N    . PRO A 1 9  ? 2.121  1.253  -0.910 1.00 0.18 ? 9  PRO A N    3  
ATOM 437  C CA   . PRO A 1 9  ? 2.035  2.024  0.345  1.00 0.28 ? 9  PRO A CA   3  
ATOM 438  C C    . PRO A 1 9  ? 1.951  3.531  0.114  1.00 0.34 ? 9  PRO A C    3  
ATOM 439  O O    . PRO A 1 9  ? 2.826  4.290  0.535  1.00 0.82 ? 9  PRO A O    3  
ATOM 440  C CB   . PRO A 1 9  ? 3.342  1.667  1.061  1.00 0.37 ? 9  PRO A CB   3  
ATOM 441  C CG   . PRO A 1 9  ? 4.255  1.264  -0.039 1.00 0.39 ? 9  PRO A CG   3  
ATOM 442  C CD   . PRO A 1 9  ? 3.384  0.499  -0.980 1.00 0.32 ? 9  PRO A CD   3  
ATOM 443  H HA   . PRO A 1 9  ? 1.197  1.712  0.946  1.00 0.36 ? 9  PRO A HA   3  
ATOM 444  H HB2  . PRO A 1 9  ? 3.715  2.530  1.594  1.00 0.44 ? 9  PRO A HB2  3  
ATOM 445  H HB3  . PRO A 1 9  ? 3.168  0.852  1.748  1.00 0.45 ? 9  PRO A HB3  3  
ATOM 446  H HG2  . PRO A 1 9  ? 4.665  2.138  -0.522 1.00 0.42 ? 9  PRO A HG2  3  
ATOM 447  H HG3  . PRO A 1 9  ? 5.042  0.633  0.341  1.00 0.51 ? 9  PRO A HG3  3  
ATOM 448  H HD2  . PRO A 1 9  ? 3.797  0.508  -1.979 1.00 0.40 ? 9  PRO A HD2  3  
ATOM 449  H HD3  . PRO A 1 9  ? 3.250  -0.515 -0.622 1.00 0.43 ? 9  PRO A HD3  3  
ATOM 450  N N    . SER A 1 10 ? 0.905  3.945  -0.575 1.00 0.94 ? 10 SER A N    3  
ATOM 451  C CA   . SER A 1 10 ? 0.629  5.348  -0.784 1.00 1.08 ? 10 SER A CA   3  
ATOM 452  C C    . SER A 1 10 ? -0.793 5.662  -0.339 1.00 0.74 ? 10 SER A C    3  
ATOM 453  O O    . SER A 1 10 ? -1.317 6.747  -0.591 1.00 0.85 ? 10 SER A O    3  
ATOM 454  C CB   . SER A 1 10 ? 0.813  5.707  -2.259 1.00 1.63 ? 10 SER A CB   3  
ATOM 455  O OG   . SER A 1 10 ? 2.089  5.305  -2.730 1.00 2.03 ? 10 SER A OG   3  
ATOM 456  H H    . SER A 1 10 ? 0.303  3.277  -0.975 1.00 1.50 ? 10 SER A H    3  
ATOM 457  H HA   . SER A 1 10 ? 1.320  5.922  -0.187 1.00 1.30 ? 10 SER A HA   3  
ATOM 458  H HB2  . SER A 1 10 ? 0.053  5.211  -2.846 1.00 2.14 ? 10 SER A HB2  3  
ATOM 459  H HB3  . SER A 1 10 ? 0.717  6.775  -2.378 1.00 2.04 ? 10 SER A HB3  3  
ATOM 460  H HG   . SER A 1 10 ? 2.773  5.684  -2.161 1.00 2.21 ? 10 SER A HG   3  
ATOM 461  N N    . SER A 1 11 ? -1.401 4.676  0.337  1.00 0.69 ? 11 SER A N    3  
ATOM 462  C CA   . SER A 1 11 ? -2.782 4.761  0.825  1.00 1.03 ? 11 SER A CA   3  
ATOM 463  C C    . SER A 1 11 ? -3.747 5.230  -0.262 1.00 1.58 ? 11 SER A C    3  
ATOM 464  O O    . SER A 1 11 ? -4.486 6.200  -0.085 1.00 2.41 ? 11 SER A O    3  
ATOM 465  C CB   . SER A 1 11 ? -2.877 5.658  2.072  1.00 2.20 ? 11 SER A CB   3  
ATOM 466  O OG   . SER A 1 11 ? -2.157 6.873  1.921  1.00 2.99 ? 11 SER A OG   3  
ATOM 467  H H    . SER A 1 11 ? -0.894 3.852  0.519  1.00 0.72 ? 11 SER A H    3  
ATOM 468  H HA   . SER A 1 11 ? -3.071 3.761  1.110  1.00 1.44 ? 11 SER A HA   3  
ATOM 469  H HB2  . SER A 1 11 ? -3.914 5.896  2.257  1.00 2.74 ? 11 SER A HB2  3  
ATOM 470  H HB3  . SER A 1 11 ? -2.479 5.123  2.922  1.00 2.57 ? 11 SER A HB3  3  
ATOM 471  H HG   . SER A 1 11 ? -1.973 7.022  0.981  1.00 3.04 ? 11 SER A HG   3  
ATOM 472  N N    . ASN A 1 12 ? -3.739 4.531  -1.385 1.00 2.18 ? 12 ASN A N    3  
ATOM 473  C CA   . ASN A 1 12 ? -4.619 4.859  -2.492 1.00 3.40 ? 12 ASN A CA   3  
ATOM 474  C C    . ASN A 1 12 ? -5.632 3.742  -2.718 1.00 4.15 ? 12 ASN A C    3  
ATOM 475  O O    . ASN A 1 12 ? -6.824 3.952  -2.402 1.00 4.53 ? 12 ASN A O    3  
ATOM 476  C CB   . ASN A 1 12 ? -3.818 5.152  -3.774 1.00 4.29 ? 12 ASN A CB   3  
ATOM 477  C CG   . ASN A 1 12 ? -2.904 4.017  -4.213 1.00 4.67 ? 12 ASN A CG   3  
ATOM 478  O OD1  . ASN A 1 12 ? -2.354 3.279  -3.395 1.00 4.87 ? 12 ASN A OD1  3  
ATOM 479  N ND2  . ASN A 1 12 ? -2.736 3.876  -5.519 1.00 5.23 ? 12 ASN A ND2  3  
ATOM 480  O OXT  . ASN A 1 12 ? -5.240 2.650  -3.176 1.00 4.76 ? 12 ASN A OXT  3  
ATOM 481  H H    . ASN A 1 12 ? -3.128 3.767  -1.472 1.00 2.25 ? 12 ASN A H    3  
ATOM 482  H HA   . ASN A 1 12 ? -5.162 5.750  -2.214 1.00 3.54 ? 12 ASN A HA   3  
ATOM 483  H HB2  . ASN A 1 12 ? -4.510 5.353  -4.577 1.00 4.67 ? 12 ASN A HB2  3  
ATOM 484  H HB3  . ASN A 1 12 ? -3.211 6.031  -3.610 1.00 4.72 ? 12 ASN A HB3  3  
ATOM 485  H HD21 . ASN A 1 12 ? -3.198 4.503  -6.115 1.00 5.35 ? 12 ASN A HD21 3  
ATOM 486  H HD22 . ASN A 1 12 ? -2.161 3.151  -5.837 1.00 5.71 ? 12 ASN A HD22 3  
ATOM 487  N N    . HIS A 1 1  ? 5.554  -5.325 1.166  1.00 2.27 ? 1  HIS A N    4  
ATOM 488  C CA   . HIS A 1 1  ? 6.376  -5.149 2.387  1.00 2.26 ? 1  HIS A CA   4  
ATOM 489  C C    . HIS A 1 1  ? 5.683  -4.223 3.381  1.00 1.76 ? 1  HIS A C    4  
ATOM 490  O O    . HIS A 1 1  ? 5.829  -4.383 4.591  1.00 2.08 ? 1  HIS A O    4  
ATOM 491  C CB   . HIS A 1 1  ? 7.758  -4.585 2.021  1.00 2.81 ? 1  HIS A CB   4  
ATOM 492  C CG   . HIS A 1 1  ? 8.668  -4.370 3.196  1.00 3.60 ? 1  HIS A CG   4  
ATOM 493  N ND1  . HIS A 1 1  ? 9.027  -3.119 3.651  1.00 4.28 ? 1  HIS A ND1  4  
ATOM 494  C CD2  . HIS A 1 1  ? 9.312  -5.254 3.994  1.00 4.28 ? 1  HIS A CD2  4  
ATOM 495  C CE1  . HIS A 1 1  ? 9.848  -3.243 4.676  1.00 5.11 ? 1  HIS A CE1  4  
ATOM 496  N NE2  . HIS A 1 1  ? 10.038 -4.528 4.906  1.00 5.12 ? 1  HIS A NE2  4  
ATOM 497  H H1   . HIS A 1 1  ? 5.407  -4.410 0.694  1.00 2.72 ? 1  HIS A H1   4  
ATOM 498  H H2   . HIS A 1 1  ? 4.627  -5.724 1.414  1.00 2.51 ? 1  HIS A H2   4  
ATOM 499  H H3   . HIS A 1 1  ? 6.030  -5.970 0.502  1.00 2.10 ? 1  HIS A H3   4  
ATOM 500  H HA   . HIS A 1 1  ? 6.504  -6.116 2.849  1.00 2.60 ? 1  HIS A HA   4  
ATOM 501  H HB2  . HIS A 1 1  ? 8.249  -5.269 1.347  1.00 3.14 ? 1  HIS A HB2  4  
ATOM 502  H HB3  . HIS A 1 1  ? 7.627  -3.633 1.524  1.00 2.88 ? 1  HIS A HB3  4  
ATOM 503  H HD1  . HIS A 1 1  ? 8.728  -2.259 3.273  1.00 4.42 ? 1  HIS A HD1  4  
ATOM 504  H HD2  . HIS A 1 1  ? 9.261  -6.333 3.930  1.00 4.46 ? 1  HIS A HD2  4  
ATOM 505  H HE1  . HIS A 1 1  ? 10.288 -2.430 5.232  1.00 5.89 ? 1  HIS A HE1  4  
ATOM 506  H HE2  . HIS A 1 1  ? 10.724 -4.894 5.510  1.00 5.79 ? 1  HIS A HE2  4  
ATOM 507  N N    . GLU A 1 2  ? 4.930  -3.257 2.874  1.00 1.24 ? 2  GLU A N    4  
ATOM 508  C CA   . GLU A 1 2  ? 4.300  -2.264 3.730  1.00 0.93 ? 2  GLU A CA   4  
ATOM 509  C C    . GLU A 1 2  ? 2.837  -2.615 3.994  1.00 1.04 ? 2  GLU A C    4  
ATOM 510  O O    . GLU A 1 2  ? 2.244  -2.124 4.953  1.00 2.06 ? 2  GLU A O    4  
ATOM 511  C CB   . GLU A 1 2  ? 4.405  -0.883 3.084  1.00 0.96 ? 2  GLU A CB   4  
ATOM 512  C CG   . GLU A 1 2  ? 4.119  0.263  4.041  1.00 1.86 ? 2  GLU A CG   4  
ATOM 513  C CD   . GLU A 1 2  ? 5.042  0.263  5.243  1.00 2.49 ? 2  GLU A CD   4  
ATOM 514  O OE1  . GLU A 1 2  ? 6.254  0.520  5.069  1.00 2.96 ? 2  GLU A OE1  4  
ATOM 515  O OE2  . GLU A 1 2  ? 4.559  0.009  6.367  1.00 2.85 ? 2  GLU A OE2  4  
ATOM 516  H H    . GLU A 1 2  ? 4.800  -3.203 1.902  1.00 1.39 ? 2  GLU A H    4  
ATOM 517  H HA   . GLU A 1 2  ? 4.830  -2.252 4.670  1.00 1.15 ? 2  GLU A HA   4  
ATOM 518  H HB2  . GLU A 1 2  ? 5.405  -0.759 2.697  1.00 1.29 ? 2  GLU A HB2  4  
ATOM 519  H HB3  . GLU A 1 2  ? 3.701  -0.825 2.259  1.00 0.85 ? 2  GLU A HB3  4  
ATOM 520  H HG2  . GLU A 1 2  ? 4.242  1.196  3.515  1.00 2.20 ? 2  GLU A HG2  4  
ATOM 521  H HG3  . GLU A 1 2  ? 3.100  0.177  4.388  1.00 2.30 ? 2  GLU A HG3  4  
ATOM 522  N N    . VAL A 1 3  ? 2.281  -3.490 3.161  1.00 0.41 ? 3  VAL A N    4  
ATOM 523  C CA   . VAL A 1 3  ? 0.876  -3.867 3.241  1.00 0.51 ? 3  VAL A CA   4  
ATOM 524  C C    . VAL A 1 3  ? -0.029 -2.627 3.218  1.00 0.36 ? 3  VAL A C    4  
ATOM 525  O O    . VAL A 1 3  ? -0.533 -2.174 4.253  1.00 0.47 ? 3  VAL A O    4  
ATOM 526  C CB   . VAL A 1 3  ? 0.611  -4.709 4.501  1.00 0.84 ? 3  VAL A CB   4  
ATOM 527  C CG1  . VAL A 1 3  ? -0.850 -5.132 4.592  1.00 1.85 ? 3  VAL A CG1  4  
ATOM 528  C CG2  . VAL A 1 3  ? 1.518  -5.930 4.527  1.00 1.56 ? 3  VAL A CG2  4  
ATOM 529  H H    . VAL A 1 3  ? 2.834  -3.916 2.493  1.00 0.95 ? 3  VAL A H    4  
ATOM 530  H HA   . VAL A 1 3  ? 0.649  -4.474 2.376  1.00 0.70 ? 3  VAL A HA   4  
ATOM 531  H HB   . VAL A 1 3  ? 0.852  -4.099 5.351  1.00 1.10 ? 3  VAL A HB   4  
ATOM 532  H HG11 . VAL A 1 3  ? -1.101 -5.742 3.737  1.00 2.26 ? 3  VAL A HG11 4  
ATOM 533  H HG12 . VAL A 1 3  ? -1.478 -4.254 4.605  1.00 2.51 ? 3  VAL A HG12 4  
ATOM 534  H HG13 . VAL A 1 3  ? -1.005 -5.699 5.498  1.00 2.27 ? 3  VAL A HG13 4  
ATOM 535  H HG21 . VAL A 1 3  ? 1.313  -6.547 3.666  1.00 1.99 ? 3  VAL A HG21 4  
ATOM 536  H HG22 . VAL A 1 3  ? 1.333  -6.496 5.428  1.00 2.02 ? 3  VAL A HG22 4  
ATOM 537  H HG23 . VAL A 1 3  ? 2.549  -5.613 4.506  1.00 2.17 ? 3  VAL A HG23 4  
ATOM 538  N N    . PRO A 1 4  ? -0.217 -2.043 2.024  1.00 0.22 ? 4  PRO A N    4  
ATOM 539  C CA   . PRO A 1 4  ? -1.052 -0.861 1.831  1.00 0.10 ? 4  PRO A CA   4  
ATOM 540  C C    . PRO A 1 4  ? -2.511 -1.240 1.571  1.00 0.12 ? 4  PRO A C    4  
ATOM 541  O O    . PRO A 1 4  ? -3.009 -2.216 2.136  1.00 0.23 ? 4  PRO A O    4  
ATOM 542  C CB   . PRO A 1 4  ? -0.416 -0.241 0.591  1.00 0.29 ? 4  PRO A CB   4  
ATOM 543  C CG   . PRO A 1 4  ? 0.001  -1.415 -0.228 1.00 0.42 ? 4  PRO A CG   4  
ATOM 544  C CD   . PRO A 1 4  ? 0.382  -2.496 0.752  1.00 0.43 ? 4  PRO A CD   4  
ATOM 545  H HA   . PRO A 1 4  ? -0.989 -0.177 2.662  1.00 0.19 ? 4  PRO A HA   4  
ATOM 546  H HB2  . PRO A 1 4  ? -1.140 0.370  0.071  1.00 0.36 ? 4  PRO A HB2  4  
ATOM 547  H HB3  . PRO A 1 4  ? 0.438  0.362  0.877  1.00 0.36 ? 4  PRO A HB3  4  
ATOM 548  H HG2  . PRO A 1 4  ? -0.820 -1.741 -0.846 1.00 0.48 ? 4  PRO A HG2  4  
ATOM 549  H HG3  . PRO A 1 4  ? 0.851  -1.150 -0.840 1.00 0.55 ? 4  PRO A HG3  4  
ATOM 550  H HD2  . PRO A 1 4  ? -0.037 -3.444 0.446  1.00 0.56 ? 4  PRO A HD2  4  
ATOM 551  H HD3  . PRO A 1 4  ? 1.454  -2.565 0.836  1.00 0.56 ? 4  PRO A HD3  4  
ATOM 552  N N    . SER A 1 5  ? -3.193 -0.487 0.718  1.00 0.13 ? 5  SER A N    4  
ATOM 553  C CA   . SER A 1 5  ? -4.557 -0.825 0.339  1.00 0.18 ? 5  SER A CA   4  
ATOM 554  C C    . SER A 1 5  ? -4.549 -1.989 -0.649 1.00 0.18 ? 5  SER A C    4  
ATOM 555  O O    . SER A 1 5  ? -5.571 -2.634 -0.891 1.00 0.47 ? 5  SER A O    4  
ATOM 556  C CB   . SER A 1 5  ? -5.237 0.392  -0.284 1.00 0.37 ? 5  SER A CB   4  
ATOM 557  O OG   . SER A 1 5  ? -4.423 0.953  -1.301 1.00 1.59 ? 5  SER A OG   4  
ATOM 558  H H    . SER A 1 5  ? -2.776 0.313  0.328  1.00 0.18 ? 5  SER A H    4  
ATOM 559  H HA   . SER A 1 5  ? -5.092 -1.118 1.229  1.00 0.28 ? 5  SER A HA   4  
ATOM 560  H HB2  . SER A 1 5  ? -6.179 0.094  -0.716 1.00 0.91 ? 5  SER A HB2  4  
ATOM 561  H HB3  . SER A 1 5  ? -5.406 1.138  0.478  1.00 1.05 ? 5  SER A HB3  4  
ATOM 562  H HG   . SER A 1 5  ? -3.999 1.755  -0.966 1.00 2.01 ? 5  SER A HG   4  
ATOM 563  N N    . GLY A 1 6  ? -3.372 -2.251 -1.199 1.00 0.16 ? 6  GLY A N    4  
ATOM 564  C CA   . GLY A 1 6  ? -3.216 -3.277 -2.206 1.00 0.19 ? 6  GLY A CA   4  
ATOM 565  C C    . GLY A 1 6  ? -2.129 -2.917 -3.204 1.00 0.17 ? 6  GLY A C    4  
ATOM 566  O O    . GLY A 1 6  ? -1.123 -3.620 -3.304 1.00 0.25 ? 6  GLY A O    4  
ATOM 567  H H    . GLY A 1 6  ? -2.594 -1.731 -0.919 1.00 0.35 ? 6  GLY A H    4  
ATOM 568  H HA2  . GLY A 1 6  ? -2.959 -4.209 -1.725 1.00 0.32 ? 6  GLY A HA2  4  
ATOM 569  H HA3  . GLY A 1 6  ? -4.150 -3.397 -2.734 1.00 0.24 ? 6  GLY A HA3  4  
ATOM 570  N N    . PRO A 1 7  ? -2.304 -1.812 -3.952 1.00 0.14 ? 7  PRO A N    4  
ATOM 571  C CA   . PRO A 1 7  ? -1.328 -1.341 -4.947 1.00 0.21 ? 7  PRO A CA   4  
ATOM 572  C C    . PRO A 1 7  ? 0.083  -1.133 -4.382 1.00 0.24 ? 7  PRO A C    4  
ATOM 573  O O    . PRO A 1 7  ? 0.998  -1.910 -4.663 1.00 0.42 ? 7  PRO A O    4  
ATOM 574  C CB   . PRO A 1 7  ? -1.907 0.006  -5.414 1.00 0.26 ? 7  PRO A CB   4  
ATOM 575  C CG   . PRO A 1 7  ? -2.947 0.361  -4.404 1.00 0.22 ? 7  PRO A CG   4  
ATOM 576  C CD   . PRO A 1 7  ? -3.490 -0.942 -3.918 1.00 0.15 ? 7  PRO A CD   4  
ATOM 577  H HA   . PRO A 1 7  ? -1.274 -2.015 -5.790 1.00 0.27 ? 7  PRO A HA   4  
ATOM 578  H HB2  . PRO A 1 7  ? -1.121 0.744  -5.444 1.00 0.31 ? 7  PRO A HB2  4  
ATOM 579  H HB3  . PRO A 1 7  ? -2.337 -0.107 -6.398 1.00 0.34 ? 7  PRO A HB3  4  
ATOM 580  H HG2  . PRO A 1 7  ? -2.499 0.908  -3.585 1.00 0.20 ? 7  PRO A HG2  4  
ATOM 581  H HG3  . PRO A 1 7  ? -3.729 0.945  -4.868 1.00 0.29 ? 7  PRO A HG3  4  
ATOM 582  H HD2  . PRO A 1 7  ? -3.874 -0.845 -2.911 1.00 0.12 ? 7  PRO A HD2  4  
ATOM 583  H HD3  . PRO A 1 7  ? -4.257 -1.308 -4.585 1.00 0.20 ? 7  PRO A HD3  4  
ATOM 584  N N    . ASN A 1 8  ? 0.243  -0.085 -3.582 1.00 0.16 ? 8  ASN A N    4  
ATOM 585  C CA   . ASN A 1 8  ? 1.549  0.323  -3.075 1.00 0.24 ? 8  ASN A CA   4  
ATOM 586  C C    . ASN A 1 8  ? 1.338  1.279  -1.908 1.00 0.13 ? 8  ASN A C    4  
ATOM 587  O O    . ASN A 1 8  ? 0.310  1.954  -1.860 1.00 0.24 ? 8  ASN A O    4  
ATOM 588  C CB   . ASN A 1 8  ? 2.345  1.010  -4.201 1.00 0.52 ? 8  ASN A CB   4  
ATOM 589  C CG   . ASN A 1 8  ? 3.753  1.407  -3.793 1.00 1.15 ? 8  ASN A CG   4  
ATOM 590  O OD1  . ASN A 1 8  ? 4.679  0.601  -3.854 1.00 2.04 ? 8  ASN A OD1  4  
ATOM 591  N ND2  . ASN A 1 8  ? 3.933  2.658  -3.393 1.00 1.87 ? 8  ASN A ND2  4  
ATOM 592  H H    . ASN A 1 8  ? -0.547 0.434  -3.317 1.00 0.17 ? 8  ASN A H    4  
ATOM 593  H HA   . ASN A 1 8  ? 2.078  -0.553 -2.736 1.00 0.37 ? 8  ASN A HA   4  
ATOM 594  H HB2  . ASN A 1 8  ? 2.418  0.335  -5.041 1.00 1.25 ? 8  ASN A HB2  4  
ATOM 595  H HB3  . ASN A 1 8  ? 1.816  1.900  -4.511 1.00 1.30 ? 8  ASN A HB3  4  
ATOM 596  H HD21 . ASN A 1 8  ? 3.159  3.262  -3.383 1.00 2.14 ? 8  ASN A HD21 4  
ATOM 597  H HD22 . ASN A 1 8  ? 4.837  2.933  -3.128 1.00 2.56 ? 8  ASN A HD22 4  
ATOM 598  N N    . PRO A 1 9  ? 2.256  1.307  -0.916 1.00 0.18 ? 9  PRO A N    4  
ATOM 599  C CA   . PRO A 1 9  ? 2.187  2.246  0.223  1.00 0.28 ? 9  PRO A CA   4  
ATOM 600  C C    . PRO A 1 9  ? 2.280  3.724  -0.175 1.00 0.34 ? 9  PRO A C    4  
ATOM 601  O O    . PRO A 1 9  ? 3.129  4.468  0.326  1.00 0.82 ? 9  PRO A O    4  
ATOM 602  C CB   . PRO A 1 9  ? 3.389  1.854  1.081  1.00 0.37 ? 9  PRO A CB   4  
ATOM 603  C CG   . PRO A 1 9  ? 4.306  1.150  0.145  1.00 0.39 ? 9  PRO A CG   4  
ATOM 604  C CD   . PRO A 1 9  ? 3.402  0.390  -0.773 1.00 0.32 ? 9  PRO A CD   4  
ATOM 605  H HA   . PRO A 1 9  ? 1.282  2.097  0.792  1.00 0.36 ? 9  PRO A HA   4  
ATOM 606  H HB2  . PRO A 1 9  ? 3.846  2.741  1.497  1.00 0.44 ? 9  PRO A HB2  4  
ATOM 607  H HB3  . PRO A 1 9  ? 3.060  1.202  1.875  1.00 0.45 ? 9  PRO A HB3  4  
ATOM 608  H HG2  . PRO A 1 9  ? 4.895  1.867  -0.407 1.00 0.42 ? 9  PRO A HG2  4  
ATOM 609  H HG3  . PRO A 1 9  ? 4.947  0.472  0.692  1.00 0.51 ? 9  PRO A HG3  4  
ATOM 610  H HD2  . PRO A 1 9  ? 3.886  0.212  -1.725 1.00 0.40 ? 9  PRO A HD2  4  
ATOM 611  H HD3  . PRO A 1 9  ? 3.099  -0.542 -0.313 1.00 0.43 ? 9  PRO A HD3  4  
ATOM 612  N N    . SER A 1 10 ? 1.411  4.132  -1.077 1.00 0.94 ? 10 SER A N    4  
ATOM 613  C CA   . SER A 1 10 ? 1.236  5.528  -1.419 1.00 1.08 ? 10 SER A CA   4  
ATOM 614  C C    . SER A 1 10 ? -0.192 5.936  -1.084 1.00 0.74 ? 10 SER A C    4  
ATOM 615  O O    . SER A 1 10 ? -0.533 7.119  -1.059 1.00 0.85 ? 10 SER A O    4  
ATOM 616  C CB   . SER A 1 10 ? 1.524  5.746  -2.905 1.00 1.63 ? 10 SER A CB   4  
ATOM 617  O OG   . SER A 1 10 ? 2.806  5.245  -3.251 1.00 2.03 ? 10 SER A OG   4  
ATOM 618  H H    . SER A 1 10 ? 0.861  3.462  -1.540 1.00 1.50 ? 10 SER A H    4  
ATOM 619  H HA   . SER A 1 10 ? 1.926  6.113  -0.828 1.00 1.30 ? 10 SER A HA   4  
ATOM 620  H HB2  . SER A 1 10 ? 0.780  5.229  -3.491 1.00 2.14 ? 10 SER A HB2  4  
ATOM 621  H HB3  . SER A 1 10 ? 1.490  6.802  -3.128 1.00 2.04 ? 10 SER A HB3  4  
ATOM 622  H HG   . SER A 1 10 ? 3.479  5.724  -2.750 1.00 2.21 ? 10 SER A HG   4  
ATOM 623  N N    . SER A 1 11 ? -1.019 4.929  -0.815 1.00 0.69 ? 11 SER A N    4  
ATOM 624  C CA   . SER A 1 11 ? -2.417 5.127  -0.467 1.00 1.03 ? 11 SER A CA   4  
ATOM 625  C C    . SER A 1 11 ? -2.929 3.903  0.288  1.00 1.58 ? 11 SER A C    4  
ATOM 626  O O    . SER A 1 11 ? -2.811 2.773  -0.193 1.00 2.41 ? 11 SER A O    4  
ATOM 627  C CB   . SER A 1 11 ? -3.262 5.367  -1.725 1.00 2.20 ? 11 SER A CB   4  
ATOM 628  O OG   . SER A 1 11 ? -2.812 6.512  -2.435 1.00 2.99 ? 11 SER A OG   4  
ATOM 629  H H    . SER A 1 11 ? -0.667 4.009  -0.830 1.00 0.72 ? 11 SER A H    4  
ATOM 630  H HA   . SER A 1 11 ? -2.483 5.992  0.178  1.00 1.44 ? 11 SER A HA   4  
ATOM 631  H HB2  . SER A 1 11 ? -3.192 4.505  -2.374 1.00 2.74 ? 11 SER A HB2  4  
ATOM 632  H HB3  . SER A 1 11 ? -4.292 5.518  -1.439 1.00 2.57 ? 11 SER A HB3  4  
ATOM 633  H HG   . SER A 1 11 ? -2.160 6.982  -1.895 1.00 3.04 ? 11 SER A HG   4  
ATOM 634  N N    . ASN A 1 12 ? -3.472 4.122  1.473  1.00 2.18 ? 12 ASN A N    4  
ATOM 635  C CA   . ASN A 1 12 ? -3.949 3.025  2.305  1.00 3.40 ? 12 ASN A CA   4  
ATOM 636  C C    . ASN A 1 12 ? -5.388 3.268  2.731  1.00 4.15 ? 12 ASN A C    4  
ATOM 637  O O    . ASN A 1 12 ? -6.279 2.538  2.259  1.00 4.53 ? 12 ASN A O    4  
ATOM 638  C CB   . ASN A 1 12 ? -3.049 2.853  3.531  1.00 4.29 ? 12 ASN A CB   4  
ATOM 639  C CG   . ASN A 1 12 ? -3.497 1.715  4.426  1.00 4.67 ? 12 ASN A CG   4  
ATOM 640  O OD1  . ASN A 1 12 ? -3.114 0.562  4.220  1.00 4.87 ? 12 ASN A OD1  4  
ATOM 641  N ND2  . ASN A 1 12 ? -4.299 2.027  5.431  1.00 5.23 ? 12 ASN A ND2  4  
ATOM 642  O OXT  . ASN A 1 12 ? -5.626 4.212  3.516  1.00 4.76 ? 12 ASN A OXT  4  
ATOM 643  H H    . ASN A 1 12 ? -3.561 5.042  1.799  1.00 2.25 ? 12 ASN A H    4  
ATOM 644  H HA   . ASN A 1 12 ? -3.911 2.123  1.713  1.00 3.54 ? 12 ASN A HA   4  
ATOM 645  H HB2  . ASN A 1 12 ? -2.041 2.652  3.203  1.00 4.67 ? 12 ASN A HB2  4  
ATOM 646  H HB3  . ASN A 1 12 ? -3.059 3.766  4.108  1.00 4.72 ? 12 ASN A HB3  4  
ATOM 647  H HD21 . ASN A 1 12 ? -4.561 2.965  5.538  1.00 5.35 ? 12 ASN A HD21 4  
ATOM 648  H HD22 . ASN A 1 12 ? -4.595 1.307  6.031  1.00 5.71 ? 12 ASN A HD22 4  
ATOM 649  N N    . HIS A 1 1  ? 3.320  -6.441 -0.964 1.00 2.27 ? 1  HIS A N    5  
ATOM 650  C CA   . HIS A 1 1  ? 3.612  -4.988 -0.967 1.00 2.26 ? 1  HIS A CA   5  
ATOM 651  C C    . HIS A 1 1  ? 3.731  -4.487 0.466  1.00 1.76 ? 1  HIS A C    5  
ATOM 652  O O    . HIS A 1 1  ? 3.511  -5.243 1.411  1.00 2.08 ? 1  HIS A O    5  
ATOM 653  C CB   . HIS A 1 1  ? 2.516  -4.213 -1.714 1.00 2.81 ? 1  HIS A CB   5  
ATOM 654  C CG   . HIS A 1 1  ? 2.484  -4.471 -3.192 1.00 3.60 ? 1  HIS A CG   5  
ATOM 655  N ND1  . HIS A 1 1  ? 1.348  -4.870 -3.867 1.00 4.28 ? 1  HIS A ND1  5  
ATOM 656  C CD2  . HIS A 1 1  ? 3.455  -4.369 -4.130 1.00 4.28 ? 1  HIS A CD2  5  
ATOM 657  C CE1  . HIS A 1 1  ? 1.624  -5.006 -5.148 1.00 5.11 ? 1  HIS A CE1  5  
ATOM 658  N NE2  . HIS A 1 1  ? 2.895  -4.706 -5.336 1.00 5.12 ? 1  HIS A NE2  5  
ATOM 659  H H1   . HIS A 1 1  ? 3.243  -6.800 -1.936 1.00 2.72 ? 1  HIS A H1   5  
ATOM 660  H H2   . HIS A 1 1  ? 2.428  -6.622 -0.466 1.00 2.51 ? 1  HIS A H2   5  
ATOM 661  H H3   . HIS A 1 1  ? 4.081  -6.954 -0.475 1.00 2.10 ? 1  HIS A H3   5  
ATOM 662  H HA   . HIS A 1 1  ? 4.558  -4.836 -1.468 1.00 2.60 ? 1  HIS A HA   5  
ATOM 663  H HB2  . HIS A 1 1  ? 1.554  -4.489 -1.311 1.00 3.14 ? 1  HIS A HB2  5  
ATOM 664  H HB3  . HIS A 1 1  ? 2.670  -3.155 -1.564 1.00 2.88 ? 1  HIS A HB3  5  
ATOM 665  H HD1  . HIS A 1 1  ? 0.461  -5.020 -3.464 1.00 4.42 ? 1  HIS A HD1  5  
ATOM 666  H HD2  . HIS A 1 1  ? 4.482  -4.077 -3.961 1.00 4.46 ? 1  HIS A HD2  5  
ATOM 667  H HE1  . HIS A 1 1  ? 0.930  -5.312 -5.916 1.00 5.89 ? 1  HIS A HE1  5  
ATOM 668  H HE2  . HIS A 1 1  ? 3.396  -4.872 -6.167 1.00 5.79 ? 1  HIS A HE2  5  
ATOM 669  N N    . GLU A 1 2  ? 4.078  -3.213 0.626  1.00 1.24 ? 2  GLU A N    5  
ATOM 670  C CA   . GLU A 1 2  ? 4.338  -2.642 1.946  1.00 0.93 ? 2  GLU A CA   5  
ATOM 671  C C    . GLU A 1 2  ? 3.044  -2.348 2.704  1.00 1.04 ? 2  GLU A C    5  
ATOM 672  O O    . GLU A 1 2  ? 2.701  -1.185 2.927  1.00 2.06 ? 2  GLU A O    5  
ATOM 673  C CB   . GLU A 1 2  ? 5.157  -1.357 1.810  1.00 0.96 ? 2  GLU A CB   5  
ATOM 674  C CG   . GLU A 1 2  ? 5.737  -0.858 3.125  1.00 1.86 ? 2  GLU A CG   5  
ATOM 675  C CD   . GLU A 1 2  ? 6.642  -1.878 3.784  1.00 2.49 ? 2  GLU A CD   5  
ATOM 676  O OE1  . GLU A 1 2  ? 6.137  -2.733 4.541  1.00 2.85 ? 2  GLU A OE1  5  
ATOM 677  O OE2  . GLU A 1 2  ? 7.866  -1.835 3.544  1.00 2.96 ? 2  GLU A OE2  5  
ATOM 678  H H    . GLU A 1 2  ? 4.179  -2.642 -0.168 1.00 1.39 ? 2  GLU A H    5  
ATOM 679  H HA   . GLU A 1 2  ? 4.910  -3.361 2.508  1.00 1.15 ? 2  GLU A HA   5  
ATOM 680  H HB2  . GLU A 1 2  ? 5.963  -1.518 1.117  1.00 1.29 ? 2  GLU A HB2  5  
ATOM 681  H HB3  . GLU A 1 2  ? 4.515  -0.591 1.414  1.00 0.85 ? 2  GLU A HB3  5  
ATOM 682  H HG2  . GLU A 1 2  ? 6.309  0.037  2.936  1.00 2.20 ? 2  GLU A HG2  5  
ATOM 683  H HG3  . GLU A 1 2  ? 4.925  -0.630 3.800  1.00 2.30 ? 2  GLU A HG3  5  
ATOM 684  N N    . VAL A 1 3  ? 2.342  -3.426 3.079  1.00 0.41 ? 3  VAL A N    5  
ATOM 685  C CA   . VAL A 1 3  ? 1.055  -3.377 3.793  1.00 0.51 ? 3  VAL A CA   5  
ATOM 686  C C    . VAL A 1 3  ? 0.209  -2.140 3.419  1.00 0.36 ? 3  VAL A C    5  
ATOM 687  O O    . VAL A 1 3  ? -0.115 -1.294 4.256  1.00 0.47 ? 3  VAL A O    5  
ATOM 688  C CB   . VAL A 1 3  ? 1.259  -3.496 5.331  1.00 0.84 ? 3  VAL A CB   5  
ATOM 689  C CG1  . VAL A 1 3  ? 2.042  -2.319 5.902  1.00 1.85 ? 3  VAL A CG1  5  
ATOM 690  C CG2  . VAL A 1 3  ? -0.075 -3.670 6.043  1.00 1.56 ? 3  VAL A CG2  5  
ATOM 691  H H    . VAL A 1 3  ? 2.714  -4.310 2.866  1.00 0.95 ? 3  VAL A H    5  
ATOM 692  H HA   . VAL A 1 3  ? 0.501  -4.250 3.478  1.00 0.70 ? 3  VAL A HA   5  
ATOM 693  H HB   . VAL A 1 3  ? 1.841  -4.387 5.510  1.00 1.10 ? 3  VAL A HB   5  
ATOM 694  H HG11 . VAL A 1 3  ? 1.496  -1.404 5.724  1.00 2.26 ? 3  VAL A HG11 5  
ATOM 695  H HG12 . VAL A 1 3  ? 3.008  -2.264 5.423  1.00 2.51 ? 3  VAL A HG12 5  
ATOM 696  H HG13 . VAL A 1 3  ? 2.174  -2.458 6.966  1.00 2.27 ? 3  VAL A HG13 5  
ATOM 697  H HG21 . VAL A 1 3  ? -0.557 -4.568 5.688  1.00 1.99 ? 3  VAL A HG21 5  
ATOM 698  H HG22 . VAL A 1 3  ? -0.706 -2.818 5.838  1.00 2.02 ? 3  VAL A HG22 5  
ATOM 699  H HG23 . VAL A 1 3  ? 0.091  -3.746 7.107  1.00 2.17 ? 3  VAL A HG23 5  
ATOM 700  N N    . PRO A 1 4  ? -0.162 -2.016 2.138  1.00 0.22 ? 4  PRO A N    5  
ATOM 701  C CA   . PRO A 1 4  ? -0.927 -0.890 1.642  1.00 0.10 ? 4  PRO A CA   5  
ATOM 702  C C    . PRO A 1 4  ? -2.409 -1.222 1.512  1.00 0.12 ? 4  PRO A C    5  
ATOM 703  O O    . PRO A 1 4  ? -2.912 -2.128 2.181  1.00 0.23 ? 4  PRO A O    5  
ATOM 704  C CB   . PRO A 1 4  ? -0.291 -0.699 0.270  1.00 0.29 ? 4  PRO A CB   5  
ATOM 705  C CG   . PRO A 1 4  ? 0.042  -2.087 -0.191 1.00 0.42 ? 4  PRO A CG   5  
ATOM 706  C CD   . PRO A 1 4  ? 0.134  -2.954 1.047  1.00 0.43 ? 4  PRO A CD   5  
ATOM 707  H HA   . PRO A 1 4  ? -0.791 -0.002 2.242  1.00 0.19 ? 4  PRO A HA   5  
ATOM 708  H HB2  . PRO A 1 4  ? -0.995 -0.217 -0.398 1.00 0.36 ? 4  PRO A HB2  5  
ATOM 709  H HB3  . PRO A 1 4  ? 0.600  -0.094 0.364  1.00 0.36 ? 4  PRO A HB3  5  
ATOM 710  H HG2  . PRO A 1 4  ? -0.738 -2.451 -0.843 1.00 0.48 ? 4  PRO A HG2  5  
ATOM 711  H HG3  . PRO A 1 4  ? 0.989  -2.079 -0.711 1.00 0.55 ? 4  PRO A HG3  5  
ATOM 712  H HD2  . PRO A 1 4  ? -0.599 -3.744 1.009  1.00 0.56 ? 4  PRO A HD2  5  
ATOM 713  H HD3  . PRO A 1 4  ? 1.129  -3.362 1.149  1.00 0.56 ? 4  PRO A HD3  5  
ATOM 714  N N    . SER A 1 5  ? -3.102 -0.505 0.642  1.00 0.13 ? 5  SER A N    5  
ATOM 715  C CA   . SER A 1 5  ? -4.488 -0.810 0.346  1.00 0.18 ? 5  SER A CA   5  
ATOM 716  C C    . SER A 1 5  ? -4.549 -1.781 -0.829 1.00 0.18 ? 5  SER A C    5  
ATOM 717  O O    . SER A 1 5  ? -5.597 -1.984 -1.436 1.00 0.47 ? 5  SER A O    5  
ATOM 718  C CB   . SER A 1 5  ? -5.245 0.475  0.018  1.00 0.37 ? 5  SER A CB   5  
ATOM 719  O OG   . SER A 1 5  ? -4.972 1.481  0.981  1.00 1.59 ? 5  SER A OG   5  
ATOM 720  H H    . SER A 1 5  ? -2.671 0.251  0.181  1.00 0.18 ? 5  SER A H    5  
ATOM 721  H HA   . SER A 1 5  ? -4.927 -1.276 1.216  1.00 0.28 ? 5  SER A HA   5  
ATOM 722  H HB2  . SER A 1 5  ? -4.942 0.832  -0.955 1.00 0.91 ? 5  SER A HB2  5  
ATOM 723  H HB3  . SER A 1 5  ? -6.306 0.275  0.014  1.00 1.05 ? 5  SER A HB3  5  
ATOM 724  H HG   . SER A 1 5  ? -4.861 1.072  1.850  1.00 2.01 ? 5  SER A HG   5  
ATOM 725  N N    . GLY A 1 6  ? -3.400 -2.370 -1.141 1.00 0.16 ? 6  GLY A N    5  
ATOM 726  C CA   . GLY A 1 6  ? -3.297 -3.268 -2.268 1.00 0.19 ? 6  GLY A CA   5  
ATOM 727  C C    . GLY A 1 6  ? -2.156 -2.894 -3.195 1.00 0.17 ? 6  GLY A C    5  
ATOM 728  O O    . GLY A 1 6  ? -1.111 -3.543 -3.183 1.00 0.25 ? 6  GLY A O    5  
ATOM 729  H H    . GLY A 1 6  ? -2.611 -2.190 -0.594 1.00 0.35 ? 6  GLY A H    5  
ATOM 730  H HA2  . GLY A 1 6  ? -3.137 -4.272 -1.902 1.00 0.32 ? 6  GLY A HA2  5  
ATOM 731  H HA3  . GLY A 1 6  ? -4.223 -3.240 -2.824 1.00 0.24 ? 6  GLY A HA3  5  
ATOM 732  N N    . PRO A 1 7  ? -2.325 -1.821 -3.986 1.00 0.14 ? 7  PRO A N    5  
ATOM 733  C CA   . PRO A 1 7  ? -1.342 -1.383 -4.995 1.00 0.21 ? 7  PRO A CA   5  
ATOM 734  C C    . PRO A 1 7  ? 0.060  -1.134 -4.429 1.00 0.24 ? 7  PRO A C    5  
ATOM 735  O O    . PRO A 1 7  ? 0.991  -1.898 -4.684 1.00 0.42 ? 7  PRO A O    5  
ATOM 736  C CB   . PRO A 1 7  ? -1.936 -0.067 -5.523 1.00 0.26 ? 7  PRO A CB   5  
ATOM 737  C CG   . PRO A 1 7  ? -2.944 0.339  -4.503 1.00 0.22 ? 7  PRO A CG   5  
ATOM 738  C CD   . PRO A 1 7  ? -3.503 -0.940 -3.975 1.00 0.15 ? 7  PRO A CD   5  
ATOM 739  H HA   . PRO A 1 7  ? -1.274 -2.093 -5.805 1.00 0.27 ? 7  PRO A HA   5  
ATOM 740  H HB2  . PRO A 1 7  ? -1.153 0.669  -5.616 1.00 0.31 ? 7  PRO A HB2  5  
ATOM 741  H HB3  . PRO A 1 7  ? -2.396 -0.237 -6.486 1.00 0.34 ? 7  PRO A HB3  5  
ATOM 742  H HG2  . PRO A 1 7  ? -2.465 0.894  -3.708 1.00 0.20 ? 7  PRO A HG2  5  
ATOM 743  H HG3  . PRO A 1 7  ? -3.723 0.930  -4.965 1.00 0.29 ? 7  PRO A HG3  5  
ATOM 744  H HD2  . PRO A 1 7  ? -3.878 -0.804 -2.970 1.00 0.12 ? 7  PRO A HD2  5  
ATOM 745  H HD3  . PRO A 1 7  ? -4.275 -1.318 -4.625 1.00 0.20 ? 7  PRO A HD3  5  
ATOM 746  N N    . ASN A 1 8  ? 0.204  -0.059 -3.669 1.00 0.16 ? 8  ASN A N    5  
ATOM 747  C CA   . ASN A 1 8  ? 1.501  0.350  -3.140 1.00 0.24 ? 8  ASN A CA   5  
ATOM 748  C C    . ASN A 1 8  ? 1.276  1.198  -1.892 1.00 0.13 ? 8  ASN A C    5  
ATOM 749  O O    . ASN A 1 8  ? 0.197  1.756  -1.722 1.00 0.24 ? 8  ASN A O    5  
ATOM 750  C CB   . ASN A 1 8  ? 2.275  1.140  -4.206 1.00 0.52 ? 8  ASN A CB   5  
ATOM 751  C CG   . ASN A 1 8  ? 1.794  2.571  -4.345 1.00 1.15 ? 8  ASN A CG   5  
ATOM 752  O OD1  . ASN A 1 8  ? 0.809  2.847  -5.031 1.00 2.04 ? 8  ASN A OD1  5  
ATOM 753  N ND2  . ASN A 1 8  ? 2.506  3.493  -3.722 1.00 1.87 ? 8  ASN A ND2  5  
ATOM 754  H H    . ASN A 1 8  ? -0.586 0.481  -3.451 1.00 0.17 ? 8  ASN A H    5  
ATOM 755  H HA   . ASN A 1 8  ? 2.054  -0.539 -2.873 1.00 0.37 ? 8  ASN A HA   5  
ATOM 756  H HB2  . ASN A 1 8  ? 3.320  1.160  -3.940 1.00 1.25 ? 8  ASN A HB2  5  
ATOM 757  H HB3  . ASN A 1 8  ? 2.161  0.648  -5.160 1.00 1.30 ? 8  ASN A HB3  5  
ATOM 758  H HD21 . ASN A 1 8  ? 3.297  3.206  -3.213 1.00 2.14 ? 8  ASN A HD21 5  
ATOM 759  H HD22 . ASN A 1 8  ? 2.215  4.432  -3.785 1.00 2.56 ? 8  ASN A HD22 5  
ATOM 760  N N    . PRO A 1 9  ? 2.272  1.293  -0.994 1.00 0.18 ? 9  PRO A N    5  
ATOM 761  C CA   . PRO A 1 9  ? 2.117  1.960  0.312  1.00 0.28 ? 9  PRO A CA   5  
ATOM 762  C C    . PRO A 1 9  ? 1.996  3.484  0.253  1.00 0.34 ? 9  PRO A C    5  
ATOM 763  O O    . PRO A 1 9  ? 2.679  4.194  0.992  1.00 0.82 ? 9  PRO A O    5  
ATOM 764  C CB   . PRO A 1 9  ? 3.388  1.555  1.052  1.00 0.37 ? 9  PRO A CB   5  
ATOM 765  C CG   . PRO A 1 9  ? 4.391  1.370  -0.029 1.00 0.39 ? 9  PRO A CG   5  
ATOM 766  C CD   . PRO A 1 9  ? 3.632  0.737  -1.153 1.00 0.32 ? 9  PRO A CD   5  
ATOM 767  H HA   . PRO A 1 9  ? 1.264  1.572  0.846  1.00 0.36 ? 9  PRO A HA   5  
ATOM 768  H HB2  . PRO A 1 9  ? 3.677  2.335  1.741  1.00 0.44 ? 9  PRO A HB2  5  
ATOM 769  H HB3  . PRO A 1 9  ? 3.208  0.633  1.587  1.00 0.45 ? 9  PRO A HB3  5  
ATOM 770  H HG2  . PRO A 1 9  ? 4.792  2.326  -0.332 1.00 0.42 ? 9  PRO A HG2  5  
ATOM 771  H HG3  . PRO A 1 9  ? 5.185  0.712  0.305  1.00 0.51 ? 9  PRO A HG3  5  
ATOM 772  H HD2  . PRO A 1 9  ? 4.058  1.017  -2.105 1.00 0.40 ? 9  PRO A HD2  5  
ATOM 773  H HD3  . PRO A 1 9  ? 3.623  -0.336 -1.038 1.00 0.43 ? 9  PRO A HD3  5  
ATOM 774  N N    . SER A 1 10 ? 1.135  3.982  -0.618 1.00 0.94 ? 10 SER A N    5  
ATOM 775  C CA   . SER A 1 10 ? 0.738  5.377  -0.567 1.00 1.08 ? 10 SER A CA   5  
ATOM 776  C C    . SER A 1 10 ? -0.575 5.482  0.197  1.00 0.74 ? 10 SER A C    5  
ATOM 777  O O    . SER A 1 10 ? -0.905 6.520  0.771  1.00 0.85 ? 10 SER A O    5  
ATOM 778  C CB   . SER A 1 10 ? 0.595  5.966  -1.972 1.00 1.63 ? 10 SER A CB   5  
ATOM 779  O OG   . SER A 1 10 ? 1.816  5.886  -2.687 1.00 2.03 ? 10 SER A OG   5  
ATOM 780  H H    . SER A 1 10 ? 0.760  3.398  -1.314 1.00 1.50 ? 10 SER A H    5  
ATOM 781  H HA   . SER A 1 10 ? 1.500  5.919  -0.027 1.00 1.30 ? 10 SER A HA   5  
ATOM 782  H HB2  . SER A 1 10 ? -0.160 5.420  -2.515 1.00 2.14 ? 10 SER A HB2  5  
ATOM 783  H HB3  . SER A 1 10 ? 0.305  7.003  -1.897 1.00 2.04 ? 10 SER A HB3  5  
ATOM 784  H HG   . SER A 1 10 ? 2.506  6.342  -2.190 1.00 2.21 ? 10 SER A HG   5  
ATOM 785  N N    . SER A 1 11 ? -1.306 4.359  0.198  1.00 0.69 ? 11 SER A N    5  
ATOM 786  C CA   . SER A 1 11 ? -2.531 4.193  0.979  1.00 1.03 ? 11 SER A CA   5  
ATOM 787  C C    . SER A 1 11 ? -3.578 5.255  0.641  1.00 1.58 ? 11 SER A C    5  
ATOM 788  O O    . SER A 1 11 ? -4.383 5.636  1.490  1.00 2.41 ? 11 SER A O    5  
ATOM 789  C CB   . SER A 1 11 ? -2.203 4.216  2.475  1.00 2.20 ? 11 SER A CB   5  
ATOM 790  O OG   . SER A 1 11 ? -1.229 3.229  2.791  1.00 2.99 ? 11 SER A OG   5  
ATOM 791  H H    . SER A 1 11 ? -1.001 3.605  -0.349 1.00 0.72 ? 11 SER A H    5  
ATOM 792  H HA   . SER A 1 11 ? -2.942 3.225  0.734  1.00 1.44 ? 11 SER A HA   5  
ATOM 793  H HB2  . SER A 1 11 ? -1.815 5.187  2.743  1.00 2.74 ? 11 SER A HB2  5  
ATOM 794  H HB3  . SER A 1 11 ? -3.099 4.014  3.042  1.00 2.57 ? 11 SER A HB3  5  
ATOM 795  H HG   . SER A 1 11 ? -0.385 3.663  2.975  1.00 3.04 ? 11 SER A HG   5  
ATOM 796  N N    . ASN A 1 12 ? -3.575 5.710  -0.602 1.00 2.18 ? 12 ASN A N    5  
ATOM 797  C CA   . ASN A 1 12 ? -4.506 6.738  -1.037 1.00 3.40 ? 12 ASN A CA   5  
ATOM 798  C C    . ASN A 1 12 ? -5.521 6.177  -2.022 1.00 4.15 ? 12 ASN A C    5  
ATOM 799  O O    . ASN A 1 12 ? -5.106 5.636  -3.064 1.00 4.53 ? 12 ASN A O    5  
ATOM 800  C CB   . ASN A 1 12 ? -3.765 7.956  -1.624 1.00 4.29 ? 12 ASN A CB   5  
ATOM 801  C CG   . ASN A 1 12 ? -2.587 7.611  -2.528 1.00 4.67 ? 12 ASN A CG   5  
ATOM 802  O OD1  . ASN A 1 12 ? -1.573 8.310  -2.522 1.00 4.87 ? 12 ASN A OD1  5  
ATOM 803  N ND2  . ASN A 1 12 ? -2.706 6.562  -3.327 1.00 5.23 ? 12 ASN A ND2  5  
ATOM 804  O OXT  . ASN A 1 12 ? -6.733 6.277  -1.747 1.00 4.76 ? 12 ASN A OXT  5  
ATOM 805  H H    . ASN A 1 12 ? -2.941 5.335  -1.248 1.00 2.25 ? 12 ASN A H    5  
ATOM 806  H HA   . ASN A 1 12 ? -5.044 7.062  -0.159 1.00 3.54 ? 12 ASN A HA   5  
ATOM 807  H HB2  . ASN A 1 12 ? -4.464 8.540  -2.202 1.00 4.67 ? 12 ASN A HB2  5  
ATOM 808  H HB3  . ASN A 1 12 ? -3.398 8.563  -0.810 1.00 4.72 ? 12 ASN A HB3  5  
ATOM 809  H HD21 . ASN A 1 12 ? -3.555 6.055  -3.305 1.00 5.35 ? 12 ASN A HD21 5  
ATOM 810  H HD22 . ASN A 1 12 ? -1.951 6.333  -3.908 1.00 5.71 ? 12 ASN A HD22 5  
ATOM 811  N N    . HIS A 1 1  ? 5.882  -5.188 -0.475 1.00 2.27 ? 1  HIS A N    6  
ATOM 812  C CA   . HIS A 1 1  ? 6.984  -4.930 0.487  1.00 2.26 ? 1  HIS A CA   6  
ATOM 813  C C    . HIS A 1 1  ? 6.456  -4.156 1.685  1.00 1.76 ? 1  HIS A C    6  
ATOM 814  O O    . HIS A 1 1  ? 7.110  -4.056 2.721  1.00 2.08 ? 1  HIS A O    6  
ATOM 815  C CB   . HIS A 1 1  ? 8.139  -4.166 -0.187 1.00 2.81 ? 1  HIS A CB   6  
ATOM 816  C CG   . HIS A 1 1  ? 7.826  -2.747 -0.582 1.00 3.60 ? 1  HIS A CG   6  
ATOM 817  N ND1  . HIS A 1 1  ? 7.575  -2.362 -1.881 1.00 4.28 ? 1  HIS A ND1  6  
ATOM 818  C CD2  . HIS A 1 1  ? 7.750  -1.615 0.158  1.00 4.28 ? 1  HIS A CD2  6  
ATOM 819  C CE1  . HIS A 1 1  ? 7.356  -1.061 -1.920 1.00 5.11 ? 1  HIS A CE1  6  
ATOM 820  N NE2  . HIS A 1 1  ? 7.455  -0.583 -0.697 1.00 5.12 ? 1  HIS A NE2  6  
ATOM 821  H H1   . HIS A 1 1  ? 5.528  -4.295 -0.868 1.00 2.72 ? 1  HIS A H1   6  
ATOM 822  H H2   . HIS A 1 1  ? 5.094  -5.673 0.007  1.00 2.51 ? 1  HIS A H2   6  
ATOM 823  H H3   . HIS A 1 1  ? 6.217  -5.789 -1.255 1.00 2.10 ? 1  HIS A H3   6  
ATOM 824  H HA   . HIS A 1 1  ? 7.351  -5.885 0.834  1.00 2.60 ? 1  HIS A HA   6  
ATOM 825  H HB2  . HIS A 1 1  ? 8.977  -4.136 0.490  1.00 3.14 ? 1  HIS A HB2  6  
ATOM 826  H HB3  . HIS A 1 1  ? 8.431  -4.698 -1.080 1.00 2.88 ? 1  HIS A HB3  6  
ATOM 827  H HD1  . HIS A 1 1  ? 7.565  -2.956 -2.667 1.00 4.42 ? 1  HIS A HD1  6  
ATOM 828  H HD2  . HIS A 1 1  ? 7.894  -1.539 1.227  1.00 4.46 ? 1  HIS A HD2  6  
ATOM 829  H HE1  . HIS A 1 1  ? 7.139  -0.485 -2.807 1.00 5.89 ? 1  HIS A HE1  6  
ATOM 830  H HE2  . HIS A 1 1  ? 7.515  0.373  -0.468 1.00 5.79 ? 1  HIS A HE2  6  
ATOM 831  N N    . GLU A 1 2  ? 5.273  -3.593 1.517  1.00 1.24 ? 2  GLU A N    6  
ATOM 832  C CA   . GLU A 1 2  ? 4.572  -2.924 2.588  1.00 0.93 ? 2  GLU A CA   6  
ATOM 833  C C    . GLU A 1 2  ? 3.130  -3.388 2.557  1.00 1.04 ? 2  GLU A C    6  
ATOM 834  O O    . GLU A 1 2  ? 2.691  -3.940 1.548  1.00 2.06 ? 2  GLU A O    6  
ATOM 835  C CB   . GLU A 1 2  ? 4.654  -1.406 2.398  1.00 0.96 ? 2  GLU A CB   6  
ATOM 836  C CG   . GLU A 1 2  ? 4.123  -0.607 3.580  1.00 1.86 ? 2  GLU A CG   6  
ATOM 837  C CD   . GLU A 1 2  ? 4.715  -1.052 4.899  1.00 2.49 ? 2  GLU A CD   6  
ATOM 838  O OE1  . GLU A 1 2  ? 5.819  -0.590 5.248  1.00 2.96 ? 2  GLU A OE1  6  
ATOM 839  O OE2  . GLU A 1 2  ? 4.072  -1.868 5.594  1.00 2.85 ? 2  GLU A OE2  6  
ATOM 840  H H    . GLU A 1 2  ? 4.845  -3.632 0.637  1.00 1.39 ? 2  GLU A H    6  
ATOM 841  H HA   . GLU A 1 2  ? 5.026  -3.203 3.528  1.00 1.15 ? 2  GLU A HA   6  
ATOM 842  H HB2  . GLU A 1 2  ? 5.684  -1.128 2.231  1.00 1.29 ? 2  GLU A HB2  6  
ATOM 843  H HB3  . GLU A 1 2  ? 4.076  -1.138 1.525  1.00 0.85 ? 2  GLU A HB3  6  
ATOM 844  H HG2  . GLU A 1 2  ? 4.364  0.435  3.432  1.00 2.20 ? 2  GLU A HG2  6  
ATOM 845  H HG3  . GLU A 1 2  ? 3.052  -0.727 3.625  1.00 2.30 ? 2  GLU A HG3  6  
ATOM 846  N N    . VAL A 1 3  ? 2.403  -3.200 3.644  1.00 0.41 ? 3  VAL A N    6  
ATOM 847  C CA   . VAL A 1 3  ? 0.992  -3.543 3.664  1.00 0.51 ? 3  VAL A CA   6  
ATOM 848  C C    . VAL A 1 3  ? 0.149  -2.288 3.454  1.00 0.36 ? 3  VAL A C    6  
ATOM 849  O O    . VAL A 1 3  ? -0.113 -1.541 4.398  1.00 0.47 ? 3  VAL A O    6  
ATOM 850  C CB   . VAL A 1 3  ? 0.578  -4.227 4.978  1.00 0.84 ? 3  VAL A CB   6  
ATOM 851  C CG1  . VAL A 1 3  ? -0.828 -4.785 4.852  1.00 1.85 ? 3  VAL A CG1  6  
ATOM 852  C CG2  . VAL A 1 3  ? 1.563  -5.325 5.351  1.00 1.56 ? 3  VAL A CG2  6  
ATOM 853  H H    . VAL A 1 3  ? 2.824  -2.823 4.449  1.00 0.95 ? 3  VAL A H    6  
ATOM 854  H HA   . VAL A 1 3  ? 0.805  -4.229 2.849  1.00 0.70 ? 3  VAL A HA   6  
ATOM 855  H HB   . VAL A 1 3  ? 0.579  -3.486 5.763  1.00 1.10 ? 3  VAL A HB   6  
ATOM 856  H HG11 . VAL A 1 3  ? -1.099 -5.293 5.763  1.00 2.26 ? 3  VAL A HG11 6  
ATOM 857  H HG12 . VAL A 1 3  ? -0.861 -5.482 4.026  1.00 2.51 ? 3  VAL A HG12 6  
ATOM 858  H HG13 . VAL A 1 3  ? -1.520 -3.977 4.667  1.00 2.27 ? 3  VAL A HG13 6  
ATOM 859  H HG21 . VAL A 1 3  ? 1.257  -5.781 6.282  1.00 1.99 ? 3  VAL A HG21 6  
ATOM 860  H HG22 . VAL A 1 3  ? 2.549  -4.900 5.466  1.00 2.02 ? 3  VAL A HG22 6  
ATOM 861  H HG23 . VAL A 1 3  ? 1.581  -6.073 4.572  1.00 2.17 ? 3  VAL A HG23 6  
ATOM 862  N N    . PRO A 1 4  ? -0.253 -2.026 2.202  1.00 0.22 ? 4  PRO A N    6  
ATOM 863  C CA   . PRO A 1 4  ? -1.023 -0.856 1.828  1.00 0.10 ? 4  PRO A CA   6  
ATOM 864  C C    . PRO A 1 4  ? -2.501 -1.190 1.631  1.00 0.12 ? 4  PRO A C    6  
ATOM 865  O O    . PRO A 1 4  ? -3.043 -2.055 2.319  1.00 0.23 ? 4  PRO A O    6  
ATOM 866  C CB   . PRO A 1 4  ? -0.361 -0.511 0.499  1.00 0.29 ? 4  PRO A CB   6  
ATOM 867  C CG   . PRO A 1 4  ? -0.039 -1.839 -0.119 1.00 0.42 ? 4  PRO A CG   6  
ATOM 868  C CD   . PRO A 1 4  ? 0.021  -2.846 1.014  1.00 0.43 ? 4  PRO A CD   6  
ATOM 869  H HA   . PRO A 1 4  ? -0.905 -0.044 2.527  1.00 0.19 ? 4  PRO A HA   6  
ATOM 870  H HB2  . PRO A 1 4  ? -1.042 0.060  -0.113 1.00 0.36 ? 4  PRO A HB2  6  
ATOM 871  H HB3  . PRO A 1 4  ? 0.538  0.061  0.680  1.00 0.36 ? 4  PRO A HB3  6  
ATOM 872  H HG2  . PRO A 1 4  ? -0.816 -2.113 -0.817 1.00 0.48 ? 4  PRO A HG2  6  
ATOM 873  H HG3  . PRO A 1 4  ? 0.915  -1.787 -0.621 1.00 0.55 ? 4  PRO A HG3  6  
ATOM 874  H HD2  . PRO A 1 4  ? -0.736 -3.604 0.885  1.00 0.56 ? 4  PRO A HD2  6  
ATOM 875  H HD3  . PRO A 1 4  ? 1.002  -3.292 1.070  1.00 0.56 ? 4  PRO A HD3  6  
ATOM 876  N N    . SER A 1 5  ? -3.153 -0.513 0.694  1.00 0.13 ? 5  SER A N    6  
ATOM 877  C CA   . SER A 1 5  ? -4.519 -0.859 0.336  1.00 0.18 ? 5  SER A CA   6  
ATOM 878  C C    . SER A 1 5  ? -4.512 -2.028 -0.644 1.00 0.18 ? 5  SER A C    6  
ATOM 879  O O    . SER A 1 5  ? -5.505 -2.740 -0.803 1.00 0.47 ? 5  SER A O    6  
ATOM 880  C CB   . SER A 1 5  ? -5.228 0.351  -0.276 1.00 0.37 ? 5  SER A CB   6  
ATOM 881  O OG   . SER A 1 5  ? -4.439 0.943  -1.296 1.00 1.59 ? 5  SER A OG   6  
ATOM 882  H H    . SER A 1 5  ? -2.714 0.238  0.237  1.00 0.18 ? 5  SER A H    6  
ATOM 883  H HA   . SER A 1 5  ? -5.035 -1.158 1.236  1.00 0.28 ? 5  SER A HA   6  
ATOM 884  H HB2  . SER A 1 5  ? -6.168 0.035  -0.706 1.00 0.91 ? 5  SER A HB2  6  
ATOM 885  H HB3  . SER A 1 5  ? -5.412 1.085  0.493  1.00 1.05 ? 5  SER A HB3  6  
ATOM 886  H HG   . SER A 1 5  ? -3.867 1.624  -0.904 1.00 2.01 ? 5  SER A HG   6  
ATOM 887  N N    . GLY A 1 6  ? -3.363 -2.224 -1.278 1.00 0.16 ? 6  GLY A N    6  
ATOM 888  C CA   . GLY A 1 6  ? -3.218 -3.251 -2.286 1.00 0.19 ? 6  GLY A CA   6  
ATOM 889  C C    . GLY A 1 6  ? -2.138 -2.899 -3.293 1.00 0.17 ? 6  GLY A C    6  
ATOM 890  O O    . GLY A 1 6  ? -1.134 -3.604 -3.399 1.00 0.25 ? 6  GLY A O    6  
ATOM 891  H H    . GLY A 1 6  ? -2.598 -1.656 -1.057 1.00 0.35 ? 6  GLY A H    6  
ATOM 892  H HA2  . GLY A 1 6  ? -2.961 -4.184 -1.807 1.00 0.32 ? 6  GLY A HA2  6  
ATOM 893  H HA3  . GLY A 1 6  ? -4.156 -3.369 -2.807 1.00 0.24 ? 6  GLY A HA3  6  
ATOM 894  N N    . PRO A 1 7  ? -2.321 -1.799 -4.043 1.00 0.14 ? 7  PRO A N    6  
ATOM 895  C CA   . PRO A 1 7  ? -1.346 -1.325 -5.034 1.00 0.21 ? 7  PRO A CA   6  
ATOM 896  C C    . PRO A 1 7  ? 0.054  -1.110 -4.452 1.00 0.24 ? 7  PRO A C    6  
ATOM 897  O O    . PRO A 1 7  ? 0.968  -1.899 -4.693 1.00 0.42 ? 7  PRO A O    6  
ATOM 898  C CB   . PRO A 1 7  ? -1.931 0.017  -5.507 1.00 0.26 ? 7  PRO A CB   6  
ATOM 899  C CG   . PRO A 1 7  ? -2.967 0.372  -4.492 1.00 0.22 ? 7  PRO A CG   6  
ATOM 900  C CD   . PRO A 1 7  ? -3.510 -0.936 -4.011 1.00 0.15 ? 7  PRO A CD   6  
ATOM 901  H HA   . PRO A 1 7  ? -1.280 -2.001 -5.871 1.00 0.27 ? 7  PRO A HA   6  
ATOM 902  H HB2  . PRO A 1 7  ? -1.146 0.758  -5.544 1.00 0.31 ? 7  PRO A HB2  6  
ATOM 903  H HB3  . PRO A 1 7  ? -2.365 -0.103 -6.487 1.00 0.34 ? 7  PRO A HB3  6  
ATOM 904  H HG2  . PRO A 1 7  ? -2.514 0.911  -3.669 1.00 0.20 ? 7  PRO A HG2  6  
ATOM 905  H HG3  . PRO A 1 7  ? -3.748 0.960  -4.949 1.00 0.29 ? 7  PRO A HG3  6  
ATOM 906  H HD2  . PRO A 1 7  ? -3.898 -0.843 -3.008 1.00 0.12 ? 7  PRO A HD2  6  
ATOM 907  H HD3  . PRO A 1 7  ? -4.272 -1.303 -4.684 1.00 0.20 ? 7  PRO A HD3  6  
ATOM 908  N N    . ASN A 1 8  ? 0.208  -0.045 -3.679 1.00 0.16 ? 8  ASN A N    6  
ATOM 909  C CA   . ASN A 1 8  ? 1.501  0.330  -3.124 1.00 0.24 ? 8  ASN A CA   6  
ATOM 910  C C    . ASN A 1 8  ? 1.286  1.206  -1.898 1.00 0.13 ? 8  ASN A C    6  
ATOM 911  O O    . ASN A 1 8  ? 0.214  1.798  -1.744 1.00 0.24 ? 8  ASN A O    6  
ATOM 912  C CB   . ASN A 1 8  ? 2.340  1.076  -4.173 1.00 0.52 ? 8  ASN A CB   6  
ATOM 913  C CG   . ASN A 1 8  ? 1.698  2.366  -4.651 1.00 1.15 ? 8  ASN A CG   6  
ATOM 914  O OD1  . ASN A 1 8  ? 1.868  3.419  -4.043 1.00 2.04 ? 8  ASN A OD1  6  
ATOM 915  N ND2  . ASN A 1 8  ? 0.976  2.297  -5.758 1.00 1.87 ? 8  ASN A ND2  6  
ATOM 916  H H    . ASN A 1 8  ? -0.574 0.504  -3.464 1.00 0.17 ? 8  ASN A H    6  
ATOM 917  H HA   . ASN A 1 8  ? 2.015  -0.572 -2.830 1.00 0.37 ? 8  ASN A HA   6  
ATOM 918  H HB2  . ASN A 1 8  ? 3.300  1.320  -3.745 1.00 1.25 ? 8  ASN A HB2  6  
ATOM 919  H HB3  . ASN A 1 8  ? 2.487  0.433  -5.026 1.00 1.30 ? 8  ASN A HB3  6  
ATOM 920  H HD21 . ASN A 1 8  ? 0.895  1.428  -6.209 1.00 2.14 ? 8  ASN A HD21 6  
ATOM 921  H HD22 . ASN A 1 8  ? 0.548  3.117  -6.084 1.00 2.56 ? 8  ASN A HD22 6  
ATOM 922  N N    . PRO A 1 9  ? 2.279  1.268  -0.988 1.00 0.18 ? 9  PRO A N    6  
ATOM 923  C CA   . PRO A 1 9  ? 2.177  2.046  0.257  1.00 0.28 ? 9  PRO A CA   6  
ATOM 924  C C    . PRO A 1 9  ? 2.165  3.557  0.043  1.00 0.34 ? 9  PRO A C    6  
ATOM 925  O O    . PRO A 1 9  ? 3.052  4.275  0.507  1.00 0.82 ? 9  PRO A O    6  
ATOM 926  C CB   . PRO A 1 9  ? 3.415  1.625  1.044  1.00 0.37 ? 9  PRO A CB   6  
ATOM 927  C CG   . PRO A 1 9  ? 4.389  1.173  0.017  1.00 0.39 ? 9  PRO A CG   6  
ATOM 928  C CD   . PRO A 1 9  ? 3.569  0.555  -1.078 1.00 0.32 ? 9  PRO A CD   6  
ATOM 929  H HA   . PRO A 1 9  ? 1.295  1.768  0.812  1.00 0.36 ? 9  PRO A HA   6  
ATOM 930  H HB2  . PRO A 1 9  ? 3.792  2.467  1.608  1.00 0.44 ? 9  PRO A HB2  6  
ATOM 931  H HB3  . PRO A 1 9  ? 3.154  0.821  1.717  1.00 0.45 ? 9  PRO A HB3  6  
ATOM 932  H HG2  . PRO A 1 9  ? 4.946  2.019  -0.362 1.00 0.42 ? 9  PRO A HG2  6  
ATOM 933  H HG3  . PRO A 1 9  ? 5.059  0.438  0.444  1.00 0.51 ? 9  PRO A HG3  6  
ATOM 934  H HD2  . PRO A 1 9  ? 4.034  0.717  -2.036 1.00 0.40 ? 9  PRO A HD2  6  
ATOM 935  H HD3  . PRO A 1 9  ? 3.437  -0.501 -0.894 1.00 0.43 ? 9  PRO A HD3  6  
ATOM 936  N N    . SER A 1 10 ? 1.162  4.025  -0.673 1.00 0.94 ? 10 SER A N    6  
ATOM 937  C CA   . SER A 1 10 ? 0.899  5.444  -0.806 1.00 1.08 ? 10 SER A CA   6  
ATOM 938  C C    . SER A 1 10 ? -0.546 5.702  -0.398 1.00 0.74 ? 10 SER A C    6  
ATOM 939  O O    . SER A 1 10 ? -1.146 6.723  -0.745 1.00 0.85 ? 10 SER A O    6  
ATOM 940  C CB   . SER A 1 10 ? 1.152  5.903  -2.246 1.00 1.63 ? 10 SER A CB   6  
ATOM 941  O OG   . SER A 1 10 ? 1.007  7.309  -2.374 1.00 2.03 ? 10 SER A OG   6  
ATOM 942  H H    . SER A 1 10 ? 0.577  3.388  -1.141 1.00 1.50 ? 10 SER A H    6  
ATOM 943  H HA   . SER A 1 10 ? 1.559  5.973  -0.134 1.00 1.30 ? 10 SER A HA   6  
ATOM 944  H HB2  . SER A 1 10 ? 2.155  5.633  -2.535 1.00 2.14 ? 10 SER A HB2  6  
ATOM 945  H HB3  . SER A 1 10 ? 0.445  5.420  -2.903 1.00 2.04 ? 10 SER A HB3  6  
ATOM 946  H HG   . SER A 1 10 ? 0.176  7.579  -1.960 1.00 2.21 ? 10 SER A HG   6  
ATOM 947  N N    . SER A 1 11 ? -1.094 4.750  0.349  1.00 0.69 ? 11 SER A N    6  
ATOM 948  C CA   . SER A 1 11 ? -2.482 4.796  0.766  1.00 1.03 ? 11 SER A CA   6  
ATOM 949  C C    . SER A 1 11 ? -2.610 5.537  2.088  1.00 1.58 ? 11 SER A C    6  
ATOM 950  O O    . SER A 1 11 ? -1.955 5.190  3.070  1.00 2.41 ? 11 SER A O    6  
ATOM 951  C CB   . SER A 1 11 ? -3.019 3.372  0.905  1.00 2.20 ? 11 SER A CB   6  
ATOM 952  O OG   . SER A 1 11 ? -2.675 2.588  -0.227 1.00 2.99 ? 11 SER A OG   6  
ATOM 953  H H    . SER A 1 11 ? -0.538 3.996  0.645  1.00 0.72 ? 11 SER A H    6  
ATOM 954  H HA   . SER A 1 11 ? -3.046 5.319  0.009  1.00 1.44 ? 11 SER A HA   6  
ATOM 955  H HB2  . SER A 1 11 ? -2.599 2.916  1.788  1.00 2.74 ? 11 SER A HB2  6  
ATOM 956  H HB3  . SER A 1 11 ? -4.094 3.403  0.995  1.00 2.57 ? 11 SER A HB3  6  
ATOM 957  H HG   . SER A 1 11 ? -2.125 3.113  -0.823 1.00 3.04 ? 11 SER A HG   6  
ATOM 958  N N    . ASN A 1 12 ? -3.437 6.567  2.104  1.00 2.18 ? 12 ASN A N    6  
ATOM 959  C CA   . ASN A 1 12 ? -3.658 7.346  3.310  1.00 3.40 ? 12 ASN A CA   6  
ATOM 960  C C    . ASN A 1 12 ? -5.147 7.485  3.576  1.00 4.15 ? 12 ASN A C    6  
ATOM 961  O O    . ASN A 1 12 ? -5.695 6.642  4.311  1.00 4.53 ? 12 ASN A O    6  
ATOM 962  C CB   . ASN A 1 12 ? -3.006 8.726  3.190  1.00 4.29 ? 12 ASN A CB   6  
ATOM 963  C CG   . ASN A 1 12 ? -1.487 8.668  3.210  1.00 4.67 ? 12 ASN A CG   6  
ATOM 964  O OD1  . ASN A 1 12 ? -0.817 9.444  2.533  1.00 4.87 ? 12 ASN A OD1  6  
ATOM 965  N ND2  . ASN A 1 12 ? -0.928 7.764  4.000  1.00 5.23 ? 12 ASN A ND2  6  
ATOM 966  O OXT  . ASN A 1 12 ? -5.770 8.416  3.025  1.00 4.76 ? 12 ASN A OXT  6  
ATOM 967  H H    . ASN A 1 12 ? -3.914 6.814  1.284  1.00 2.25 ? 12 ASN A H    6  
ATOM 968  H HA   . ASN A 1 12 ? -3.208 6.814  4.135  1.00 3.54 ? 12 ASN A HA   6  
ATOM 969  H HB2  . ASN A 1 12 ? -3.315 9.183  2.262  1.00 4.67 ? 12 ASN A HB2  6  
ATOM 970  H HB3  . ASN A 1 12 ? -3.333 9.343  4.014  1.00 4.72 ? 12 ASN A HB3  6  
ATOM 971  H HD21 . ASN A 1 12 ? -1.513 7.181  4.527  1.00 5.35 ? 12 ASN A HD21 6  
ATOM 972  H HD22 . ASN A 1 12 ? 0.051  7.715  4.028  1.00 5.71 ? 12 ASN A HD22 6  
ATOM 973  N N    . HIS A 1 1  ? 2.408  -6.540 -0.871 1.00 2.27 ? 1  HIS A N    7  
ATOM 974  C CA   . HIS A 1 1  ? 3.176  -5.277 -0.944 1.00 2.26 ? 1  HIS A CA   7  
ATOM 975  C C    . HIS A 1 1  ? 3.510  -4.775 0.460  1.00 1.76 ? 1  HIS A C    7  
ATOM 976  O O    . HIS A 1 1  ? 3.537  -5.558 1.410  1.00 2.08 ? 1  HIS A O    7  
ATOM 977  C CB   . HIS A 1 1  ? 2.396  -4.218 -1.737 1.00 2.81 ? 1  HIS A CB   7  
ATOM 978  C CG   . HIS A 1 1  ? 2.394  -4.464 -3.216 1.00 3.60 ? 1  HIS A CG   7  
ATOM 979  N ND1  . HIS A 1 1  ? 1.314  -4.984 -3.897 1.00 4.28 ? 1  HIS A ND1  7  
ATOM 980  C CD2  . HIS A 1 1  ? 3.358  -4.264 -4.146 1.00 4.28 ? 1  HIS A CD2  7  
ATOM 981  C CE1  . HIS A 1 1  ? 1.617  -5.098 -5.176 1.00 5.11 ? 1  HIS A CE1  7  
ATOM 982  N NE2  . HIS A 1 1  ? 2.853  -4.667 -5.355 1.00 5.12 ? 1  HIS A NE2  7  
ATOM 983  H H1   . HIS A 1 1  ? 2.228  -6.910 -1.823 1.00 2.72 ? 1  HIS A H1   7  
ATOM 984  H H2   . HIS A 1 1  ? 1.495  -6.378 -0.397 1.00 2.51 ? 1  HIS A H2   7  
ATOM 985  H H3   . HIS A 1 1  ? 2.941  -7.250 -0.330 1.00 2.10 ? 1  HIS A H3   7  
ATOM 986  H HA   . HIS A 1 1  ? 4.102  -5.484 -1.457 1.00 2.60 ? 1  HIS A HA   7  
ATOM 987  H HB2  . HIS A 1 1  ? 1.372  -4.209 -1.402 1.00 3.14 ? 1  HIS A HB2  7  
ATOM 988  H HB3  . HIS A 1 1  ? 2.833  -3.248 -1.563 1.00 2.88 ? 1  HIS A HB3  7  
ATOM 989  H HD1  . HIS A 1 1  ? 0.442  -5.219 -3.505 1.00 4.42 ? 1  HIS A HD1  7  
ATOM 990  H HD2  . HIS A 1 1  ? 4.344  -3.860 -3.967 1.00 4.46 ? 1  HIS A HD2  7  
ATOM 991  H HE1  . HIS A 1 1  ? 0.968  -5.484 -5.947 1.00 5.89 ? 1  HIS A HE1  7  
ATOM 992  H HE2  . HIS A 1 1  ? 3.388  -4.831 -6.162 1.00 5.79 ? 1  HIS A HE2  7  
ATOM 993  N N    . GLU A 1 2  ? 3.777  -3.479 0.591  1.00 1.24 ? 2  GLU A N    7  
ATOM 994  C CA   . GLU A 1 2  ? 4.166  -2.892 1.872  1.00 0.93 ? 2  GLU A CA   7  
ATOM 995  C C    . GLU A 1 2  ? 2.952  -2.667 2.778  1.00 1.04 ? 2  GLU A C    7  
ATOM 996  O O    . GLU A 1 2  ? 2.769  -1.577 3.318  1.00 2.06 ? 2  GLU A O    7  
ATOM 997  C CB   . GLU A 1 2  ? 4.878  -1.561 1.633  1.00 0.96 ? 2  GLU A CB   7  
ATOM 998  C CG   . GLU A 1 2  ? 5.860  -1.193 2.732  1.00 1.86 ? 2  GLU A CG   7  
ATOM 999  C CD   . GLU A 1 2  ? 6.591  0.104  2.456  1.00 2.49 ? 2  GLU A CD   7  
ATOM 1000 O OE1  . GLU A 1 2  ? 7.556  0.090  1.667  1.00 2.96 ? 2  GLU A OE1  7  
ATOM 1001 O OE2  . GLU A 1 2  ? 6.195  1.145  3.020  1.00 2.85 ? 2  GLU A OE2  7  
ATOM 1002 H H    . GLU A 1 2  ? 3.735  -2.900 -0.200 1.00 1.39 ? 2  GLU A H    7  
ATOM 1003 H HA   . GLU A 1 2  ? 4.847  -3.574 2.358  1.00 1.15 ? 2  GLU A HA   7  
ATOM 1004 H HB2  . GLU A 1 2  ? 5.405  -1.604 0.690  1.00 1.29 ? 2  GLU A HB2  7  
ATOM 1005 H HB3  . GLU A 1 2  ? 4.133  -0.785 1.577  1.00 0.85 ? 2  GLU A HB3  7  
ATOM 1006 H HG2  . GLU A 1 2  ? 5.318  -1.089 3.659  1.00 2.20 ? 2  GLU A HG2  7  
ATOM 1007 H HG3  . GLU A 1 2  ? 6.585  -1.984 2.826  1.00 2.30 ? 2  GLU A HG3  7  
ATOM 1008 N N    . VAL A 1 3  ? 2.147  -3.718 2.943  1.00 0.41 ? 3  VAL A N    7  
ATOM 1009 C CA   . VAL A 1 3  ? 0.898  -3.674 3.702  1.00 0.51 ? 3  VAL A CA   7  
ATOM 1010 C C    . VAL A 1 3  ? 0.126  -2.362 3.462  1.00 0.36 ? 3  VAL A C    7  
ATOM 1011 O O    . VAL A 1 3  ? -0.100 -1.571 4.381  1.00 0.47 ? 3  VAL A O    7  
ATOM 1012 C CB   . VAL A 1 3  ? 1.175  -3.886 5.202  1.00 0.84 ? 3  VAL A CB   7  
ATOM 1013 C CG1  . VAL A 1 3  ? -0.120 -3.993 6.001  1.00 1.85 ? 3  VAL A CG1  7  
ATOM 1014 C CG2  . VAL A 1 3  ? 2.030  -5.126 5.415  1.00 1.56 ? 3  VAL A CG2  7  
ATOM 1015 H H    . VAL A 1 3  ? 2.420  -4.573 2.563  1.00 0.95 ? 3  VAL A H    7  
ATOM 1016 H HA   . VAL A 1 3  ? 0.284  -4.494 3.358  1.00 0.70 ? 3  VAL A HA   7  
ATOM 1017 H HB   . VAL A 1 3  ? 1.731  -3.036 5.554  1.00 1.10 ? 3  VAL A HB   7  
ATOM 1018 H HG11 . VAL A 1 3  ? -0.692 -4.838 5.647  1.00 2.26 ? 3  VAL A HG11 7  
ATOM 1019 H HG12 . VAL A 1 3  ? -0.696 -3.089 5.874  1.00 2.51 ? 3  VAL A HG12 7  
ATOM 1020 H HG13 . VAL A 1 3  ? 0.113  -4.129 7.046  1.00 2.27 ? 3  VAL A HG13 7  
ATOM 1021 H HG21 . VAL A 1 3  ? 2.974  -5.006 4.903  1.00 1.99 ? 3  VAL A HG21 7  
ATOM 1022 H HG22 . VAL A 1 3  ? 1.515  -5.991 5.023  1.00 2.02 ? 3  VAL A HG22 7  
ATOM 1023 H HG23 . VAL A 1 3  ? 2.209  -5.264 6.472  1.00 2.17 ? 3  VAL A HG23 7  
ATOM 1024 N N    . PRO A 1 4  ? -0.261 -2.099 2.203  1.00 0.22 ? 4  PRO A N    7  
ATOM 1025 C CA   . PRO A 1 4  ? -0.996 -0.909 1.826  1.00 0.10 ? 4  PRO A CA   7  
ATOM 1026 C C    . PRO A 1 4  ? -2.482 -1.210 1.634  1.00 0.12 ? 4  PRO A C    7  
ATOM 1027 O O    . PRO A 1 4  ? -3.032 -2.069 2.324  1.00 0.23 ? 4  PRO A O    7  
ATOM 1028 C CB   . PRO A 1 4  ? -0.320 -0.572 0.501  1.00 0.29 ? 4  PRO A CB   7  
ATOM 1029 C CG   . PRO A 1 4  ? 0.033  -1.902 -0.103 1.00 0.42 ? 4  PRO A CG   7  
ATOM 1030 C CD   . PRO A 1 4  ? -0.003 -2.924 1.016  1.00 0.43 ? 4  PRO A CD   7  
ATOM 1031 H HA   . PRO A 1 4  ? -0.862 -0.104 2.530  1.00 0.19 ? 4  PRO A HA   7  
ATOM 1032 H HB2  . PRO A 1 4  ? -1.004 -0.021 -0.126 1.00 0.36 ? 4  PRO A HB2  7  
ATOM 1033 H HB3  . PRO A 1 4  ? 0.567  0.022  0.688  1.00 0.36 ? 4  PRO A HB3  7  
ATOM 1034 H HG2  . PRO A 1 4  ? -0.688 -2.160 -0.863 1.00 0.48 ? 4  PRO A HG2  7  
ATOM 1035 H HG3  . PRO A 1 4  ? 1.024  -1.855 -0.530 1.00 0.55 ? 4  PRO A HG3  7  
ATOM 1036 H HD2  . PRO A 1 4  ? -0.800 -3.634 0.856  1.00 0.56 ? 4  PRO A HD2  7  
ATOM 1037 H HD3  . PRO A 1 4  ? 0.948  -3.431 1.099  1.00 0.56 ? 4  PRO A HD3  7  
ATOM 1038 N N    . SER A 1 5  ? -3.133 -0.523 0.703  1.00 0.13 ? 5  SER A N    7  
ATOM 1039 C CA   . SER A 1 5  ? -4.513 -0.845 0.375  1.00 0.18 ? 5  SER A CA   7  
ATOM 1040 C C    . SER A 1 5  ? -4.534 -1.848 -0.777 1.00 0.18 ? 5  SER A C    7  
ATOM 1041 O O    . SER A 1 5  ? -5.590 -2.223 -1.286 1.00 0.47 ? 5  SER A O    7  
ATOM 1042 C CB   . SER A 1 5  ? -5.289 0.427  0.008  1.00 0.37 ? 5  SER A CB   7  
ATOM 1043 O OG   . SER A 1 5  ? -6.688 0.186  -0.055 1.00 1.59 ? 5  SER A OG   7  
ATOM 1044 H H    . SER A 1 5  ? -2.681 0.210  0.224  1.00 0.18 ? 5  SER A H    7  
ATOM 1045 H HA   . SER A 1 5  ? -4.966 -1.299 1.243  1.00 0.28 ? 5  SER A HA   7  
ATOM 1046 H HB2  . SER A 1 5  ? -5.103 1.187  0.753  1.00 0.91 ? 5  SER A HB2  7  
ATOM 1047 H HB3  . SER A 1 5  ? -4.954 0.782  -0.957 1.00 1.05 ? 5  SER A HB3  7  
ATOM 1048 H HG   . SER A 1 5  ? -7.138 0.760  0.582  1.00 2.01 ? 5  SER A HG   7  
ATOM 1049 N N    . GLY A 1 6  ? -3.348 -2.282 -1.177 1.00 0.16 ? 6  GLY A N    7  
ATOM 1050 C CA   . GLY A 1 6  ? -3.225 -3.227 -2.269 1.00 0.19 ? 6  GLY A CA   7  
ATOM 1051 C C    . GLY A 1 6  ? -2.106 -2.855 -3.223 1.00 0.17 ? 6  GLY A C    7  
ATOM 1052 O O    . GLY A 1 6  ? -1.060 -3.500 -3.224 1.00 0.25 ? 6  GLY A O    7  
ATOM 1053 H H    . GLY A 1 6  ? -2.545 -1.955 -0.728 1.00 0.35 ? 6  GLY A H    7  
ATOM 1054 H HA2  . GLY A 1 6  ? -3.027 -4.207 -1.862 1.00 0.32 ? 6  GLY A HA2  7  
ATOM 1055 H HA3  . GLY A 1 6  ? -4.156 -3.255 -2.814 1.00 0.24 ? 6  GLY A HA3  7  
ATOM 1056 N N    . PRO A 1 7  ? -2.305 -1.797 -4.033 1.00 0.14 ? 7  PRO A N    7  
ATOM 1057 C CA   . PRO A 1 7  ? -1.331 -1.336 -5.037 1.00 0.21 ? 7  PRO A CA   7  
ATOM 1058 C C    . PRO A 1 7  ? 0.073  -1.113 -4.473 1.00 0.24 ? 7  PRO A C    7  
ATOM 1059 O O    . PRO A 1 7  ? 0.995  -1.879 -4.747 1.00 0.42 ? 7  PRO A O    7  
ATOM 1060 C CB   . PRO A 1 7  ? -1.922 0.001  -5.523 1.00 0.26 ? 7  PRO A CB   7  
ATOM 1061 C CG   . PRO A 1 7  ? -2.976 0.351  -4.526 1.00 0.22 ? 7  PRO A CG   7  
ATOM 1062 C CD   . PRO A 1 7  ? -3.510 -0.958 -4.045 1.00 0.15 ? 7  PRO A CD   7  
ATOM 1063 H HA   . PRO A 1 7  ? -1.274 -2.022 -5.868 1.00 0.27 ? 7  PRO A HA   7  
ATOM 1064 H HB2  . PRO A 1 7  ? -1.143 0.748  -5.553 1.00 0.31 ? 7  PRO A HB2  7  
ATOM 1065 H HB3  . PRO A 1 7  ? -2.340 -0.128 -6.509 1.00 0.34 ? 7  PRO A HB3  7  
ATOM 1066 H HG2  . PRO A 1 7  ? -2.541 0.901  -3.700 1.00 0.20 ? 7  PRO A HG2  7  
ATOM 1067 H HG3  . PRO A 1 7  ? -3.756 0.928  -4.998 1.00 0.29 ? 7  PRO A HG3  7  
ATOM 1068 H HD2  . PRO A 1 7  ? -3.929 -0.859 -3.054 1.00 0.12 ? 7  PRO A HD2  7  
ATOM 1069 H HD3  . PRO A 1 7  ? -4.244 -1.347 -4.735 1.00 0.20 ? 7  PRO A HD3  7  
ATOM 1070 N N    . ASN A 1 8  ? 0.221  -0.065 -3.681 1.00 0.16 ? 8  ASN A N    7  
ATOM 1071 C CA   . ASN A 1 8  ? 1.513  0.327  -3.136 1.00 0.24 ? 8  ASN A CA   7  
ATOM 1072 C C    . ASN A 1 8  ? 1.279  1.156  -1.882 1.00 0.13 ? 8  ASN A C    7  
ATOM 1073 O O    . ASN A 1 8  ? 0.169  1.651  -1.682 1.00 0.24 ? 8  ASN A O    7  
ATOM 1074 C CB   . ASN A 1 8  ? 2.307  1.139  -4.175 1.00 0.52 ? 8  ASN A CB   7  
ATOM 1075 C CG   . ASN A 1 8  ? 1.722  2.516  -4.444 1.00 1.15 ? 8  ASN A CG   7  
ATOM 1076 O OD1  . ASN A 1 8  ? 0.508  2.724  -4.372 1.00 2.04 ? 8  ASN A OD1  7  
ATOM 1077 N ND2  . ASN A 1 8  ? 2.587  3.470  -4.755 1.00 1.87 ? 8  ASN A ND2  7  
ATOM 1078 H H    . ASN A 1 8  ? -0.568 0.470  -3.449 1.00 0.17 ? 8  ASN A H    7  
ATOM 1079 H HA   . ASN A 1 8  ? 2.060  -0.568 -2.877 1.00 0.37 ? 8  ASN A HA   7  
ATOM 1080 H HB2  . ASN A 1 8  ? 3.320  1.268  -3.826 1.00 1.25 ? 8  ASN A HB2  7  
ATOM 1081 H HB3  . ASN A 1 8  ? 2.326  0.591  -5.107 1.00 1.30 ? 8  ASN A HB3  7  
ATOM 1082 H HD21 . ASN A 1 8  ? 3.540  3.237  -4.793 1.00 2.14 ? 8  ASN A HD21 7  
ATOM 1083 H HD22 . ASN A 1 8  ? 2.242  4.371  -4.933 1.00 2.56 ? 8  ASN A HD22 7  
ATOM 1084 N N    . PRO A 1 9  ? 2.288  1.297  -0.999 1.00 0.18 ? 9  PRO A N    7  
ATOM 1085 C CA   . PRO A 1 9  ? 2.152  2.091  0.233  1.00 0.28 ? 9  PRO A CA   7  
ATOM 1086 C C    . PRO A 1 9  ? 2.061  3.596  -0.022 1.00 0.34 ? 9  PRO A C    7  
ATOM 1087 O O    . PRO A 1 9  ? 2.837  4.385  0.521  1.00 0.82 ? 9  PRO A O    7  
ATOM 1088 C CB   . PRO A 1 9  ? 3.419  1.750  1.007  1.00 0.37 ? 9  PRO A CB   7  
ATOM 1089 C CG   . PRO A 1 9  ? 4.412  1.421  -0.051 1.00 0.39 ? 9  PRO A CG   7  
ATOM 1090 C CD   . PRO A 1 9  ? 3.634  0.688  -1.103 1.00 0.32 ? 9  PRO A CD   7  
ATOM 1091 H HA   . PRO A 1 9  ? 1.290  1.783  0.804  1.00 0.36 ? 9  PRO A HA   7  
ATOM 1092 H HB2  . PRO A 1 9  ? 3.728  2.599  1.598  1.00 0.44 ? 9  PRO A HB2  7  
ATOM 1093 H HB3  . PRO A 1 9  ? 3.225  0.903  1.647  1.00 0.45 ? 9  PRO A HB3  7  
ATOM 1094 H HG2  . PRO A 1 9  ? 4.833  2.328  -0.455 1.00 0.42 ? 9  PRO A HG2  7  
ATOM 1095 H HG3  . PRO A 1 9  ? 5.189  0.788  0.353  1.00 0.51 ? 9  PRO A HG3  7  
ATOM 1096 H HD2  . PRO A 1 9  ? 4.066  0.858  -2.079 1.00 0.40 ? 9  PRO A HD2  7  
ATOM 1097 H HD3  . PRO A 1 9  ? 3.603  -0.370 -0.876 1.00 0.43 ? 9  PRO A HD3  7  
ATOM 1098 N N    . SER A 1 10 ? 1.098  3.975  -0.847 1.00 0.94 ? 10 SER A N    7  
ATOM 1099 C CA   . SER A 1 10 ? 0.783  5.368  -1.089 1.00 1.08 ? 10 SER A CA   7  
ATOM 1100 C C    . SER A 1 10 ? -0.181 5.865  -0.018 1.00 0.74 ? 10 SER A C    7  
ATOM 1101 O O    . SER A 1 10 ? -0.579 7.030  0.000  1.00 0.85 ? 10 SER A O    7  
ATOM 1102 C CB   . SER A 1 10 ? 0.171  5.521  -2.480 1.00 1.63 ? 10 SER A CB   7  
ATOM 1103 O OG   . SER A 1 10 ? -0.802 4.515  -2.720 1.00 2.03 ? 10 SER A OG   7  
ATOM 1104 H H    . SER A 1 10 ? 0.577  3.286  -1.316 1.00 1.50 ? 10 SER A H    7  
ATOM 1105 H HA   . SER A 1 10 ? 1.698  5.937  -1.035 1.00 1.30 ? 10 SER A HA   7  
ATOM 1106 H HB2  . SER A 1 10 ? -0.302 6.487  -2.560 1.00 2.14 ? 10 SER A HB2  7  
ATOM 1107 H HB3  . SER A 1 10 ? 0.949  5.437  -3.224 1.00 2.04 ? 10 SER A HB3  7  
ATOM 1108 H HG   . SER A 1 10 ? -0.462 3.895  -3.381 1.00 2.21 ? 10 SER A HG   7  
ATOM 1109 N N    . SER A 1 11 ? -0.549 4.959  0.874  1.00 0.69 ? 11 SER A N    7  
ATOM 1110 C CA   . SER A 1 11 ? -1.429 5.270  1.984  1.00 1.03 ? 11 SER A CA   7  
ATOM 1111 C C    . SER A 1 11 ? -0.617 5.580  3.238  1.00 1.58 ? 11 SER A C    7  
ATOM 1112 O O    . SER A 1 11 ? -1.053 5.320  4.360  1.00 2.41 ? 11 SER A O    7  
ATOM 1113 C CB   . SER A 1 11 ? -2.364 4.087  2.223  1.00 2.20 ? 11 SER A CB   7  
ATOM 1114 O OG   . SER A 1 11 ? -1.653 2.859  2.155  1.00 2.99 ? 11 SER A OG   7  
ATOM 1115 H H    . SER A 1 11 ? -0.218 4.041  0.783  1.00 0.72 ? 11 SER A H    7  
ATOM 1116 H HA   . SER A 1 11 ? -2.012 6.137  1.717  1.00 1.44 ? 11 SER A HA   7  
ATOM 1117 H HB2  . SER A 1 11 ? -2.813 4.177  3.200  1.00 2.74 ? 11 SER A HB2  7  
ATOM 1118 H HB3  . SER A 1 11 ? -3.138 4.084  1.470  1.00 2.57 ? 11 SER A HB3  7  
ATOM 1119 H HG   . SER A 1 11 ? -1.467 2.551  3.050  1.00 3.04 ? 11 SER A HG   7  
ATOM 1120 N N    . ASN A 1 12 ? 0.572  6.134  3.038  1.00 2.18 ? 12 ASN A N    7  
ATOM 1121 C CA   . ASN A 1 12 ? 1.465  6.456  4.139  1.00 3.40 ? 12 ASN A CA   7  
ATOM 1122 C C    . ASN A 1 12 ? 1.955  7.885  4.007  1.00 4.15 ? 12 ASN A C    7  
ATOM 1123 O O    . ASN A 1 12 ? 1.284  8.796  4.540  1.00 4.53 ? 12 ASN A O    7  
ATOM 1124 C CB   . ASN A 1 12 ? 2.657  5.496  4.169  1.00 4.29 ? 12 ASN A CB   7  
ATOM 1125 C CG   . ASN A 1 12 ? 2.246  4.057  4.399  1.00 4.67 ? 12 ASN A CG   7  
ATOM 1126 O OD1  . ASN A 1 12 ? 1.973  3.317  3.455  1.00 4.87 ? 12 ASN A OD1  7  
ATOM 1127 N ND2  . ASN A 1 12 ? 2.200  3.645  5.655  1.00 5.23 ? 12 ASN A ND2  7  
ATOM 1128 O OXT  . ASN A 1 12 ? 2.993  8.096  3.351  1.00 4.76 ? 12 ASN A OXT  7  
ATOM 1129 H H    . ASN A 1 12 ? 0.854  6.341  2.122  1.00 2.25 ? 12 ASN A H    7  
ATOM 1130 H HA   . ASN A 1 12 ? 0.908  6.358  5.059  1.00 3.54 ? 12 ASN A HA   7  
ATOM 1131 H HB2  . ASN A 1 12 ? 3.181  5.552  3.227  1.00 4.67 ? 12 ASN A HB2  7  
ATOM 1132 H HB3  . ASN A 1 12 ? 3.327  5.791  4.965  1.00 4.72 ? 12 ASN A HB3  7  
ATOM 1133 H HD21 . ASN A 1 12 ? 2.433  4.287  6.363  1.00 5.35 ? 12 ASN A HD21 7  
ATOM 1134 H HD22 . ASN A 1 12 ? 1.936  2.717  5.829  1.00 5.71 ? 12 ASN A HD22 7  
ATOM 1135 N N    . HIS A 1 1  ? 5.914  -4.772 -0.903 1.00 2.27 ? 1  HIS A N    8  
ATOM 1136 C CA   . HIS A 1 1  ? 6.723  -4.883 0.336  1.00 2.26 ? 1  HIS A CA   8  
ATOM 1137 C C    . HIS A 1 1  ? 5.859  -4.534 1.534  1.00 1.76 ? 1  HIS A C    8  
ATOM 1138 O O    . HIS A 1 1  ? 5.524  -5.394 2.348  1.00 2.08 ? 1  HIS A O    8  
ATOM 1139 C CB   . HIS A 1 1  ? 7.944  -3.952 0.301  1.00 2.81 ? 1  HIS A CB   8  
ATOM 1140 C CG   . HIS A 1 1  ? 8.964  -4.290 -0.745 1.00 3.60 ? 1  HIS A CG   8  
ATOM 1141 N ND1  . HIS A 1 1  ? 9.884  -5.307 -0.603 1.00 4.28 ? 1  HIS A ND1  8  
ATOM 1142 C CD2  . HIS A 1 1  ? 9.224  -3.720 -1.946 1.00 4.28 ? 1  HIS A CD2  8  
ATOM 1143 C CE1  . HIS A 1 1  ? 10.663 -5.345 -1.666 1.00 5.11 ? 1  HIS A CE1  8  
ATOM 1144 N NE2  . HIS A 1 1  ? 10.283 -4.393 -2.496 1.00 5.12 ? 1  HIS A NE2  8  
ATOM 1145 H H1   . HIS A 1 1  ? 6.493  -4.985 -1.737 1.00 2.72 ? 1  HIS A H1   8  
ATOM 1146 H H2   . HIS A 1 1  ? 5.527  -3.808 -0.996 1.00 2.51 ? 1  HIS A H2   8  
ATOM 1147 H H3   . HIS A 1 1  ? 5.117  -5.440 -0.866 1.00 2.10 ? 1  HIS A H3   8  
ATOM 1148 H HA   . HIS A 1 1  ? 7.056  -5.906 0.433  1.00 2.60 ? 1  HIS A HA   8  
ATOM 1149 H HB2  . HIS A 1 1  ? 7.610  -2.944 0.116  1.00 3.14 ? 1  HIS A HB2  8  
ATOM 1150 H HB3  . HIS A 1 1  ? 8.435  -3.986 1.263  1.00 2.88 ? 1  HIS A HB3  8  
ATOM 1151 H HD1  . HIS A 1 1  ? 9.950  -5.919 0.166  1.00 4.42 ? 1  HIS A HD1  8  
ATOM 1152 H HD2  . HIS A 1 1  ? 8.697  -2.887 -2.387 1.00 4.46 ? 1  HIS A HD2  8  
ATOM 1153 H HE1  . HIS A 1 1  ? 11.474 -6.037 -1.830 1.00 5.89 ? 1  HIS A HE1  8  
ATOM 1154 H HE2  . HIS A 1 1  ? 10.731 -4.164 -3.338 1.00 5.79 ? 1  HIS A HE2  8  
ATOM 1155 N N    . GLU A 1 2  ? 5.492  -3.263 1.628  1.00 1.24 ? 2  GLU A N    8  
ATOM 1156 C CA   . GLU A 1 2  ? 4.591  -2.801 2.670  1.00 0.93 ? 2  GLU A CA   8  
ATOM 1157 C C    . GLU A 1 2  ? 3.192  -3.334 2.400  1.00 1.04 ? 2  GLU A C    8  
ATOM 1158 O O    . GLU A 1 2  ? 2.881  -3.729 1.277  1.00 2.06 ? 2  GLU A O    8  
ATOM 1159 C CB   . GLU A 1 2  ? 4.561  -1.269 2.701  1.00 0.96 ? 2  GLU A CB   8  
ATOM 1160 C CG   . GLU A 1 2  ? 3.823  -0.683 3.897  1.00 1.86 ? 2  GLU A CG   8  
ATOM 1161 C CD   . GLU A 1 2  ? 4.372  -1.169 5.224  1.00 2.49 ? 2  GLU A CD   8  
ATOM 1162 O OE1  . GLU A 1 2  ? 4.039  -2.299 5.635  1.00 2.85 ? 2  GLU A OE1  8  
ATOM 1163 O OE2  . GLU A 1 2  ? 5.150  -0.422 5.859  1.00 2.96 ? 2  GLU A OE2  8  
ATOM 1164 H H    . GLU A 1 2  ? 5.837  -2.613 0.976  1.00 1.39 ? 2  GLU A H    8  
ATOM 1165 H HA   . GLU A 1 2  ? 4.943  -3.174 3.619  1.00 1.15 ? 2  GLU A HA   8  
ATOM 1166 H HB2  . GLU A 1 2  ? 5.572  -0.895 2.707  1.00 1.29 ? 2  GLU A HB2  8  
ATOM 1167 H HB3  . GLU A 1 2  ? 4.066  -0.924 1.804  1.00 0.85 ? 2  GLU A HB3  8  
ATOM 1168 H HG2  . GLU A 1 2  ? 3.907  0.392  3.864  1.00 2.20 ? 2  GLU A HG2  8  
ATOM 1169 H HG3  . GLU A 1 2  ? 2.782  -0.964 3.832  1.00 2.30 ? 2  GLU A HG3  8  
ATOM 1170 N N    . VAL A 1 3  ? 2.358  -3.360 3.420  1.00 0.41 ? 3  VAL A N    8  
ATOM 1171 C CA   . VAL A 1 3  ? 0.970  -3.737 3.240  1.00 0.51 ? 3  VAL A CA   8  
ATOM 1172 C C    . VAL A 1 3  ? 0.099  -2.485 3.178  1.00 0.36 ? 3  VAL A C    8  
ATOM 1173 O O    . VAL A 1 3  ? -0.228 -1.898 4.208  1.00 0.47 ? 3  VAL A O    8  
ATOM 1174 C CB   . VAL A 1 3  ? 0.469  -4.658 4.370  1.00 0.84 ? 3  VAL A CB   8  
ATOM 1175 C CG1  . VAL A 1 3  ? -0.925 -5.170 4.052  1.00 1.85 ? 3  VAL A CG1  8  
ATOM 1176 C CG2  . VAL A 1 3  ? 1.430  -5.818 4.585  1.00 1.56 ? 3  VAL A CG2  8  
ATOM 1177 H H    . VAL A 1 3  ? 2.682  -3.115 4.316  1.00 0.95 ? 3  VAL A H    8  
ATOM 1178 H HA   . VAL A 1 3  ? 0.887  -4.269 2.304  1.00 0.70 ? 3  VAL A HA   8  
ATOM 1179 H HB   . VAL A 1 3  ? 0.420  -4.083 5.284  1.00 1.10 ? 3  VAL A HB   8  
ATOM 1180 H HG11 . VAL A 1 3  ? -1.259 -5.824 4.843  1.00 2.26 ? 3  VAL A HG11 8  
ATOM 1181 H HG12 . VAL A 1 3  ? -0.902 -5.714 3.119  1.00 2.51 ? 3  VAL A HG12 8  
ATOM 1182 H HG13 . VAL A 1 3  ? -1.604 -4.335 3.964  1.00 2.27 ? 3  VAL A HG13 8  
ATOM 1183 H HG21 . VAL A 1 3  ? 1.511  -6.391 3.672  1.00 1.99 ? 3  VAL A HG21 8  
ATOM 1184 H HG22 . VAL A 1 3  ? 1.059  -6.451 5.375  1.00 2.02 ? 3  VAL A HG22 8  
ATOM 1185 H HG23 . VAL A 1 3  ? 2.402  -5.435 4.855  1.00 2.17 ? 3  VAL A HG23 8  
ATOM 1186 N N    . PRO A 1 4  ? -0.248 -2.038 1.964  1.00 0.22 ? 4  PRO A N    8  
ATOM 1187 C CA   . PRO A 1 4  ? -1.066 -0.856 1.747  1.00 0.10 ? 4  PRO A CA   8  
ATOM 1188 C C    . PRO A 1 4  ? -2.539 -1.221 1.558  1.00 0.12 ? 4  PRO A C    8  
ATOM 1189 O O    . PRO A 1 4  ? -3.034 -2.154 2.189  1.00 0.23 ? 4  PRO A O    8  
ATOM 1190 C CB   . PRO A 1 4  ? -0.457 -0.308 0.459  1.00 0.29 ? 4  PRO A CB   8  
ATOM 1191 C CG   . PRO A 1 4  ? -0.024 -1.520 -0.312 1.00 0.42 ? 4  PRO A CG   8  
ATOM 1192 C CD   . PRO A 1 4  ? 0.130  -2.650 0.681  1.00 0.43 ? 4  PRO A CD   8  
ATOM 1193 H HA   . PRO A 1 4  ? -0.960 -0.137 2.542  1.00 0.19 ? 4  PRO A HA   8  
ATOM 1194 H HB2  . PRO A 1 4  ? -1.200 0.259  -0.082 1.00 0.36 ? 4  PRO A HB2  8  
ATOM 1195 H HB3  . PRO A 1 4  ? 0.388  0.330  0.697  1.00 0.36 ? 4  PRO A HB3  8  
ATOM 1196 H HG2  . PRO A 1 4  ? -0.773 -1.771 -1.046 1.00 0.48 ? 4  PRO A HG2  8  
ATOM 1197 H HG3  . PRO A 1 4  ? 0.921  -1.321 -0.797 1.00 0.55 ? 4  PRO A HG3  8  
ATOM 1198 H HD2  . PRO A 1 4  ? -0.536 -3.462 0.432  1.00 0.56 ? 4  PRO A HD2  8  
ATOM 1199 H HD3  . PRO A 1 4  ? 1.154  -2.992 0.705  1.00 0.56 ? 4  PRO A HD3  8  
ATOM 1200 N N    . SER A 1 5  ? -3.244 -0.500 0.689  1.00 0.13 ? 5  SER A N    8  
ATOM 1201 C CA   . SER A 1 5  ? -4.617 -0.861 0.360  1.00 0.18 ? 5  SER A CA   8  
ATOM 1202 C C    . SER A 1 5  ? -4.607 -1.955 -0.706 1.00 0.18 ? 5  SER A C    8  
ATOM 1203 O O    . SER A 1 5  ? -5.647 -2.470 -1.112 1.00 0.47 ? 5  SER A O    8  
ATOM 1204 C CB   . SER A 1 5  ? -5.390 0.368  -0.134 1.00 0.37 ? 5  SER A CB   8  
ATOM 1205 O OG   . SER A 1 5  ? -6.757 0.068  -0.366 1.00 1.59 ? 5  SER A OG   8  
ATOM 1206 H H    . SER A 1 5  ? -2.837 0.286  0.265  1.00 0.18 ? 5  SER A H    8  
ATOM 1207 H HA   . SER A 1 5  ? -5.086 -1.246 1.252  1.00 0.28 ? 5  SER A HA   8  
ATOM 1208 H HB2  . SER A 1 5  ? -5.334 1.147  0.610  1.00 0.91 ? 5  SER A HB2  8  
ATOM 1209 H HB3  . SER A 1 5  ? -4.951 0.719  -1.054 1.00 1.05 ? 5  SER A HB3  8  
ATOM 1210 H HG   . SER A 1 5  ? -6.845 -0.375 -1.222 1.00 2.01 ? 5  SER A HG   8  
ATOM 1211 N N    . GLY A 1 6  ? -3.405 -2.309 -1.141 1.00 0.16 ? 6  GLY A N    8  
ATOM 1212 C CA   . GLY A 1 6  ? -3.241 -3.290 -2.188 1.00 0.19 ? 6  GLY A CA   8  
ATOM 1213 C C    . GLY A 1 6  ? -2.110 -2.924 -3.126 1.00 0.17 ? 6  GLY A C    8  
ATOM 1214 O O    . GLY A 1 6  ? -1.074 -3.580 -3.127 1.00 0.25 ? 6  GLY A O    8  
ATOM 1215 H H    . GLY A 1 6  ? -2.616 -1.898 -0.739 1.00 0.35 ? 6  GLY A H    8  
ATOM 1216 H HA2  . GLY A 1 6  ? -3.034 -4.251 -1.740 1.00 0.32 ? 6  GLY A HA2  8  
ATOM 1217 H HA3  . GLY A 1 6  ? -4.158 -3.355 -2.753 1.00 0.24 ? 6  GLY A HA3  8  
ATOM 1218 N N    . PRO A 1 7  ? -2.286 -1.854 -3.923 1.00 0.14 ? 7  PRO A N    8  
ATOM 1219 C CA   . PRO A 1 7  ? -1.288 -1.397 -4.906 1.00 0.21 ? 7  PRO A CA   8  
ATOM 1220 C C    . PRO A 1 7  ? 0.103  -1.132 -4.317 1.00 0.24 ? 7  PRO A C    8  
ATOM 1221 O O    . PRO A 1 7  ? 1.021  -1.937 -4.475 1.00 0.42 ? 7  PRO A O    8  
ATOM 1222 C CB   . PRO A 1 7  ? -1.886 -0.084 -5.442 1.00 0.26 ? 7  PRO A CB   8  
ATOM 1223 C CG   . PRO A 1 7  ? -2.953 0.287  -4.466 1.00 0.22 ? 7  PRO A CG   8  
ATOM 1224 C CD   . PRO A 1 7  ? -3.489 -1.010 -3.954 1.00 0.15 ? 7  PRO A CD   8  
ATOM 1225 H HA   . PRO A 1 7  ? -1.196 -2.101 -5.720 1.00 0.27 ? 7  PRO A HA   8  
ATOM 1226 H HB2  . PRO A 1 7  ? -1.116 0.670  -5.488 1.00 0.31 ? 7  PRO A HB2  8  
ATOM 1227 H HB3  . PRO A 1 7  ? -2.294 -0.248 -6.428 1.00 0.34 ? 7  PRO A HB3  8  
ATOM 1228 H HG2  . PRO A 1 7  ? -2.529 0.863  -3.652 1.00 0.20 ? 7  PRO A HG2  8  
ATOM 1229 H HG3  . PRO A 1 7  ? -3.731 0.846  -4.963 1.00 0.29 ? 7  PRO A HG3  8  
ATOM 1230 H HD2  . PRO A 1 7  ? -3.904 -0.886 -2.964 1.00 0.12 ? 7  PRO A HD2  8  
ATOM 1231 H HD3  . PRO A 1 7  ? -4.227 -1.412 -4.630 1.00 0.20 ? 7  PRO A HD3  8  
ATOM 1232 N N    . ASN A 1 8  ? 0.246  -0.005 -3.630 1.00 0.16 ? 8  ASN A N    8  
ATOM 1233 C CA   . ASN A 1 8  ? 1.545  0.456  -3.155 1.00 0.24 ? 8  ASN A CA   8  
ATOM 1234 C C    . ASN A 1 8  ? 1.348  1.339  -1.931 1.00 0.13 ? 8  ASN A C    8  
ATOM 1235 O O    . ASN A 1 8  ? 0.343  2.045  -1.848 1.00 0.24 ? 8  ASN A O    8  
ATOM 1236 C CB   . ASN A 1 8  ? 2.250  1.237  -4.276 1.00 0.52 ? 8  ASN A CB   8  
ATOM 1237 C CG   . ASN A 1 8  ? 3.636  1.726  -3.896 1.00 1.15 ? 8  ASN A CG   8  
ATOM 1238 O OD1  . ASN A 1 8  ? 4.618  0.996  -4.030 1.00 2.04 ? 8  ASN A OD1  8  
ATOM 1239 N ND2  . ASN A 1 8  ? 3.733  2.965  -3.441 1.00 1.87 ? 8  ASN A ND2  8  
ATOM 1240 H H    . ASN A 1 8  ? -0.547 0.539  -3.435 1.00 0.17 ? 8  ASN A H    8  
ATOM 1241 H HA   . ASN A 1 8  ? 2.137  -0.406 -2.885 1.00 0.37 ? 8  ASN A HA   8  
ATOM 1242 H HB2  . ASN A 1 8  ? 2.344  0.600  -5.143 1.00 1.25 ? 8  ASN A HB2  8  
ATOM 1243 H HB3  . ASN A 1 8  ? 1.647  2.096  -4.536 1.00 1.30 ? 8  ASN A HB3  8  
ATOM 1244 H HD21 . ASN A 1 8  ? 2.912  3.504  -3.372 1.00 2.14 ? 8  ASN A HD21 8  
ATOM 1245 H HD22 . ASN A 1 8  ? 4.623  3.300  -3.193 1.00 2.56 ? 8  ASN A HD22 8  
ATOM 1246 N N    . PRO A 1 9  ? 2.271  1.286  -0.946 1.00 0.18 ? 9  PRO A N    8  
ATOM 1247 C CA   . PRO A 1 9  ? 2.194  2.126  0.256  1.00 0.28 ? 9  PRO A CA   8  
ATOM 1248 C C    . PRO A 1 9  ? 2.323  3.611  -0.054 1.00 0.34 ? 9  PRO A C    8  
ATOM 1249 O O    . PRO A 1 9  ? 3.388  4.210  0.105  1.00 0.82 ? 9  PRO A O    8  
ATOM 1250 C CB   . PRO A 1 9  ? 3.371  1.648  1.108  1.00 0.37 ? 9  PRO A CB   8  
ATOM 1251 C CG   . PRO A 1 9  ? 4.317  1.039  0.135  1.00 0.39 ? 9  PRO A CG   8  
ATOM 1252 C CD   . PRO A 1 9  ? 3.448  0.396  -0.907 1.00 0.32 ? 9  PRO A CD   8  
ATOM 1253 H HA   . PRO A 1 9  ? 1.274  1.960  0.791  1.00 0.36 ? 9  PRO A HA   8  
ATOM 1254 H HB2  . PRO A 1 9  ? 3.816  2.488  1.622  1.00 0.44 ? 9  PRO A HB2  8  
ATOM 1255 H HB3  . PRO A 1 9  ? 3.020  0.920  1.827  1.00 0.45 ? 9  PRO A HB3  8  
ATOM 1256 H HG2  . PRO A 1 9  ? 4.934  1.807  -0.308 1.00 0.42 ? 9  PRO A HG2  8  
ATOM 1257 H HG3  . PRO A 1 9  ? 4.930  0.298  0.630  1.00 0.51 ? 9  PRO A HG3  8  
ATOM 1258 H HD2  . PRO A 1 9  ? 3.954  0.375  -1.861 1.00 0.40 ? 9  PRO A HD2  8  
ATOM 1259 H HD3  . PRO A 1 9  ? 3.168  -0.602 -0.600 1.00 0.43 ? 9  PRO A HD3  8  
ATOM 1260 N N    . SER A 1 10 ? 1.233  4.188  -0.522 1.00 0.94 ? 10 SER A N    8  
ATOM 1261 C CA   . SER A 1 10 ? 1.167  5.610  -0.782 1.00 1.08 ? 10 SER A CA   8  
ATOM 1262 C C    . SER A 1 10 ? 0.034  6.227  0.028  1.00 0.74 ? 10 SER A C    8  
ATOM 1263 O O    . SER A 1 10 ? -0.387 7.355  -0.226 1.00 0.85 ? 10 SER A O    8  
ATOM 1264 C CB   . SER A 1 10 ? 0.967  5.861  -2.277 1.00 1.63 ? 10 SER A CB   8  
ATOM 1265 O OG   . SER A 1 10 ? 1.994  5.241  -3.033 1.00 2.03 ? 10 SER A OG   8  
ATOM 1266 H H    . SER A 1 10 ? 0.449  3.628  -0.724 1.00 1.50 ? 10 SER A H    8  
ATOM 1267 H HA   . SER A 1 10 ? 2.102  6.050  -0.469 1.00 1.30 ? 10 SER A HA   8  
ATOM 1268 H HB2  . SER A 1 10 ? 0.017  5.456  -2.586 1.00 2.14 ? 10 SER A HB2  8  
ATOM 1269 H HB3  . SER A 1 10 ? 0.988  6.924  -2.468 1.00 2.04 ? 10 SER A HB3  8  
ATOM 1270 H HG   . SER A 1 10 ? 2.832  5.685  -2.849 1.00 2.21 ? 10 SER A HG   8  
ATOM 1271 N N    . SER A 1 11 ? -0.469 5.446  0.985  1.00 0.69 ? 11 SER A N    8  
ATOM 1272 C CA   . SER A 1 11 ? -1.474 5.912  1.939  1.00 1.03 ? 11 SER A CA   8  
ATOM 1273 C C    . SER A 1 11 ? -2.765 6.332  1.229  1.00 1.58 ? 11 SER A C    8  
ATOM 1274 O O    . SER A 1 11 ? -3.327 7.395  1.505  1.00 2.41 ? 11 SER A O    8  
ATOM 1275 C CB   . SER A 1 11 ? -0.909 7.074  2.767  1.00 2.20 ? 11 SER A CB   8  
ATOM 1276 O OG   . SER A 1 11 ? -1.695 7.325  3.922  1.00 2.99 ? 11 SER A OG   8  
ATOM 1277 H H    . SER A 1 11 ? -0.157 4.511  1.047  1.00 0.72 ? 11 SER A H    8  
ATOM 1278 H HA   . SER A 1 11 ? -1.698 5.091  2.603  1.00 1.44 ? 11 SER A HA   8  
ATOM 1279 H HB2  . SER A 1 11 ? 0.096  6.836  3.079  1.00 2.74 ? 11 SER A HB2  8  
ATOM 1280 H HB3  . SER A 1 11 ? -0.892 7.969  2.161  1.00 2.57 ? 11 SER A HB3  8  
ATOM 1281 H HG   . SER A 1 11 ? -1.354 6.797  4.659  1.00 3.04 ? 11 SER A HG   8  
ATOM 1282 N N    . ASN A 1 12 ? -3.237 5.492  0.319  1.00 2.18 ? 12 ASN A N    8  
ATOM 1283 C CA   . ASN A 1 12 ? -4.466 5.770  -0.410 1.00 3.40 ? 12 ASN A CA   8  
ATOM 1284 C C    . ASN A 1 12 ? -5.313 4.512  -0.496 1.00 4.15 ? 12 ASN A C    8  
ATOM 1285 O O    . ASN A 1 12 ? -4.730 3.414  -0.609 1.00 4.53 ? 12 ASN A O    8  
ATOM 1286 C CB   . ASN A 1 12 ? -4.174 6.323  -1.815 1.00 4.29 ? 12 ASN A CB   8  
ATOM 1287 C CG   . ASN A 1 12 ? -3.554 5.300  -2.751 1.00 4.67 ? 12 ASN A CG   8  
ATOM 1288 O OD1  . ASN A 1 12 ? -4.253 4.619  -3.503 1.00 4.87 ? 12 ASN A OD1  8  
ATOM 1289 N ND2  . ASN A 1 12 ? -2.238 5.191  -2.713 1.00 5.23 ? 12 ASN A ND2  8  
ATOM 1290 O OXT  . ASN A 1 12 ? -6.553 4.622  -0.432 1.00 4.76 ? 12 ASN A OXT  8  
ATOM 1291 H H    . ASN A 1 12 ? -2.756 4.654  0.141  1.00 2.25 ? 12 ASN A H    8  
ATOM 1292 H HA   . ASN A 1 12 ? -5.015 6.513  0.149  1.00 3.54 ? 12 ASN A HA   8  
ATOM 1293 H HB2  . ASN A 1 12 ? -5.097 6.666  -2.256 1.00 4.67 ? 12 ASN A HB2  8  
ATOM 1294 H HB3  . ASN A 1 12 ? -3.496 7.160  -1.727 1.00 4.72 ? 12 ASN A HB3  8  
ATOM 1295 H HD21 . ASN A 1 12 ? -1.746 5.768  -2.095 1.00 5.35 ? 12 ASN A HD21 8  
ATOM 1296 H HD22 . ASN A 1 12 ? -1.809 4.536  -3.307 1.00 5.71 ? 12 ASN A HD22 8  
ATOM 1297 N N    . HIS A 1 1  ? 4.578  -6.043 1.697  1.00 2.27 ? 1  HIS A N    9  
ATOM 1298 C CA   . HIS A 1 1  ? 5.828  -5.369 2.116  1.00 2.26 ? 1  HIS A CA   9  
ATOM 1299 C C    . HIS A 1 1  ? 5.527  -4.268 3.133  1.00 1.76 ? 1  HIS A C    9  
ATOM 1300 O O    . HIS A 1 1  ? 6.008  -4.311 4.262  1.00 2.08 ? 1  HIS A O    9  
ATOM 1301 C CB   . HIS A 1 1  ? 6.546  -4.780 0.893  1.00 2.81 ? 1  HIS A CB   9  
ATOM 1302 C CG   . HIS A 1 1  ? 7.920  -4.243 1.176  1.00 3.60 ? 1  HIS A CG   9  
ATOM 1303 N ND1  . HIS A 1 1  ? 9.074  -4.899 0.805  1.00 4.28 ? 1  HIS A ND1  9  
ATOM 1304 C CD2  . HIS A 1 1  ? 8.322  -3.097 1.777  1.00 4.28 ? 1  HIS A CD2  9  
ATOM 1305 C CE1  . HIS A 1 1  ? 10.121 -4.184 1.166  1.00 5.11 ? 1  HIS A CE1  9  
ATOM 1306 N NE2  . HIS A 1 1  ? 9.693  -3.088 1.756  1.00 5.12 ? 1  HIS A NE2  9  
ATOM 1307 H H1   . HIS A 1 1  ? 4.790  -6.820 1.043  1.00 2.72 ? 1  HIS A H1   9  
ATOM 1308 H H2   . HIS A 1 1  ? 3.949  -5.369 1.218  1.00 2.51 ? 1  HIS A H2   9  
ATOM 1309 H H3   . HIS A 1 1  ? 4.081  -6.429 2.527  1.00 2.10 ? 1  HIS A H3   9  
ATOM 1310 H HA   . HIS A 1 1  ? 6.467  -6.104 2.581  1.00 2.60 ? 1  HIS A HA   9  
ATOM 1311 H HB2  . HIS A 1 1  ? 6.643  -5.548 0.141  1.00 3.14 ? 1  HIS A HB2  9  
ATOM 1312 H HB3  . HIS A 1 1  ? 5.951  -3.972 0.494  1.00 2.88 ? 1  HIS A HB3  9  
ATOM 1313 H HD1  . HIS A 1 1  ? 9.117  -5.766 0.339  1.00 4.42 ? 1  HIS A HD1  9  
ATOM 1314 H HD2  . HIS A 1 1  ? 7.682  -2.335 2.198  1.00 4.46 ? 1  HIS A HD2  9  
ATOM 1315 H HE1  . HIS A 1 1  ? 11.154 -4.450 1.002  1.00 5.89 ? 1  HIS A HE1  9  
ATOM 1316 H HE2  . HIS A 1 1  ? 10.268 -2.380 2.130  1.00 5.79 ? 1  HIS A HE2  9  
ATOM 1317 N N    . GLU A 1 2  ? 4.735  -3.279 2.736  1.00 1.24 ? 2  GLU A N    9  
ATOM 1318 C CA   . GLU A 1 2  ? 4.461  -2.141 3.603  1.00 0.93 ? 2  GLU A CA   9  
ATOM 1319 C C    . GLU A 1 2  ? 3.032  -2.188 4.146  1.00 1.04 ? 2  GLU A C    9  
ATOM 1320 O O    . GLU A 1 2  ? 2.610  -1.323 4.915  1.00 2.06 ? 2  GLU A O    9  
ATOM 1321 C CB   . GLU A 1 2  ? 4.708  -0.836 2.838  1.00 0.96 ? 2  GLU A CB   9  
ATOM 1322 C CG   . GLU A 1 2  ? 4.785  0.395  3.726  1.00 1.86 ? 2  GLU A CG   9  
ATOM 1323 C CD   . GLU A 1 2  ? 5.744  0.222  4.886  1.00 2.49 ? 2  GLU A CD   9  
ATOM 1324 O OE1  . GLU A 1 2  ? 6.921  -0.122 4.648  1.00 2.96 ? 2  GLU A OE1  9  
ATOM 1325 O OE2  . GLU A 1 2  ? 5.327  0.437  6.041  1.00 2.85 ? 2  GLU A OE2  9  
ATOM 1326 H H    . GLU A 1 2  ? 4.333  -3.308 1.840  1.00 1.39 ? 2  GLU A H    9  
ATOM 1327 H HA   . GLU A 1 2  ? 5.146  -2.191 4.436  1.00 1.15 ? 2  GLU A HA   9  
ATOM 1328 H HB2  . GLU A 1 2  ? 5.635  -0.917 2.296  1.00 1.29 ? 2  GLU A HB2  9  
ATOM 1329 H HB3  . GLU A 1 2  ? 3.902  -0.693 2.131  1.00 0.85 ? 2  GLU A HB3  9  
ATOM 1330 H HG2  . GLU A 1 2  ? 5.114  1.232  3.131  1.00 2.20 ? 2  GLU A HG2  9  
ATOM 1331 H HG3  . GLU A 1 2  ? 3.801  0.598  4.119  1.00 2.30 ? 2  GLU A HG3  9  
ATOM 1332 N N    . VAL A 1 3  ? 2.311  -3.237 3.752  1.00 0.41 ? 3  VAL A N    9  
ATOM 1333 C CA   . VAL A 1 3  ? 0.914  -3.426 4.116  1.00 0.51 ? 3  VAL A CA   9  
ATOM 1334 C C    . VAL A 1 3  ? 0.066  -2.206 3.722  1.00 0.36 ? 3  VAL A C    9  
ATOM 1335 O O    . VAL A 1 3  ? -0.415 -1.453 4.570  1.00 0.47 ? 3  VAL A O    9  
ATOM 1336 C CB   . VAL A 1 3  ? 0.794  -3.727 5.620  1.00 0.84 ? 3  VAL A CB   9  
ATOM 1337 C CG1  . VAL A 1 3  ? -0.651 -3.977 6.029  1.00 1.85 ? 3  VAL A CG1  9  
ATOM 1338 C CG2  . VAL A 1 3  ? 1.662  -4.920 5.990  1.00 1.56 ? 3  VAL A CG2  9  
ATOM 1339 H H    . VAL A 1 3  ? 2.738  -3.920 3.220  1.00 0.95 ? 3  VAL A H    9  
ATOM 1340 H HA   . VAL A 1 3  ? 0.550  -4.286 3.573  1.00 0.70 ? 3  VAL A HA   9  
ATOM 1341 H HB   . VAL A 1 3  ? 1.163  -2.871 6.149  1.00 1.10 ? 3  VAL A HB   9  
ATOM 1342 H HG11 . VAL A 1 3  ? -1.028 -4.844 5.507  1.00 2.26 ? 3  VAL A HG11 9  
ATOM 1343 H HG12 . VAL A 1 3  ? -1.251 -3.117 5.777  1.00 2.51 ? 3  VAL A HG12 9  
ATOM 1344 H HG13 . VAL A 1 3  ? -0.700 -4.150 7.094  1.00 2.27 ? 3  VAL A HG13 9  
ATOM 1345 H HG21 . VAL A 1 3  ? 2.693  -4.703 5.752  1.00 1.99 ? 3  VAL A HG21 9  
ATOM 1346 H HG22 . VAL A 1 3  ? 1.340  -5.787 5.435  1.00 2.02 ? 3  VAL A HG22 9  
ATOM 1347 H HG23 . VAL A 1 3  ? 1.571  -5.117 7.049  1.00 2.17 ? 3  VAL A HG23 9  
ATOM 1348 N N    . PRO A 1 4  ? -0.104 -1.983 2.410  1.00 0.22 ? 4  PRO A N    9  
ATOM 1349 C CA   . PRO A 1 4  ? -0.915 -0.900 1.883  1.00 0.10 ? 4  PRO A CA   9  
ATOM 1350 C C    . PRO A 1 4  ? -2.333 -1.370 1.572  1.00 0.12 ? 4  PRO A C    9  
ATOM 1351 O O    . PRO A 1 4  ? -2.771 -2.406 2.071  1.00 0.23 ? 4  PRO A O    9  
ATOM 1352 C CB   . PRO A 1 4  ? -0.158 -0.555 0.607  1.00 0.29 ? 4  PRO A CB   9  
ATOM 1353 C CG   . PRO A 1 4  ? 0.349  -1.870 0.107  1.00 0.42 ? 4  PRO A CG   9  
ATOM 1354 C CD   . PRO A 1 4  ? 0.491  -2.773 1.315  1.00 0.43 ? 4  PRO A CD   9  
ATOM 1355 H HA   . PRO A 1 4  ? -0.939 -0.048 2.545  1.00 0.19 ? 4  PRO A HA   9  
ATOM 1356 H HB2  . PRO A 1 4  ? -0.829 -0.090 -0.102 1.00 0.36 ? 4  PRO A HB2  9  
ATOM 1357 H HB3  . PRO A 1 4  ? 0.659  0.119  0.841  1.00 0.36 ? 4  PRO A HB3  9  
ATOM 1358 H HG2  . PRO A 1 4  ? -0.357 -2.292 -0.592 1.00 0.48 ? 4  PRO A HG2  9  
ATOM 1359 H HG3  . PRO A 1 4  ? 1.309  -1.734 -0.369 1.00 0.55 ? 4  PRO A HG3  9  
ATOM 1360 H HD2  . PRO A 1 4  ? -0.055 -3.692 1.164  1.00 0.56 ? 4  PRO A HD2  9  
ATOM 1361 H HD3  . PRO A 1 4  ? 1.531  -2.978 1.511  1.00 0.56 ? 4  PRO A HD3  9  
ATOM 1362 N N    . SER A 1 5  ? -3.049 -0.626 0.742  1.00 0.13 ? 5  SER A N    9  
ATOM 1363 C CA   . SER A 1 5  ? -4.420 -0.980 0.415  1.00 0.18 ? 5  SER A CA   9  
ATOM 1364 C C    . SER A 1 5  ? -4.493 -1.727 -0.913 1.00 0.18 ? 5  SER A C    9  
ATOM 1365 O O    . SER A 1 5  ? -5.500 -1.666 -1.620 1.00 0.47 ? 5  SER A O    9  
ATOM 1366 C CB   . SER A 1 5  ? -5.290 0.274  0.373  1.00 0.37 ? 5  SER A CB   9  
ATOM 1367 O OG   . SER A 1 5  ? -5.255 0.943  1.621  1.00 1.59 ? 5  SER A OG   9  
ATOM 1368 H H    . SER A 1 5  ? -2.653 0.180  0.342  1.00 0.18 ? 5  SER A H    9  
ATOM 1369 H HA   . SER A 1 5  ? -4.786 -1.630 1.197  1.00 0.28 ? 5  SER A HA   9  
ATOM 1370 H HB2  . SER A 1 5  ? -4.922 0.941  -0.392 1.00 0.91 ? 5  SER A HB2  9  
ATOM 1371 H HB3  . SER A 1 5  ? -6.309 -0.003 0.152  1.00 1.05 ? 5  SER A HB3  9  
ATOM 1372 H HG   . SER A 1 5  ? -5.686 1.810  1.533  1.00 2.01 ? 5  SER A HG   9  
ATOM 1373 N N    . GLY A 1 6  ? -3.424 -2.436 -1.249 1.00 0.16 ? 6  GLY A N    9  
ATOM 1374 C CA   . GLY A 1 6  ? -3.402 -3.203 -2.480 1.00 0.19 ? 6  GLY A CA   9  
ATOM 1375 C C    . GLY A 1 6  ? -2.260 -2.816 -3.399 1.00 0.17 ? 6  GLY A C    9  
ATOM 1376 O O    . GLY A 1 6  ? -1.271 -3.544 -3.490 1.00 0.25 ? 6  GLY A O    9  
ATOM 1377 H H    . GLY A 1 6  ? -2.646 -2.447 -0.654 1.00 0.35 ? 6  GLY A H    9  
ATOM 1378 H HA2  . GLY A 1 6  ? -3.311 -4.247 -2.236 1.00 0.32 ? 6  GLY A HA2  9  
ATOM 1379 H HA3  . GLY A 1 6  ? -4.334 -3.046 -3.001 1.00 0.24 ? 6  GLY A HA3  9  
ATOM 1380 N N    . PRO A 1 7  ? -2.375 -1.674 -4.096 1.00 0.14 ? 7  PRO A N    9  
ATOM 1381 C CA   . PRO A 1 7  ? -1.361 -1.202 -5.049 1.00 0.21 ? 7  PRO A CA   9  
ATOM 1382 C C    . PRO A 1 7  ? 0.036  -1.125 -4.439 1.00 0.24 ? 7  PRO A C    9  
ATOM 1383 O O    . PRO A 1 7  ? 0.890  -1.977 -4.694 1.00 0.42 ? 7  PRO A O    9  
ATOM 1384 C CB   . PRO A 1 7  ? -1.852 0.206  -5.430 1.00 0.26 ? 7  PRO A CB   9  
ATOM 1385 C CG   . PRO A 1 7  ? -2.877 0.553  -4.401 1.00 0.22 ? 7  PRO A CG   9  
ATOM 1386 C CD   . PRO A 1 7  ? -3.510 -0.747 -4.024 1.00 0.15 ? 7  PRO A CD   9  
ATOM 1387 H HA   . PRO A 1 7  ? -1.331 -1.825 -5.930 1.00 0.27 ? 7  PRO A HA   9  
ATOM 1388 H HB2  . PRO A 1 7  ? -1.022 0.896  -5.406 1.00 0.31 ? 7  PRO A HB2  9  
ATOM 1389 H HB3  . PRO A 1 7  ? -2.280 0.186  -6.419 1.00 0.34 ? 7  PRO A HB3  9  
ATOM 1390 H HG2  . PRO A 1 7  ? -2.401 1.000  -3.536 1.00 0.20 ? 7  PRO A HG2  9  
ATOM 1391 H HG3  . PRO A 1 7  ? -3.612 1.225  -4.820 1.00 0.29 ? 7  PRO A HG3  9  
ATOM 1392 H HD2  . PRO A 1 7  ? -3.913 -0.699 -3.024 1.00 0.12 ? 7  PRO A HD2  9  
ATOM 1393 H HD3  . PRO A 1 7  ? -4.276 -1.017 -4.734 1.00 0.20 ? 7  PRO A HD3  9  
ATOM 1394 N N    . ASN A 1 8  ? 0.251  -0.109 -3.621 1.00 0.16 ? 8  ASN A N    9  
ATOM 1395 C CA   . ASN A 1 8  ? 1.536  0.127  -2.987 1.00 0.24 ? 8  ASN A CA   9  
ATOM 1396 C C    . ASN A 1 8  ? 1.332  1.136  -1.866 1.00 0.13 ? 8  ASN A C    9  
ATOM 1397 O O    . ASN A 1 8  ? 0.283  1.784  -1.823 1.00 0.24 ? 8  ASN A O    9  
ATOM 1398 C CB   . ASN A 1 8  ? 2.566  0.630  -4.019 1.00 0.52 ? 8  ASN A CB   9  
ATOM 1399 C CG   . ASN A 1 8  ? 2.286  2.036  -4.513 1.00 1.15 ? 8  ASN A CG   9  
ATOM 1400 O OD1  . ASN A 1 8  ? 2.808  3.010  -3.972 1.00 2.04 ? 8  ASN A OD1  9  
ATOM 1401 N ND2  . ASN A 1 8  ? 1.473  2.153  -5.553 1.00 1.87 ? 8  ASN A ND2  9  
ATOM 1402 H H    . ASN A 1 8  ? -0.485 0.510  -3.429 1.00 0.17 ? 8  ASN A H    9  
ATOM 1403 H HA   . ASN A 1 8  ? 1.877  -0.805 -2.562 1.00 0.37 ? 8  ASN A HA   9  
ATOM 1404 H HB2  . ASN A 1 8  ? 3.546  0.618  -3.576 1.00 1.25 ? 8  ASN A HB2  9  
ATOM 1405 H HB3  . ASN A 1 8  ? 2.557  -0.036 -4.870 1.00 1.30 ? 8  ASN A HB3  9  
ATOM 1406 H HD21 . ASN A 1 8  ? 1.099  1.334  -5.946 1.00 2.14 ? 8  ASN A HD21 9  
ATOM 1407 H HD22 . ASN A 1 8  ? 1.277  3.053  -5.887 1.00 2.56 ? 8  ASN A HD22 9  
ATOM 1408 N N    . PRO A 1 9  ? 2.275  1.259  -0.917 1.00 0.18 ? 9  PRO A N    9  
ATOM 1409 C CA   . PRO A 1 9  ? 2.133  2.185  0.213  1.00 0.28 ? 9  PRO A CA   9  
ATOM 1410 C C    . PRO A 1 9  ? 1.984  3.644  -0.215 1.00 0.34 ? 9  PRO A C    9  
ATOM 1411 O O    . PRO A 1 9  ? 2.070  3.970  -1.400 1.00 0.82 ? 9  PRO A O    9  
ATOM 1412 C CB   . PRO A 1 9  ? 3.415  1.971  1.021  1.00 0.37 ? 9  PRO A CB   9  
ATOM 1413 C CG   . PRO A 1 9  ? 4.375  1.352  0.068  1.00 0.39 ? 9  PRO A CG   9  
ATOM 1414 C CD   . PRO A 1 9  ? 3.539  0.500  -0.837 1.00 0.32 ? 9  PRO A CD   9  
ATOM 1415 H HA   . PRO A 1 9  ? 1.284  1.919  0.823  1.00 0.36 ? 9  PRO A HA   9  
ATOM 1416 H HB2  . PRO A 1 9  ? 3.774  2.919  1.391  1.00 0.44 ? 9  PRO A HB2  9  
ATOM 1417 H HB3  . PRO A 1 9  ? 3.202  1.307  1.847  1.00 0.45 ? 9  PRO A HB3  9  
ATOM 1418 H HG2  . PRO A 1 9  ? 4.883  2.120  -0.497 1.00 0.42 ? 9  PRO A HG2  9  
ATOM 1419 H HG3  . PRO A 1 9  ? 5.088  0.741  0.607  1.00 0.51 ? 9  PRO A HG3  9  
ATOM 1420 H HD2  . PRO A 1 9  ? 4.004  0.408  -1.805 1.00 0.40 ? 9  PRO A HD2  9  
ATOM 1421 H HD3  . PRO A 1 9  ? 3.377  -0.473 -0.395 1.00 0.43 ? 9  PRO A HD3  9  
ATOM 1422 N N    . SER A 1 10 ? 1.759  4.510  0.774  1.00 0.94 ? 10 SER A N    9  
ATOM 1423 C CA   . SER A 1 10 ? 1.404  5.913  0.549  1.00 1.08 ? 10 SER A CA   9  
ATOM 1424 C C    . SER A 1 10 ? -0.028 6.004  0.021  1.00 0.74 ? 10 SER A C    9  
ATOM 1425 O O    . SER A 1 10 ? -0.469 7.051  -0.447 1.00 0.85 ? 10 SER A O    9  
ATOM 1426 C CB   . SER A 1 10 ? 2.390  6.606  -0.408 1.00 1.63 ? 10 SER A CB   9  
ATOM 1427 O OG   . SER A 1 10 ? 2.107  7.992  -0.527 1.00 2.03 ? 10 SER A OG   9  
ATOM 1428 H H    . SER A 1 10 ? 1.837  4.193  1.699  1.00 1.50 ? 10 SER A H    9  
ATOM 1429 H HA   . SER A 1 10 ? 1.442  6.410  1.507  1.00 1.30 ? 10 SER A HA   9  
ATOM 1430 H HB2  . SER A 1 10 ? 3.394  6.492  -0.030 1.00 2.14 ? 10 SER A HB2  9  
ATOM 1431 H HB3  . SER A 1 10 ? 2.318  6.151  -1.383 1.00 2.04 ? 10 SER A HB3  9  
ATOM 1432 H HG   . SER A 1 10 ? 1.148  8.115  -0.573 1.00 2.21 ? 10 SER A HG   9  
ATOM 1433 N N    . SER A 1 11 ? -0.742 4.890  0.110  1.00 0.69 ? 11 SER A N    9  
ATOM 1434 C CA   . SER A 1 11 ? -2.135 4.825  -0.293 1.00 1.03 ? 11 SER A CA   9  
ATOM 1435 C C    . SER A 1 11 ? -2.914 3.961  0.695  1.00 1.58 ? 11 SER A C    9  
ATOM 1436 O O    . SER A 1 11 ? -2.807 2.731  0.677  1.00 2.41 ? 11 SER A O    9  
ATOM 1437 C CB   . SER A 1 11 ? -2.259 4.251  -1.706 1.00 2.20 ? 11 SER A CB   9  
ATOM 1438 O OG   . SER A 1 11 ? -1.519 5.021  -2.639 1.00 2.99 ? 11 SER A OG   9  
ATOM 1439 H H    . SER A 1 11 ? -0.316 4.079  0.461  1.00 0.72 ? 11 SER A H    9  
ATOM 1440 H HA   . SER A 1 11 ? -2.538 5.827  -0.277 1.00 1.44 ? 11 SER A HA   9  
ATOM 1441 H HB2  . SER A 1 11 ? -1.881 3.239  -1.717 1.00 2.74 ? 11 SER A HB2  9  
ATOM 1442 H HB3  . SER A 1 11 ? -3.296 4.250  -2.004 1.00 2.57 ? 11 SER A HB3  9  
ATOM 1443 H HG   . SER A 1 11 ? -1.593 5.958  -2.406 1.00 3.04 ? 11 SER A HG   9  
ATOM 1444 N N    . ASN A 1 12 ? -3.667 4.604  1.573  1.00 2.18 ? 12 ASN A N    9  
ATOM 1445 C CA   . ASN A 1 12 ? -4.444 3.893  2.577  1.00 3.40 ? 12 ASN A CA   9  
ATOM 1446 C C    . ASN A 1 12 ? -5.928 4.091  2.328  1.00 4.15 ? 12 ASN A C    9  
ATOM 1447 O O    . ASN A 1 12 ? -6.474 5.125  2.765  1.00 4.53 ? 12 ASN A O    9  
ATOM 1448 C CB   . ASN A 1 12 ? -4.076 4.364  3.986  1.00 4.29 ? 12 ASN A CB   9  
ATOM 1449 C CG   . ASN A 1 12 ? -2.647 4.028  4.370  1.00 4.67 ? 12 ASN A CG   9  
ATOM 1450 O OD1  . ASN A 1 12 ? -2.008 4.760  5.127  1.00 4.87 ? 12 ASN A OD1  9  
ATOM 1451 N ND2  . ASN A 1 12 ? -2.134 2.920  3.857  1.00 5.23 ? 12 ASN A ND2  9  
ATOM 1452 O OXT  . ASN A 1 12 ? -6.545 3.216  1.686  1.00 4.76 ? 12 ASN A OXT  9  
ATOM 1453 H H    . ASN A 1 12 ? -3.706 5.588  1.548  1.00 2.25 ? 12 ASN A H    9  
ATOM 1454 H HA   . ASN A 1 12 ? -4.215 2.841  2.485  1.00 3.54 ? 12 ASN A HA   9  
ATOM 1455 H HB2  . ASN A 1 12 ? -4.197 5.436  4.042  1.00 4.67 ? 12 ASN A HB2  9  
ATOM 1456 H HB3  . ASN A 1 12 ? -4.739 3.895  4.699  1.00 4.72 ? 12 ASN A HB3  9  
ATOM 1457 H HD21 . ASN A 1 12 ? -2.696 2.382  3.260  1.00 5.35 ? 12 ASN A HD21 9  
ATOM 1458 H HD22 . ASN A 1 12 ? -1.214 2.684  4.096  1.00 5.71 ? 12 ASN A HD22 9  
ATOM 1459 N N    . HIS A 1 1  ? 4.177  -4.578 -1.432 1.00 2.27 ? 1  HIS A N    10 
ATOM 1460 C CA   . HIS A 1 1  ? 5.069  -5.240 -0.450 1.00 2.26 ? 1  HIS A CA   10 
ATOM 1461 C C    . HIS A 1 1  ? 5.252  -4.376 0.796  1.00 1.76 ? 1  HIS A C    10 
ATOM 1462 O O    . HIS A 1 1  ? 6.336  -4.331 1.376  1.00 2.08 ? 1  HIS A O    10 
ATOM 1463 C CB   . HIS A 1 1  ? 6.434  -5.536 -1.083 1.00 2.81 ? 1  HIS A CB   10 
ATOM 1464 C CG   . HIS A 1 1  ? 6.402  -6.622 -2.117 1.00 3.60 ? 1  HIS A CG   10 
ATOM 1465 N ND1  . HIS A 1 1  ? 6.313  -6.375 -3.471 1.00 4.28 ? 1  HIS A ND1  10 
ATOM 1466 C CD2  . HIS A 1 1  ? 6.457  -7.969 -1.988 1.00 4.28 ? 1  HIS A CD2  10 
ATOM 1467 C CE1  . HIS A 1 1  ? 6.312  -7.521 -4.124 1.00 5.11 ? 1  HIS A CE1  10 
ATOM 1468 N NE2  . HIS A 1 1  ? 6.400  -8.503 -3.249 1.00 5.12 ? 1  HIS A NE2  10 
ATOM 1469 H H1   . HIS A 1 1  ? 4.097  -5.153 -2.291 1.00 2.72 ? 1  HIS A H1   10 
ATOM 1470 H H2   . HIS A 1 1  ? 4.556  -3.645 -1.689 1.00 2.51 ? 1  HIS A H2   10 
ATOM 1471 H H3   . HIS A 1 1  ? 3.229  -4.455 -1.026 1.00 2.10 ? 1  HIS A H3   10 
ATOM 1472 H HA   . HIS A 1 1  ? 4.609  -6.173 -0.158 1.00 2.60 ? 1  HIS A HA   10 
ATOM 1473 H HB2  . HIS A 1 1  ? 6.803  -4.639 -1.559 1.00 3.14 ? 1  HIS A HB2  10 
ATOM 1474 H HB3  . HIS A 1 1  ? 7.123  -5.835 -0.308 1.00 2.88 ? 1  HIS A HB3  10 
ATOM 1475 H HD1  . HIS A 1 1  ? 6.264  -5.488 -3.895 1.00 4.42 ? 1  HIS A HD1  10 
ATOM 1476 H HD2  . HIS A 1 1  ? 6.535  -8.519 -1.062 1.00 4.46 ? 1  HIS A HD2  10 
ATOM 1477 H HE1  . HIS A 1 1  ? 6.252  -7.637 -5.195 1.00 5.89 ? 1  HIS A HE1  10 
ATOM 1478 H HE2  . HIS A 1 1  ? 6.617  -9.434 -3.476 1.00 5.79 ? 1  HIS A HE2  10 
ATOM 1479 N N    . GLU A 1 2  ? 4.191  -3.682 1.200  1.00 1.24 ? 2  GLU A N    10 
ATOM 1480 C CA   . GLU A 1 2  ? 4.236  -2.841 2.385  1.00 0.93 ? 2  GLU A CA   10 
ATOM 1481 C C    . GLU A 1 2  ? 2.862  -2.804 3.057  1.00 1.04 ? 2  GLU A C    10 
ATOM 1482 O O    . GLU A 1 2  ? 2.501  -1.839 3.733  1.00 2.06 ? 2  GLU A O    10 
ATOM 1483 C CB   . GLU A 1 2  ? 4.681  -1.428 2.000  1.00 0.96 ? 2  GLU A CB   10 
ATOM 1484 C CG   . GLU A 1 2  ? 5.110  -0.566 3.182  1.00 1.86 ? 2  GLU A CG   10 
ATOM 1485 C CD   . GLU A 1 2  ? 6.068  -1.283 4.111  1.00 2.49 ? 2  GLU A CD   10 
ATOM 1486 O OE1  . GLU A 1 2  ? 7.266  -1.381 3.773  1.00 2.96 ? 2  GLU A OE1  10 
ATOM 1487 O OE2  . GLU A 1 2  ? 5.634  -1.741 5.189  1.00 2.85 ? 2  GLU A OE2  10 
ATOM 1488 H H    . GLU A 1 2  ? 3.361  -3.735 0.688  1.00 1.39 ? 2  GLU A H    10 
ATOM 1489 H HA   . GLU A 1 2  ? 4.953  -3.265 3.071  1.00 1.15 ? 2  GLU A HA   10 
ATOM 1490 H HB2  . GLU A 1 2  ? 5.506  -1.501 1.312  1.00 1.29 ? 2  GLU A HB2  10 
ATOM 1491 H HB3  . GLU A 1 2  ? 3.861  -0.934 1.500  1.00 0.85 ? 2  GLU A HB3  10 
ATOM 1492 H HG2  . GLU A 1 2  ? 5.593  0.322  2.807  1.00 2.20 ? 2  GLU A HG2  10 
ATOM 1493 H HG3  . GLU A 1 2  ? 4.230  -0.287 3.742  1.00 2.30 ? 2  GLU A HG3  10 
ATOM 1494 N N    . VAL A 1 3  ? 2.119  -3.894 2.839  1.00 0.41 ? 3  VAL A N    10 
ATOM 1495 C CA   . VAL A 1 3  ? 0.726  -4.049 3.280  1.00 0.51 ? 3  VAL A CA   10 
ATOM 1496 C C    . VAL A 1 3  ? -0.068 -2.730 3.194  1.00 0.36 ? 3  VAL A C    10 
ATOM 1497 O O    . VAL A 1 3  ? -0.517 -2.178 4.196  1.00 0.47 ? 3  VAL A O    10 
ATOM 1498 C CB   . VAL A 1 3  ? 0.638  -4.700 4.692  1.00 0.84 ? 3  VAL A CB   10 
ATOM 1499 C CG1  . VAL A 1 3  ? 1.301  -3.850 5.767  1.00 1.85 ? 3  VAL A CG1  10 
ATOM 1500 C CG2  . VAL A 1 3  ? -0.804 -5.013 5.057  1.00 1.56 ? 3  VAL A CG2  10 
ATOM 1501 H H    . VAL A 1 3  ? 2.535  -4.647 2.369  1.00 0.95 ? 3  VAL A H    10 
ATOM 1502 H HA   . VAL A 1 3  ? 0.268  -4.741 2.585  1.00 0.70 ? 3  VAL A HA   10 
ATOM 1503 H HB   . VAL A 1 3  ? 1.172  -5.639 4.651  1.00 1.10 ? 3  VAL A HB   10 
ATOM 1504 H HG11 . VAL A 1 3  ? 0.807  -2.892 5.820  1.00 2.26 ? 3  VAL A HG11 10 
ATOM 1505 H HG12 . VAL A 1 3  ? 2.342  -3.704 5.516  1.00 2.51 ? 3  VAL A HG12 10 
ATOM 1506 H HG13 . VAL A 1 3  ? 1.225  -4.349 6.721  1.00 2.27 ? 3  VAL A HG13 10 
ATOM 1507 H HG21 . VAL A 1 3  ? -1.385 -4.103 5.046  1.00 1.99 ? 3  VAL A HG21 10 
ATOM 1508 H HG22 . VAL A 1 3  ? -0.840 -5.449 6.043  1.00 2.02 ? 3  VAL A HG22 10 
ATOM 1509 H HG23 . VAL A 1 3  ? -1.215 -5.710 4.340  1.00 2.17 ? 3  VAL A HG23 10 
ATOM 1510 N N    . PRO A 1 4  ? -0.253 -2.207 1.972  1.00 0.22 ? 4  PRO A N    10 
ATOM 1511 C CA   . PRO A 1 4  ? -0.966 -0.960 1.743  1.00 0.10 ? 4  PRO A CA   10 
ATOM 1512 C C    . PRO A 1 4  ? -2.448 -1.188 1.482  1.00 0.12 ? 4  PRO A C    10 
ATOM 1513 O O    . PRO A 1 4  ? -3.049 -2.111 2.041  1.00 0.23 ? 4  PRO A O    10 
ATOM 1514 C CB   . PRO A 1 4  ? -0.270 -0.429 0.494  1.00 0.29 ? 4  PRO A CB   10 
ATOM 1515 C CG   . PRO A 1 4  ? 0.147  -1.643 -0.274 1.00 0.42 ? 4  PRO A CG   10 
ATOM 1516 C CD   . PRO A 1 4  ? 0.213  -2.792 0.705  1.00 0.43 ? 4  PRO A CD   10 
ATOM 1517 H HA   . PRO A 1 4  ? -0.837 -0.265 2.555  1.00 0.19 ? 4  PRO A HA   10 
ATOM 1518 H HB2  . PRO A 1 4  ? -0.958 0.178  -0.076 1.00 0.36 ? 4  PRO A HB2  10 
ATOM 1519 H HB3  . PRO A 1 4  ? 0.586  0.165  0.780  1.00 0.36 ? 4  PRO A HB3  10 
ATOM 1520 H HG2  . PRO A 1 4  ? -0.580 -1.855 -1.043 1.00 0.48 ? 4  PRO A HG2  10 
ATOM 1521 H HG3  . PRO A 1 4  ? 1.118  -1.478 -0.718 1.00 0.55 ? 4  PRO A HG3  10 
ATOM 1522 H HD2  . PRO A 1 4  ? -0.438 -3.591 0.388  1.00 0.56 ? 4  PRO A HD2  10 
ATOM 1523 H HD3  . PRO A 1 4  ? 1.228  -3.148 0.797  1.00 0.56 ? 4  PRO A HD3  10 
ATOM 1524 N N    . SER A 1 5  ? -3.036 -0.360 0.630  1.00 0.13 ? 5  SER A N    10 
ATOM 1525 C CA   . SER A 1 5  ? -4.407 -0.560 0.202  1.00 0.18 ? 5  SER A CA   10 
ATOM 1526 C C    . SER A 1 5  ? -4.488 -1.798 -0.686 1.00 0.18 ? 5  SER A C    10 
ATOM 1527 O O    . SER A 1 5  ? -5.558 -2.365 -0.905 1.00 0.47 ? 5  SER A O    10 
ATOM 1528 C CB   . SER A 1 5  ? -4.879 0.682  -0.553 1.00 0.37 ? 5  SER A CB   10 
ATOM 1529 O OG   . SER A 1 5  ? -3.847 1.171  -1.399 1.00 1.59 ? 5  SER A OG   10 
ATOM 1530 H H    . SER A 1 5  ? -2.535 0.406  0.271  1.00 0.18 ? 5  SER A H    10 
ATOM 1531 H HA   . SER A 1 5  ? -5.020 -0.705 1.078  1.00 0.28 ? 5  SER A HA   10 
ATOM 1532 H HB2  . SER A 1 5  ? -5.738 0.431  -1.156 1.00 0.91 ? 5  SER A HB2  10 
ATOM 1533 H HB3  . SER A 1 5  ? -5.145 1.454  0.155  1.00 1.05 ? 5  SER A HB3  10 
ATOM 1534 H HG   . SER A 1 5  ? -4.213 1.833  -2.008 1.00 2.01 ? 5  SER A HG   10 
ATOM 1535 N N    . GLY A 1 6  ? -3.323 -2.209 -1.168 1.00 0.16 ? 6  GLY A N    10 
ATOM 1536 C CA   . GLY A 1 6  ? -3.214 -3.316 -2.093 1.00 0.19 ? 6  GLY A CA   10 
ATOM 1537 C C    . GLY A 1 6  ? -2.128 -3.042 -3.115 1.00 0.17 ? 6  GLY A C    10 
ATOM 1538 O O    . GLY A 1 6  ? -1.140 -3.772 -3.189 1.00 0.25 ? 6  GLY A O    10 
ATOM 1539 H H    . GLY A 1 6  ? -2.512 -1.738 -0.893 1.00 0.35 ? 6  GLY A H    10 
ATOM 1540 H HA2  . GLY A 1 6  ? -2.974 -4.216 -1.547 1.00 0.32 ? 6  GLY A HA2  10 
ATOM 1541 H HA3  . GLY A 1 6  ? -4.154 -3.445 -2.604 1.00 0.24 ? 6  GLY A HA3  10 
ATOM 1542 N N    . PRO A 1 7  ? -2.292 -1.976 -3.917 1.00 0.14 ? 7  PRO A N    10 
ATOM 1543 C CA   . PRO A 1 7  ? -1.287 -1.523 -4.889 1.00 0.21 ? 7  PRO A CA   10 
ATOM 1544 C C    . PRO A 1 7  ? 0.069  -1.187 -4.259 1.00 0.24 ? 7  PRO A C    10 
ATOM 1545 O O    . PRO A 1 7  ? 1.001  -1.989 -4.308 1.00 0.42 ? 7  PRO A O    10 
ATOM 1546 C CB   . PRO A 1 7  ? -1.912 -0.253 -5.487 1.00 0.26 ? 7  PRO A CB   10 
ATOM 1547 C CG   . PRO A 1 7  ? -2.972 0.144  -4.518 1.00 0.22 ? 7  PRO A CG   10 
ATOM 1548 C CD   . PRO A 1 7  ? -3.501 -1.140 -3.977 1.00 0.15 ? 7  PRO A CD   10 
ATOM 1549 H HA   . PRO A 1 7  ? -1.142 -2.252 -5.673 1.00 0.27 ? 7  PRO A HA   10 
ATOM 1550 H HB2  . PRO A 1 7  ? -1.156 0.513  -5.582 1.00 0.31 ? 7  PRO A HB2  10 
ATOM 1551 H HB3  . PRO A 1 7  ? -2.329 -0.475 -6.458 1.00 0.34 ? 7  PRO A HB3  10 
ATOM 1552 H HG2  . PRO A 1 7  ? -2.544 0.737  -3.716 1.00 0.20 ? 7  PRO A HG2  10 
ATOM 1553 H HG3  . PRO A 1 7  ? -3.752 0.693  -5.023 1.00 0.29 ? 7  PRO A HG3  10 
ATOM 1554 H HD2  . PRO A 1 7  ? -3.924 -0.995 -2.993 1.00 0.12 ? 7  PRO A HD2  10 
ATOM 1555 H HD3  . PRO A 1 7  ? -4.231 -1.565 -4.649 1.00 0.20 ? 7  PRO A HD3  10 
ATOM 1556 N N    . ASN A 1 8  ? 0.159  -0.012 -3.639 1.00 0.16 ? 8  ASN A N    10 
ATOM 1557 C CA   . ASN A 1 8  ? 1.431  0.520  -3.154 1.00 0.24 ? 8  ASN A CA   10 
ATOM 1558 C C    . ASN A 1 8  ? 1.210  1.325  -1.885 1.00 0.13 ? 8  ASN A C    10 
ATOM 1559 O O    . ASN A 1 8  ? 0.119  1.862  -1.673 1.00 0.24 ? 8  ASN A O    10 
ATOM 1560 C CB   . ASN A 1 8  ? 2.075  1.422  -4.213 1.00 0.52 ? 8  ASN A CB   10 
ATOM 1561 C CG   . ASN A 1 8  ? 2.729  0.652  -5.344 1.00 1.15 ? 8  ASN A CG   10 
ATOM 1562 O OD1  . ASN A 1 8  ? 3.278  -0.431 -5.144 1.00 2.04 ? 8  ASN A OD1  10 
ATOM 1563 N ND2  . ASN A 1 8  ? 2.671  1.209  -6.542 1.00 1.87 ? 8  ASN A ND2  10 
ATOM 1564 H H    . ASN A 1 8  ? -0.659 0.506  -3.480 1.00 0.17 ? 8  ASN A H    10 
ATOM 1565 H HA   . ASN A 1 8  ? 2.087  -0.310 -2.940 1.00 0.37 ? 8  ASN A HA   10 
ATOM 1566 H HB2  . ASN A 1 8  ? 1.318  2.061  -4.635 1.00 1.25 ? 8  ASN A HB2  10 
ATOM 1567 H HB3  . ASN A 1 8  ? 2.828  2.033  -3.740 1.00 1.30 ? 8  ASN A HB3  10 
ATOM 1568 H HD21 . ASN A 1 8  ? 2.213  2.073  -6.630 1.00 2.14 ? 8  ASN A HD21 10 
ATOM 1569 H HD22 . ASN A 1 8  ? 3.089  0.737  -7.292 1.00 2.56 ? 8  ASN A HD22 10 
ATOM 1570 N N    . PRO A 1 9  ? 2.236  1.401  -1.014 1.00 0.18 ? 9  PRO A N    10 
ATOM 1571 C CA   . PRO A 1 9  ? 2.170  2.150  0.254  1.00 0.28 ? 9  PRO A CA   10 
ATOM 1572 C C    . PRO A 1 9  ? 2.112  3.665  0.069  1.00 0.34 ? 9  PRO A C    10 
ATOM 1573 O O    . PRO A 1 9  ? 2.921  4.407  0.630  1.00 0.82 ? 9  PRO A O    10 
ATOM 1574 C CB   . PRO A 1 9  ? 3.463  1.751  0.964  1.00 0.37 ? 9  PRO A CB   10 
ATOM 1575 C CG   . PRO A 1 9  ? 4.394  1.373  -0.128 1.00 0.39 ? 9  PRO A CG   10 
ATOM 1576 C CD   . PRO A 1 9  ? 3.541  0.733  -1.181 1.00 0.32 ? 9  PRO A CD   10 
ATOM 1577 H HA   . PRO A 1 9  ? 1.328  1.839  0.846  1.00 0.36 ? 9  PRO A HA   10 
ATOM 1578 H HB2  . PRO A 1 9  ? 3.837  2.588  1.534  1.00 0.44 ? 9  PRO A HB2  10 
ATOM 1579 H HB3  . PRO A 1 9  ? 3.268  0.916  1.622  1.00 0.45 ? 9  PRO A HB3  10 
ATOM 1580 H HG2  . PRO A 1 9  ? 4.881  2.254  -0.522 1.00 0.42 ? 9  PRO A HG2  10 
ATOM 1581 H HG3  . PRO A 1 9  ? 5.126  0.667  0.240  1.00 0.51 ? 9  PRO A HG3  10 
ATOM 1582 H HD2  . PRO A 1 9  ? 3.948  0.917  -2.164 1.00 0.40 ? 9  PRO A HD2  10 
ATOM 1583 H HD3  . PRO A 1 9  ? 3.455  -0.328 -0.996 1.00 0.43 ? 9  PRO A HD3  10 
ATOM 1584 N N    . SER A 1 10 ? 1.150  4.118  -0.711 1.00 0.94 ? 10 SER A N    10 
ATOM 1585 C CA   . SER A 1 10 ? 0.912  5.535  -0.895 1.00 1.08 ? 10 SER A CA   10 
ATOM 1586 C C    . SER A 1 10 ? -0.433 5.922  -0.291 1.00 0.74 ? 10 SER A C    10 
ATOM 1587 O O    . SER A 1 10 ? -0.949 7.013  -0.544 1.00 0.85 ? 10 SER A O    10 
ATOM 1588 C CB   . SER A 1 10 ? 0.959  5.883  -2.384 1.00 1.63 ? 10 SER A CB   10 
ATOM 1589 O OG   . SER A 1 10 ? 0.149  4.997  -3.144 1.00 2.03 ? 10 SER A OG   10 
ATOM 1590 H H    . SER A 1 10 ? 0.583  3.473  -1.192 1.00 1.50 ? 10 SER A H    10 
ATOM 1591 H HA   . SER A 1 10 ? 1.694  6.074  -0.380 1.00 1.30 ? 10 SER A HA   10 
ATOM 1592 H HB2  . SER A 1 10 ? 0.600  6.893  -2.528 1.00 2.14 ? 10 SER A HB2  10 
ATOM 1593 H HB3  . SER A 1 10 ? 1.977  5.811  -2.737 1.00 2.04 ? 10 SER A HB3  10 
ATOM 1594 H HG   . SER A 1 10 ? 0.339  5.127  -4.083 1.00 2.21 ? 10 SER A HG   10 
ATOM 1595 N N    . SER A 1 11 ? -0.986 5.005  0.517  1.00 0.69 ? 11 SER A N    10 
ATOM 1596 C CA   . SER A 1 11 ? -2.292 5.179  1.168  1.00 1.03 ? 11 SER A CA   10 
ATOM 1597 C C    . SER A 1 11 ? -3.371 5.586  0.162  1.00 1.58 ? 11 SER A C    10 
ATOM 1598 O O    . SER A 1 11 ? -4.265 6.375  0.467  1.00 2.41 ? 11 SER A O    10 
ATOM 1599 C CB   . SER A 1 11 ? -2.205 6.187  2.330  1.00 2.20 ? 11 SER A CB   10 
ATOM 1600 O OG   . SER A 1 11 ? -1.653 7.429  1.923  1.00 2.99 ? 11 SER A OG   10 
ATOM 1601 H H    . SER A 1 11 ? -0.491 4.169  0.686  1.00 0.72 ? 11 SER A H    10 
ATOM 1602 H HA   . SER A 1 11 ? -2.569 4.217  1.576  1.00 1.44 ? 11 SER A HA   10 
ATOM 1603 H HB2  . SER A 1 11 ? -3.195 6.365  2.720  1.00 2.74 ? 11 SER A HB2  10 
ATOM 1604 H HB3  . SER A 1 11 ? -1.585 5.773  3.112  1.00 2.57 ? 11 SER A HB3  10 
ATOM 1605 H HG   . SER A 1 11 ? -1.502 7.410  0.967  1.00 3.04 ? 11 SER A HG   10 
ATOM 1606 N N    . ASN A 1 12 ? -3.281 5.026  -1.034 1.00 2.18 ? 12 ASN A N    10 
ATOM 1607 C CA   . ASN A 1 12 ? -4.208 5.343  -2.108 1.00 3.40 ? 12 ASN A CA   10 
ATOM 1608 C C    . ASN A 1 12 ? -4.840 4.068  -2.637 1.00 4.15 ? 12 ASN A C    10 
ATOM 1609 O O    . ASN A 1 12 ? -6.059 3.882  -2.450 1.00 4.53 ? 12 ASN A O    10 
ATOM 1610 C CB   . ASN A 1 12 ? -3.486 6.089  -3.234 1.00 4.29 ? 12 ASN A CB   10 
ATOM 1611 C CG   . ASN A 1 12 ? -4.382 6.369  -4.426 1.00 4.67 ? 12 ASN A CG   10 
ATOM 1612 O OD1  . ASN A 1 12 ? -4.458 5.574  -5.363 1.00 4.87 ? 12 ASN A OD1  10 
ATOM 1613 N ND2  . ASN A 1 12 ? -5.063 7.502  -4.404 1.00 5.23 ? 12 ASN A ND2  10 
ATOM 1614 O OXT  . ASN A 1 12 ? -4.103 3.233  -3.200 1.00 4.76 ? 12 ASN A OXT  10 
ATOM 1615 H H    . ASN A 1 12 ? -2.575 4.370  -1.199 1.00 2.25 ? 12 ASN A H    10 
ATOM 1616 H HA   . ASN A 1 12 ? -4.984 5.977  -1.702 1.00 3.54 ? 12 ASN A HA   10 
ATOM 1617 H HB2  . ASN A 1 12 ? -3.122 7.033  -2.855 1.00 4.67 ? 12 ASN A HB2  10 
ATOM 1618 H HB3  . ASN A 1 12 ? -2.649 5.496  -3.568 1.00 4.72 ? 12 ASN A HB3  10 
ATOM 1619 H HD21 . ASN A 1 12 ? -4.954 8.094  -3.627 1.00 5.35 ? 12 ASN A HD21 10 
ATOM 1620 H HD22 . ASN A 1 12 ? -5.645 7.710  -5.166 1.00 5.71 ? 12 ASN A HD22 10 
# 
